data_4INB
# 
_entry.id   4INB 
# 
_audit_conform.dict_name       mmcif_pdbx.dic 
_audit_conform.dict_version    5.387 
_audit_conform.dict_location   http://mmcif.pdb.org/dictionaries/ascii/mmcif_pdbx.dic 
# 
loop_
_database_2.database_id 
_database_2.database_code 
_database_2.pdbx_database_accession 
_database_2.pdbx_DOI 
PDB   4INB         pdb_00004inb 10.2210/pdb4inb/pdb 
RCSB  RCSB076967   ?            ?                   
WWPDB D_1000076967 ?            ?                   
# 
loop_
_pdbx_audit_revision_history.ordinal 
_pdbx_audit_revision_history.data_content_type 
_pdbx_audit_revision_history.major_revision 
_pdbx_audit_revision_history.minor_revision 
_pdbx_audit_revision_history.revision_date 
1 'Structure model' 1 0 2013-02-27 
2 'Structure model' 1 1 2013-03-13 
3 'Structure model' 1 2 2024-02-28 
# 
_pdbx_audit_revision_details.ordinal             1 
_pdbx_audit_revision_details.revision_ordinal    1 
_pdbx_audit_revision_details.data_content_type   'Structure model' 
_pdbx_audit_revision_details.provider            repository 
_pdbx_audit_revision_details.type                'Initial release' 
_pdbx_audit_revision_details.description         ? 
_pdbx_audit_revision_details.details             ? 
# 
loop_
_pdbx_audit_revision_group.ordinal 
_pdbx_audit_revision_group.revision_ordinal 
_pdbx_audit_revision_group.data_content_type 
_pdbx_audit_revision_group.group 
1 2 'Structure model' 'Database references'  
2 3 'Structure model' 'Data collection'      
3 3 'Structure model' 'Database references'  
4 3 'Structure model' 'Derived calculations' 
# 
loop_
_pdbx_audit_revision_category.ordinal 
_pdbx_audit_revision_category.revision_ordinal 
_pdbx_audit_revision_category.data_content_type 
_pdbx_audit_revision_category.category 
1 3 'Structure model' chem_comp_atom         
2 3 'Structure model' chem_comp_bond         
3 3 'Structure model' database_2             
4 3 'Structure model' pdbx_struct_conn_angle 
5 3 'Structure model' struct_conn            
6 3 'Structure model' struct_site            
# 
loop_
_pdbx_audit_revision_item.ordinal 
_pdbx_audit_revision_item.revision_ordinal 
_pdbx_audit_revision_item.data_content_type 
_pdbx_audit_revision_item.item 
1  3 'Structure model' '_database_2.pdbx_DOI'                        
2  3 'Structure model' '_database_2.pdbx_database_accession'         
3  3 'Structure model' '_pdbx_struct_conn_angle.ptnr1_auth_comp_id'  
4  3 'Structure model' '_pdbx_struct_conn_angle.ptnr1_auth_seq_id'   
5  3 'Structure model' '_pdbx_struct_conn_angle.ptnr1_label_asym_id' 
6  3 'Structure model' '_pdbx_struct_conn_angle.ptnr1_label_comp_id' 
7  3 'Structure model' '_pdbx_struct_conn_angle.ptnr1_label_seq_id'  
8  3 'Structure model' '_pdbx_struct_conn_angle.ptnr3_auth_comp_id'  
9  3 'Structure model' '_pdbx_struct_conn_angle.ptnr3_auth_seq_id'   
10 3 'Structure model' '_pdbx_struct_conn_angle.ptnr3_label_asym_id' 
11 3 'Structure model' '_pdbx_struct_conn_angle.ptnr3_label_comp_id' 
12 3 'Structure model' '_pdbx_struct_conn_angle.ptnr3_label_seq_id'  
13 3 'Structure model' '_pdbx_struct_conn_angle.value'               
14 3 'Structure model' '_struct_conn.pdbx_dist_value'                
15 3 'Structure model' '_struct_conn.ptnr1_auth_comp_id'             
16 3 'Structure model' '_struct_conn.ptnr1_auth_seq_id'              
17 3 'Structure model' '_struct_conn.ptnr1_label_asym_id'            
18 3 'Structure model' '_struct_conn.ptnr1_label_atom_id'            
19 3 'Structure model' '_struct_conn.ptnr1_label_comp_id'            
20 3 'Structure model' '_struct_conn.ptnr1_label_seq_id'             
21 3 'Structure model' '_struct_conn.ptnr2_auth_comp_id'             
22 3 'Structure model' '_struct_conn.ptnr2_auth_seq_id'              
23 3 'Structure model' '_struct_conn.ptnr2_label_asym_id'            
24 3 'Structure model' '_struct_conn.ptnr2_label_atom_id'            
25 3 'Structure model' '_struct_conn.ptnr2_label_comp_id'            
26 3 'Structure model' '_struct_site.pdbx_auth_asym_id'              
27 3 'Structure model' '_struct_site.pdbx_auth_comp_id'              
28 3 'Structure model' '_struct_site.pdbx_auth_seq_id'               
# 
_pdbx_database_status.status_code                     REL 
_pdbx_database_status.entry_id                        4INB 
_pdbx_database_status.recvd_initial_deposition_date   2013-01-04 
_pdbx_database_status.deposit_site                    RCSB 
_pdbx_database_status.process_site                    RCSB 
_pdbx_database_status.status_code_sf                  REL 
_pdbx_database_status.status_code_mr                  ? 
_pdbx_database_status.SG_entry                        ? 
_pdbx_database_status.status_code_cs                  ? 
_pdbx_database_status.methods_development_category    ? 
_pdbx_database_status.pdb_format_compatible           Y 
_pdbx_database_status.status_code_nmr_data            ? 
# 
loop_
_pdbx_database_related.db_name 
_pdbx_database_related.db_id 
_pdbx_database_related.details 
_pdbx_database_related.content_type 
PDB 4E91 'Crystal Structure of the N-Terminal Domain of HIV-1 Capsid in Complex With Inhibitor BD3' unspecified 
PDB 4E92 'Crystal Structure of the N-Terminal Domain of HIV-1 Capsid in Complex With Inhibitor BM4' unspecified 
# 
_audit_author.name           'Coulombe, R.' 
_audit_author.pdbx_ordinal   1 
# 
_citation.id                        primary 
_citation.title                     
;Monitoring Binding of HIV-1 Capsid Assembly Inhibitors Using (19) F Ligand-and (15) N Protein-Based NMR and X-ray Crystallography: Early Hit Validation of a Benzodiazepine Series.
;
_citation.journal_abbrev            Chemmedchem 
_citation.journal_volume            8 
_citation.page_first                405 
_citation.page_last                 414 
_citation.year                      2013 
_citation.journal_id_ASTM           ? 
_citation.country                   DE 
_citation.journal_id_ISSN           1860-7179 
_citation.journal_id_CSD            ? 
_citation.book_publisher            ? 
_citation.pdbx_database_id_PubMed   23401268 
_citation.pdbx_database_id_DOI      10.1002/cmdc.201200580 
# 
loop_
_citation_author.citation_id 
_citation_author.name 
_citation_author.ordinal 
_citation_author.identifier_ORCID 
primary 'Goudreau, N.'     1  ? 
primary 'Coulombe, R.'     2  ? 
primary 'Faucher, A.M.'    3  ? 
primary 'Grand-Maitre, C.' 4  ? 
primary 'Lacoste, J.E.'    5  ? 
primary 'Lemke, C.T.'      6  ? 
primary 'Malenfant, E.'    7  ? 
primary 'Bousquet, Y.'     8  ? 
primary 'Fader, L.'        9  ? 
primary 'Simoneau, B.'     10 ? 
primary 'Mercier, J.F.'    11 ? 
primary 'Titolo, S.'       12 ? 
primary 'Mason, S.W.'      13 ? 
# 
loop_
_entity.id 
_entity.type 
_entity.src_method 
_entity.pdbx_description 
_entity.formula_weight 
_entity.pdbx_number_of_molecules 
_entity.pdbx_ec 
_entity.pdbx_mutation 
_entity.pdbx_fragment 
_entity.details 
1 polymer     man 'Gag protein' 16204.573 1  ? ? 'UNP residues 133-278' ? 
2 non-polymer syn 
'(3Z)-3-{[(2-methoxyethyl)amino]methylidene}-1-methyl-5-phenyl-7-(trifluoromethyl)-1H-1,5-benzodiazepine-2,4(3H,5H)-dione' 419.397 
1  ? ? ?                      ? 
3 non-polymer syn 'SODIUM ION' 22.990    1  ? ? ?                      ? 
4 water       nat water 18.015    86 ? ? ?                      ? 
# 
_entity_poly.entity_id                      1 
_entity_poly.type                           'polypeptide(L)' 
_entity_poly.nstd_linkage                   no 
_entity_poly.nstd_monomer                   no 
_entity_poly.pdbx_seq_one_letter_code       
;PIVQNLQGQMVHQAISPRTLNAWVKVVEEKAFSPEVIPMFSALSEGATPQDLNTMLNTVGGHQAAMQMLKETINEEAAEW
DRLHPVHAGPIAPGQMREPRGSDIAGTTSTLQEQIGWMTHNPPIPVGEIYKRWIILGLNKIVRMYS
;
_entity_poly.pdbx_seq_one_letter_code_can   
;PIVQNLQGQMVHQAISPRTLNAWVKVVEEKAFSPEVIPMFSALSEGATPQDLNTMLNTVGGHQAAMQMLKETINEEAAEW
DRLHPVHAGPIAPGQMREPRGSDIAGTTSTLQEQIGWMTHNPPIPVGEIYKRWIILGLNKIVRMYS
;
_entity_poly.pdbx_strand_id                 A 
_entity_poly.pdbx_target_identifier         ? 
# 
loop_
_pdbx_entity_nonpoly.entity_id 
_pdbx_entity_nonpoly.name 
_pdbx_entity_nonpoly.comp_id 
2 '(3Z)-3-{[(2-methoxyethyl)amino]methylidene}-1-methyl-5-phenyl-7-(trifluoromethyl)-1H-1,5-benzodiazepine-2,4(3H,5H)-dione' 1F6 
3 'SODIUM ION'                                                                                                               NA  
4 water                                                                                                                      HOH 
# 
loop_
_entity_poly_seq.entity_id 
_entity_poly_seq.num 
_entity_poly_seq.mon_id 
_entity_poly_seq.hetero 
1 1   PRO n 
1 2   ILE n 
1 3   VAL n 
1 4   GLN n 
1 5   ASN n 
1 6   LEU n 
1 7   GLN n 
1 8   GLY n 
1 9   GLN n 
1 10  MET n 
1 11  VAL n 
1 12  HIS n 
1 13  GLN n 
1 14  ALA n 
1 15  ILE n 
1 16  SER n 
1 17  PRO n 
1 18  ARG n 
1 19  THR n 
1 20  LEU n 
1 21  ASN n 
1 22  ALA n 
1 23  TRP n 
1 24  VAL n 
1 25  LYS n 
1 26  VAL n 
1 27  VAL n 
1 28  GLU n 
1 29  GLU n 
1 30  LYS n 
1 31  ALA n 
1 32  PHE n 
1 33  SER n 
1 34  PRO n 
1 35  GLU n 
1 36  VAL n 
1 37  ILE n 
1 38  PRO n 
1 39  MET n 
1 40  PHE n 
1 41  SER n 
1 42  ALA n 
1 43  LEU n 
1 44  SER n 
1 45  GLU n 
1 46  GLY n 
1 47  ALA n 
1 48  THR n 
1 49  PRO n 
1 50  GLN n 
1 51  ASP n 
1 52  LEU n 
1 53  ASN n 
1 54  THR n 
1 55  MET n 
1 56  LEU n 
1 57  ASN n 
1 58  THR n 
1 59  VAL n 
1 60  GLY n 
1 61  GLY n 
1 62  HIS n 
1 63  GLN n 
1 64  ALA n 
1 65  ALA n 
1 66  MET n 
1 67  GLN n 
1 68  MET n 
1 69  LEU n 
1 70  LYS n 
1 71  GLU n 
1 72  THR n 
1 73  ILE n 
1 74  ASN n 
1 75  GLU n 
1 76  GLU n 
1 77  ALA n 
1 78  ALA n 
1 79  GLU n 
1 80  TRP n 
1 81  ASP n 
1 82  ARG n 
1 83  LEU n 
1 84  HIS n 
1 85  PRO n 
1 86  VAL n 
1 87  HIS n 
1 88  ALA n 
1 89  GLY n 
1 90  PRO n 
1 91  ILE n 
1 92  ALA n 
1 93  PRO n 
1 94  GLY n 
1 95  GLN n 
1 96  MET n 
1 97  ARG n 
1 98  GLU n 
1 99  PRO n 
1 100 ARG n 
1 101 GLY n 
1 102 SER n 
1 103 ASP n 
1 104 ILE n 
1 105 ALA n 
1 106 GLY n 
1 107 THR n 
1 108 THR n 
1 109 SER n 
1 110 THR n 
1 111 LEU n 
1 112 GLN n 
1 113 GLU n 
1 114 GLN n 
1 115 ILE n 
1 116 GLY n 
1 117 TRP n 
1 118 MET n 
1 119 THR n 
1 120 HIS n 
1 121 ASN n 
1 122 PRO n 
1 123 PRO n 
1 124 ILE n 
1 125 PRO n 
1 126 VAL n 
1 127 GLY n 
1 128 GLU n 
1 129 ILE n 
1 130 TYR n 
1 131 LYS n 
1 132 ARG n 
1 133 TRP n 
1 134 ILE n 
1 135 ILE n 
1 136 LEU n 
1 137 GLY n 
1 138 LEU n 
1 139 ASN n 
1 140 LYS n 
1 141 ILE n 
1 142 VAL n 
1 143 ARG n 
1 144 MET n 
1 145 TYR n 
1 146 SER n 
# 
_entity_src_gen.entity_id                          1 
_entity_src_gen.pdbx_src_id                        1 
_entity_src_gen.pdbx_alt_source_flag               sample 
_entity_src_gen.pdbx_seq_type                      ? 
_entity_src_gen.pdbx_beg_seq_num                   ? 
_entity_src_gen.pdbx_end_seq_num                   ? 
_entity_src_gen.gene_src_common_name               ? 
_entity_src_gen.gene_src_genus                     ? 
_entity_src_gen.pdbx_gene_src_gene                 gag 
_entity_src_gen.gene_src_species                   ? 
_entity_src_gen.gene_src_strain                    ? 
_entity_src_gen.gene_src_tissue                    ? 
_entity_src_gen.gene_src_tissue_fraction           ? 
_entity_src_gen.gene_src_details                   ? 
_entity_src_gen.pdbx_gene_src_fragment             ? 
_entity_src_gen.pdbx_gene_src_scientific_name      'Human immunodeficiency virus 1' 
_entity_src_gen.pdbx_gene_src_ncbi_taxonomy_id     11676 
_entity_src_gen.pdbx_gene_src_variant              ? 
_entity_src_gen.pdbx_gene_src_cell_line            ? 
_entity_src_gen.pdbx_gene_src_atcc                 ? 
_entity_src_gen.pdbx_gene_src_organ                ? 
_entity_src_gen.pdbx_gene_src_organelle            ? 
_entity_src_gen.pdbx_gene_src_cell                 ? 
_entity_src_gen.pdbx_gene_src_cellular_location    ? 
_entity_src_gen.host_org_common_name               ? 
_entity_src_gen.pdbx_host_org_scientific_name      'Escherichia coli' 
_entity_src_gen.pdbx_host_org_ncbi_taxonomy_id     562 
_entity_src_gen.host_org_genus                     ? 
_entity_src_gen.pdbx_host_org_gene                 ? 
_entity_src_gen.pdbx_host_org_organ                ? 
_entity_src_gen.host_org_species                   ? 
_entity_src_gen.pdbx_host_org_tissue               ? 
_entity_src_gen.pdbx_host_org_tissue_fraction      ? 
_entity_src_gen.pdbx_host_org_strain               ? 
_entity_src_gen.pdbx_host_org_variant              ? 
_entity_src_gen.pdbx_host_org_cell_line            ? 
_entity_src_gen.pdbx_host_org_atcc                 ? 
_entity_src_gen.pdbx_host_org_culture_collection   ? 
_entity_src_gen.pdbx_host_org_cell                 ? 
_entity_src_gen.pdbx_host_org_organelle            ? 
_entity_src_gen.pdbx_host_org_cellular_location    ? 
_entity_src_gen.pdbx_host_org_vector_type          ? 
_entity_src_gen.pdbx_host_org_vector               ? 
_entity_src_gen.host_org_details                   ? 
_entity_src_gen.expression_system_id               ? 
_entity_src_gen.plasmid_name                       ? 
_entity_src_gen.plasmid_details                    ? 
_entity_src_gen.pdbx_description                   ? 
# 
loop_
_chem_comp.id 
_chem_comp.type 
_chem_comp.mon_nstd_flag 
_chem_comp.name 
_chem_comp.pdbx_synonyms 
_chem_comp.formula 
_chem_comp.formula_weight 
1F6 non-polymer         . 
'(3Z)-3-{[(2-methoxyethyl)amino]methylidene}-1-methyl-5-phenyl-7-(trifluoromethyl)-1H-1,5-benzodiazepine-2,4(3H,5H)-dione' ? 
'C21 H20 F3 N3 O3' 419.397 
ALA 'L-peptide linking' y ALANINE ? 'C3 H7 N O2'       89.093  
ARG 'L-peptide linking' y ARGININE ? 'C6 H15 N4 O2 1'   175.209 
ASN 'L-peptide linking' y ASPARAGINE ? 'C4 H8 N2 O3'      132.118 
ASP 'L-peptide linking' y 'ASPARTIC ACID' ? 'C4 H7 N O4'       133.103 
GLN 'L-peptide linking' y GLUTAMINE ? 'C5 H10 N2 O3'     146.144 
GLU 'L-peptide linking' y 'GLUTAMIC ACID' ? 'C5 H9 N O4'       147.129 
GLY 'peptide linking'   y GLYCINE ? 'C2 H5 N O2'       75.067  
HIS 'L-peptide linking' y HISTIDINE ? 'C6 H10 N3 O2 1'   156.162 
HOH non-polymer         . WATER ? 'H2 O'             18.015  
ILE 'L-peptide linking' y ISOLEUCINE ? 'C6 H13 N O2'      131.173 
LEU 'L-peptide linking' y LEUCINE ? 'C6 H13 N O2'      131.173 
LYS 'L-peptide linking' y LYSINE ? 'C6 H15 N2 O2 1'   147.195 
MET 'L-peptide linking' y METHIONINE ? 'C5 H11 N O2 S'    149.211 
NA  non-polymer         . 'SODIUM ION' ? 'Na 1'             22.990  
PHE 'L-peptide linking' y PHENYLALANINE ? 'C9 H11 N O2'      165.189 
PRO 'L-peptide linking' y PROLINE ? 'C5 H9 N O2'       115.130 
SER 'L-peptide linking' y SERINE ? 'C3 H7 N O3'       105.093 
THR 'L-peptide linking' y THREONINE ? 'C4 H9 N O3'       119.119 
TRP 'L-peptide linking' y TRYPTOPHAN ? 'C11 H12 N2 O2'    204.225 
TYR 'L-peptide linking' y TYROSINE ? 'C9 H11 N O3'      181.189 
VAL 'L-peptide linking' y VALINE ? 'C5 H11 N O2'      117.146 
# 
loop_
_pdbx_poly_seq_scheme.asym_id 
_pdbx_poly_seq_scheme.entity_id 
_pdbx_poly_seq_scheme.seq_id 
_pdbx_poly_seq_scheme.mon_id 
_pdbx_poly_seq_scheme.ndb_seq_num 
_pdbx_poly_seq_scheme.pdb_seq_num 
_pdbx_poly_seq_scheme.auth_seq_num 
_pdbx_poly_seq_scheme.pdb_mon_id 
_pdbx_poly_seq_scheme.auth_mon_id 
_pdbx_poly_seq_scheme.pdb_strand_id 
_pdbx_poly_seq_scheme.pdb_ins_code 
_pdbx_poly_seq_scheme.hetero 
A 1 1   PRO 1   1   1   PRO PRO A . n 
A 1 2   ILE 2   2   2   ILE ILE A . n 
A 1 3   VAL 3   3   3   VAL VAL A . n 
A 1 4   GLN 4   4   4   GLN GLN A . n 
A 1 5   ASN 5   5   5   ASN ASN A . n 
A 1 6   LEU 6   6   6   LEU LEU A . n 
A 1 7   GLN 7   7   7   GLN GLN A . n 
A 1 8   GLY 8   8   8   GLY GLY A . n 
A 1 9   GLN 9   9   9   GLN GLN A . n 
A 1 10  MET 10  10  10  MET MET A . n 
A 1 11  VAL 11  11  11  VAL VAL A . n 
A 1 12  HIS 12  12  12  HIS HIS A . n 
A 1 13  GLN 13  13  13  GLN GLN A . n 
A 1 14  ALA 14  14  14  ALA ALA A . n 
A 1 15  ILE 15  15  15  ILE ILE A . n 
A 1 16  SER 16  16  16  SER SER A . n 
A 1 17  PRO 17  17  17  PRO PRO A . n 
A 1 18  ARG 18  18  18  ARG ARG A . n 
A 1 19  THR 19  19  19  THR THR A . n 
A 1 20  LEU 20  20  20  LEU LEU A . n 
A 1 21  ASN 21  21  21  ASN ASN A . n 
A 1 22  ALA 22  22  22  ALA ALA A . n 
A 1 23  TRP 23  23  23  TRP TRP A . n 
A 1 24  VAL 24  24  24  VAL VAL A . n 
A 1 25  LYS 25  25  25  LYS LYS A . n 
A 1 26  VAL 26  26  26  VAL VAL A . n 
A 1 27  VAL 27  27  27  VAL VAL A . n 
A 1 28  GLU 28  28  28  GLU GLU A . n 
A 1 29  GLU 29  29  29  GLU GLU A . n 
A 1 30  LYS 30  30  30  LYS LYS A . n 
A 1 31  ALA 31  31  31  ALA ALA A . n 
A 1 32  PHE 32  32  32  PHE PHE A . n 
A 1 33  SER 33  33  33  SER SER A . n 
A 1 34  PRO 34  34  34  PRO PRO A . n 
A 1 35  GLU 35  35  35  GLU GLU A . n 
A 1 36  VAL 36  36  36  VAL VAL A . n 
A 1 37  ILE 37  37  37  ILE ILE A . n 
A 1 38  PRO 38  38  38  PRO PRO A . n 
A 1 39  MET 39  39  39  MET MET A . n 
A 1 40  PHE 40  40  40  PHE PHE A . n 
A 1 41  SER 41  41  41  SER SER A . n 
A 1 42  ALA 42  42  42  ALA ALA A . n 
A 1 43  LEU 43  43  43  LEU LEU A . n 
A 1 44  SER 44  44  44  SER SER A . n 
A 1 45  GLU 45  45  45  GLU GLU A . n 
A 1 46  GLY 46  46  46  GLY GLY A . n 
A 1 47  ALA 47  47  47  ALA ALA A . n 
A 1 48  THR 48  48  48  THR THR A . n 
A 1 49  PRO 49  49  49  PRO PRO A . n 
A 1 50  GLN 50  50  50  GLN GLN A . n 
A 1 51  ASP 51  51  51  ASP ASP A . n 
A 1 52  LEU 52  52  52  LEU LEU A . n 
A 1 53  ASN 53  53  53  ASN ASN A . n 
A 1 54  THR 54  54  54  THR THR A . n 
A 1 55  MET 55  55  55  MET MET A . n 
A 1 56  LEU 56  56  56  LEU LEU A . n 
A 1 57  ASN 57  57  57  ASN ASN A . n 
A 1 58  THR 58  58  58  THR THR A . n 
A 1 59  VAL 59  59  59  VAL VAL A . n 
A 1 60  GLY 60  60  60  GLY GLY A . n 
A 1 61  GLY 61  61  61  GLY GLY A . n 
A 1 62  HIS 62  62  62  HIS HIS A . n 
A 1 63  GLN 63  63  63  GLN GLN A . n 
A 1 64  ALA 64  64  64  ALA ALA A . n 
A 1 65  ALA 65  65  65  ALA ALA A . n 
A 1 66  MET 66  66  66  MET MET A . n 
A 1 67  GLN 67  67  67  GLN GLN A . n 
A 1 68  MET 68  68  68  MET MET A . n 
A 1 69  LEU 69  69  69  LEU LEU A . n 
A 1 70  LYS 70  70  70  LYS LYS A . n 
A 1 71  GLU 71  71  71  GLU GLU A . n 
A 1 72  THR 72  72  72  THR THR A . n 
A 1 73  ILE 73  73  73  ILE ILE A . n 
A 1 74  ASN 74  74  74  ASN ASN A . n 
A 1 75  GLU 75  75  75  GLU GLU A . n 
A 1 76  GLU 76  76  76  GLU GLU A . n 
A 1 77  ALA 77  77  77  ALA ALA A . n 
A 1 78  ALA 78  78  78  ALA ALA A . n 
A 1 79  GLU 79  79  79  GLU GLU A . n 
A 1 80  TRP 80  80  80  TRP TRP A . n 
A 1 81  ASP 81  81  81  ASP ASP A . n 
A 1 82  ARG 82  82  82  ARG ARG A . n 
A 1 83  LEU 83  83  83  LEU LEU A . n 
A 1 84  HIS 84  84  84  HIS HIS A . n 
A 1 85  PRO 85  85  85  PRO PRO A . n 
A 1 86  VAL 86  86  86  VAL VAL A . n 
A 1 87  HIS 87  87  87  HIS HIS A . n 
A 1 88  ALA 88  88  88  ALA ALA A . n 
A 1 89  GLY 89  89  89  GLY GLY A . n 
A 1 90  PRO 90  90  90  PRO PRO A . n 
A 1 91  ILE 91  91  91  ILE ILE A . n 
A 1 92  ALA 92  92  92  ALA ALA A . n 
A 1 93  PRO 93  93  93  PRO PRO A . n 
A 1 94  GLY 94  94  94  GLY GLY A . n 
A 1 95  GLN 95  95  95  GLN GLN A . n 
A 1 96  MET 96  96  96  MET MET A . n 
A 1 97  ARG 97  97  97  ARG ARG A . n 
A 1 98  GLU 98  98  98  GLU GLU A . n 
A 1 99  PRO 99  99  99  PRO PRO A . n 
A 1 100 ARG 100 100 100 ARG ARG A . n 
A 1 101 GLY 101 101 101 GLY GLY A . n 
A 1 102 SER 102 102 102 SER SER A . n 
A 1 103 ASP 103 103 103 ASP ASP A . n 
A 1 104 ILE 104 104 104 ILE ILE A . n 
A 1 105 ALA 105 105 105 ALA ALA A . n 
A 1 106 GLY 106 106 106 GLY GLY A . n 
A 1 107 THR 107 107 107 THR THR A . n 
A 1 108 THR 108 108 108 THR THR A . n 
A 1 109 SER 109 109 109 SER SER A . n 
A 1 110 THR 110 110 110 THR THR A . n 
A 1 111 LEU 111 111 111 LEU LEU A . n 
A 1 112 GLN 112 112 112 GLN GLN A . n 
A 1 113 GLU 113 113 113 GLU GLU A . n 
A 1 114 GLN 114 114 114 GLN GLN A . n 
A 1 115 ILE 115 115 115 ILE ILE A . n 
A 1 116 GLY 116 116 116 GLY GLY A . n 
A 1 117 TRP 117 117 117 TRP TRP A . n 
A 1 118 MET 118 118 118 MET MET A . n 
A 1 119 THR 119 119 119 THR THR A . n 
A 1 120 HIS 120 120 120 HIS HIS A . n 
A 1 121 ASN 121 121 121 ASN ASN A . n 
A 1 122 PRO 122 122 122 PRO PRO A . n 
A 1 123 PRO 123 123 123 PRO PRO A . n 
A 1 124 ILE 124 124 124 ILE ILE A . n 
A 1 125 PRO 125 125 125 PRO PRO A . n 
A 1 126 VAL 126 126 126 VAL VAL A . n 
A 1 127 GLY 127 127 127 GLY GLY A . n 
A 1 128 GLU 128 128 128 GLU GLU A . n 
A 1 129 ILE 129 129 129 ILE ILE A . n 
A 1 130 TYR 130 130 130 TYR TYR A . n 
A 1 131 LYS 131 131 131 LYS LYS A . n 
A 1 132 ARG 132 132 132 ARG ARG A . n 
A 1 133 TRP 133 133 133 TRP TRP A . n 
A 1 134 ILE 134 134 134 ILE ILE A . n 
A 1 135 ILE 135 135 135 ILE ILE A . n 
A 1 136 LEU 136 136 136 LEU LEU A . n 
A 1 137 GLY 137 137 137 GLY GLY A . n 
A 1 138 LEU 138 138 138 LEU LEU A . n 
A 1 139 ASN 139 139 139 ASN ASN A . n 
A 1 140 LYS 140 140 140 LYS LYS A . n 
A 1 141 ILE 141 141 141 ILE ILE A . n 
A 1 142 VAL 142 142 142 VAL VAL A . n 
A 1 143 ARG 143 143 143 ARG ARG A . n 
A 1 144 MET 144 144 144 MET MET A . n 
A 1 145 TYR 145 145 145 TYR TYR A . n 
A 1 146 SER 146 146 146 SER SER A . n 
# 
loop_
_pdbx_nonpoly_scheme.asym_id 
_pdbx_nonpoly_scheme.entity_id 
_pdbx_nonpoly_scheme.mon_id 
_pdbx_nonpoly_scheme.ndb_seq_num 
_pdbx_nonpoly_scheme.pdb_seq_num 
_pdbx_nonpoly_scheme.auth_seq_num 
_pdbx_nonpoly_scheme.pdb_mon_id 
_pdbx_nonpoly_scheme.auth_mon_id 
_pdbx_nonpoly_scheme.pdb_strand_id 
_pdbx_nonpoly_scheme.pdb_ins_code 
B 2 1F6 1  201  1    1F6 BIL A . 
C 3 NA  1  202  2001 NA  NA  A . 
D 4 HOH 1  1001 1001 HOH WAT A . 
D 4 HOH 2  1002 1002 HOH WAT A . 
D 4 HOH 3  1003 1003 HOH WAT A . 
D 4 HOH 4  1004 1004 HOH WAT A . 
D 4 HOH 5  1005 1005 HOH WAT A . 
D 4 HOH 6  1006 1006 HOH WAT A . 
D 4 HOH 7  1007 1007 HOH WAT A . 
D 4 HOH 8  1008 1008 HOH WAT A . 
D 4 HOH 9  1009 1009 HOH WAT A . 
D 4 HOH 10 1010 1010 HOH WAT A . 
D 4 HOH 11 1011 1011 HOH WAT A . 
D 4 HOH 12 1012 1012 HOH WAT A . 
D 4 HOH 13 1013 1013 HOH WAT A . 
D 4 HOH 14 1014 1014 HOH WAT A . 
D 4 HOH 15 1015 1015 HOH WAT A . 
D 4 HOH 16 1016 1016 HOH WAT A . 
D 4 HOH 17 1017 1017 HOH WAT A . 
D 4 HOH 18 1018 1018 HOH WAT A . 
D 4 HOH 19 1019 1019 HOH WAT A . 
D 4 HOH 20 1020 1020 HOH WAT A . 
D 4 HOH 21 1021 1021 HOH WAT A . 
D 4 HOH 22 1022 1022 HOH WAT A . 
D 4 HOH 23 1023 1023 HOH WAT A . 
D 4 HOH 24 1024 1024 HOH WAT A . 
D 4 HOH 25 1025 1025 HOH WAT A . 
D 4 HOH 26 1026 1026 HOH WAT A . 
D 4 HOH 27 1027 1027 HOH WAT A . 
D 4 HOH 28 1028 1028 HOH WAT A . 
D 4 HOH 29 1029 1029 HOH WAT A . 
D 4 HOH 30 1030 1030 HOH WAT A . 
D 4 HOH 31 1031 1031 HOH WAT A . 
D 4 HOH 32 1032 1032 HOH WAT A . 
D 4 HOH 33 1033 1033 HOH WAT A . 
D 4 HOH 34 1034 1034 HOH WAT A . 
D 4 HOH 35 1035 1035 HOH WAT A . 
D 4 HOH 36 1036 1036 HOH WAT A . 
D 4 HOH 37 1037 1037 HOH WAT A . 
D 4 HOH 38 1038 1038 HOH WAT A . 
D 4 HOH 39 1039 1039 HOH WAT A . 
D 4 HOH 40 1040 1040 HOH WAT A . 
D 4 HOH 41 1041 1041 HOH WAT A . 
D 4 HOH 42 1042 1042 HOH WAT A . 
D 4 HOH 43 1043 1043 HOH WAT A . 
D 4 HOH 44 1044 1044 HOH WAT A . 
D 4 HOH 45 1045 1045 HOH WAT A . 
D 4 HOH 46 1046 1046 HOH WAT A . 
D 4 HOH 47 1047 1047 HOH WAT A . 
D 4 HOH 48 1048 1048 HOH WAT A . 
D 4 HOH 49 1049 1049 HOH WAT A . 
D 4 HOH 50 1050 1050 HOH WAT A . 
D 4 HOH 51 1051 1051 HOH WAT A . 
D 4 HOH 52 1052 1052 HOH WAT A . 
D 4 HOH 53 1053 1053 HOH WAT A . 
D 4 HOH 54 1054 1054 HOH WAT A . 
D 4 HOH 55 1055 1055 HOH WAT A . 
D 4 HOH 56 1056 1056 HOH WAT A . 
D 4 HOH 57 1057 1057 HOH WAT A . 
D 4 HOH 58 1058 1058 HOH WAT A . 
D 4 HOH 59 1059 1059 HOH WAT A . 
D 4 HOH 60 1060 1060 HOH WAT A . 
D 4 HOH 61 1061 1061 HOH WAT A . 
D 4 HOH 62 1062 1062 HOH WAT A . 
D 4 HOH 63 1063 1063 HOH WAT A . 
D 4 HOH 64 1064 1064 HOH WAT A . 
D 4 HOH 65 1065 1065 HOH WAT A . 
D 4 HOH 66 1066 1066 HOH WAT A . 
D 4 HOH 67 1067 1067 HOH WAT A . 
D 4 HOH 68 1068 1068 HOH WAT A . 
D 4 HOH 69 1069 1069 HOH WAT A . 
D 4 HOH 70 1070 1070 HOH WAT A . 
D 4 HOH 71 1071 1071 HOH WAT A . 
D 4 HOH 72 1072 1072 HOH WAT A . 
D 4 HOH 73 1073 1073 HOH WAT A . 
D 4 HOH 74 1074 1074 HOH WAT A . 
D 4 HOH 75 1075 1075 HOH WAT A . 
D 4 HOH 76 1076 1076 HOH WAT A . 
D 4 HOH 77 1077 1077 HOH WAT A . 
D 4 HOH 78 1078 1078 HOH WAT A . 
D 4 HOH 79 1079 1079 HOH WAT A . 
D 4 HOH 80 1080 1080 HOH WAT A . 
D 4 HOH 81 1081 1081 HOH WAT A . 
D 4 HOH 82 1082 1082 HOH WAT A . 
D 4 HOH 83 1083 1083 HOH WAT A . 
D 4 HOH 84 1084 1084 HOH WAT A . 
D 4 HOH 85 1085 1085 HOH WAT A . 
D 4 HOH 86 1086 1086 HOH WAT A . 
# 
loop_
_software.name 
_software.classification 
_software.version 
_software.citation_id 
_software.pdbx_ordinal 
HKL-2000  'data collection' .    ? 1 
CNS       refinement        .    ? 2 
CNX       refinement        2002 ? 3 
HKL-2000  'data reduction'  .    ? 4 
SCALEPACK 'data scaling'    .    ? 5 
CNS       phasing           .    ? 6 
# 
_cell.entry_id           4INB 
_cell.length_a           68.950 
_cell.length_b           89.210 
_cell.length_c           39.270 
_cell.angle_alpha        90.00 
_cell.angle_beta         90.00 
_cell.angle_gamma        90.00 
_cell.Z_PDB              8 
_cell.pdbx_unique_axis   ? 
_cell.length_a_esd       ? 
_cell.length_b_esd       ? 
_cell.length_c_esd       ? 
_cell.angle_alpha_esd    ? 
_cell.angle_beta_esd     ? 
_cell.angle_gamma_esd    ? 
# 
_symmetry.entry_id                         4INB 
_symmetry.space_group_name_H-M             'C 2 2 21' 
_symmetry.pdbx_full_space_group_name_H-M   ? 
_symmetry.cell_setting                     ? 
_symmetry.Int_Tables_number                20 
_symmetry.space_group_name_Hall            ? 
# 
_exptl.entry_id          4INB 
_exptl.method            'X-RAY DIFFRACTION' 
_exptl.crystals_number   1 
# 
_exptl_crystal.id                    1 
_exptl_crystal.density_meas          ? 
_exptl_crystal.density_Matthews      1.86 
_exptl_crystal.density_percent_sol   33.99 
_exptl_crystal.description           ? 
_exptl_crystal.F_000                 ? 
_exptl_crystal.preparation           ? 
# 
_exptl_crystal_grow.crystal_id      1 
_exptl_crystal_grow.method          'VAPOR DIFFUSION, HANGING DROP' 
_exptl_crystal_grow.temp            284 
_exptl_crystal_grow.temp_details    ? 
_exptl_crystal_grow.pH              7.5 
_exptl_crystal_grow.pdbx_details    '0.8M NaK tartarate, 0.1M Na Hepes 7.5, VAPOR DIFFUSION, HANGING DROP, temperature 284K' 
_exptl_crystal_grow.pdbx_pH_range   ? 
# 
_diffrn.id                     1 
_diffrn.ambient_temp           100 
_diffrn.ambient_temp_details   ? 
_diffrn.crystal_id             1 
# 
_diffrn_detector.diffrn_id              1 
_diffrn_detector.detector               'IMAGE PLATE' 
_diffrn_detector.type                   'MAR scanner 345 mm plate' 
_diffrn_detector.pdbx_collection_date   2004-06-01 
_diffrn_detector.details                Hires2 
# 
_diffrn_radiation.diffrn_id                        1 
_diffrn_radiation.wavelength_id                    1 
_diffrn_radiation.pdbx_monochromatic_or_laue_m_l   M 
_diffrn_radiation.monochromator                    ? 
_diffrn_radiation.pdbx_diffrn_protocol             'SINGLE WAVELENGTH' 
_diffrn_radiation.pdbx_scattering_type             x-ray 
# 
_diffrn_radiation_wavelength.id           1 
_diffrn_radiation_wavelength.wavelength   1.54 
_diffrn_radiation_wavelength.wt           1.0 
# 
_diffrn_source.diffrn_id                   1 
_diffrn_source.source                      'ROTATING ANODE' 
_diffrn_source.type                        'RIGAKU FR-E SUPERBRIGHT' 
_diffrn_source.pdbx_synchrotron_site       ? 
_diffrn_source.pdbx_synchrotron_beamline   ? 
_diffrn_source.pdbx_wavelength             ? 
_diffrn_source.pdbx_wavelength_list        1.54 
# 
_reflns.entry_id                     4INB 
_reflns.observed_criterion_sigma_I   ? 
_reflns.observed_criterion_sigma_F   ? 
_reflns.d_resolution_low             40.0 
_reflns.d_resolution_high            1.8 
_reflns.number_obs                   11287 
_reflns.number_all                   ? 
_reflns.percent_possible_obs         97.0 
_reflns.pdbx_Rmerge_I_obs            0.059 
_reflns.pdbx_Rsym_value              ? 
_reflns.pdbx_netI_over_sigmaI        33.94 
_reflns.B_iso_Wilson_estimate        ? 
_reflns.pdbx_redundancy              8.58 
_reflns.R_free_details               ? 
_reflns.limit_h_max                  ? 
_reflns.limit_h_min                  ? 
_reflns.limit_k_max                  ? 
_reflns.limit_k_min                  ? 
_reflns.limit_l_max                  ? 
_reflns.limit_l_min                  ? 
_reflns.observed_criterion_F_max     ? 
_reflns.observed_criterion_F_min     ? 
_reflns.pdbx_chi_squared             ? 
_reflns.pdbx_scaling_rejects         ? 
_reflns.pdbx_ordinal                 1 
_reflns.pdbx_diffrn_id               1 
# 
_reflns_shell.d_res_high             1.8 
_reflns_shell.d_res_low              1.86 
_reflns_shell.percent_possible_all   90.2 
_reflns_shell.Rmerge_I_obs           0.402 
_reflns_shell.pdbx_Rsym_value        ? 
_reflns_shell.meanI_over_sigI_obs    3.82 
_reflns_shell.pdbx_redundancy        6.7 
_reflns_shell.percent_possible_obs   ? 
_reflns_shell.number_unique_all      1037 
_reflns_shell.number_measured_all    ? 
_reflns_shell.number_measured_obs    ? 
_reflns_shell.number_unique_obs      ? 
_reflns_shell.pdbx_chi_squared       ? 
_reflns_shell.pdbx_ordinal           1 
_reflns_shell.pdbx_diffrn_id         1 
# 
_refine.entry_id                                 4INB 
_refine.ls_number_reflns_obs                     10594 
_refine.ls_number_reflns_all                     ? 
_refine.pdbx_ls_sigma_I                          ? 
_refine.pdbx_ls_sigma_F                          ? 
_refine.pdbx_data_cutoff_high_absF               ? 
_refine.pdbx_data_cutoff_low_absF                ? 
_refine.pdbx_data_cutoff_high_rms_absF           ? 
_refine.ls_d_res_low                             22.419 
_refine.ls_d_res_high                            1.8 
_refine.ls_percent_reflns_obs                    ? 
_refine.ls_R_factor_obs                          ? 
_refine.ls_R_factor_all                          ? 
_refine.ls_R_factor_R_work                       0.231 
_refine.ls_R_factor_R_free                       0.266 
_refine.ls_R_factor_R_free_error                 ? 
_refine.ls_R_factor_R_free_error_details         ? 
_refine.ls_percent_reflns_R_free                 ? 
_refine.ls_number_reflns_R_free                  1088 
_refine.ls_number_parameters                     ? 
_refine.ls_number_restraints                     ? 
_refine.occupancy_min                            ? 
_refine.occupancy_max                            ? 
_refine.correlation_coeff_Fo_to_Fc               ? 
_refine.correlation_coeff_Fo_to_Fc_free          ? 
_refine.B_iso_mean                               28.29 
_refine.aniso_B[1][1]                            ? 
_refine.aniso_B[2][2]                            ? 
_refine.aniso_B[3][3]                            ? 
_refine.aniso_B[1][2]                            ? 
_refine.aniso_B[1][3]                            ? 
_refine.aniso_B[2][3]                            ? 
_refine.solvent_model_details                    ? 
_refine.solvent_model_param_ksol                 ? 
_refine.solvent_model_param_bsol                 ? 
_refine.pdbx_solvent_vdw_probe_radii             ? 
_refine.pdbx_solvent_ion_probe_radii             ? 
_refine.pdbx_solvent_shrinkage_radii             ? 
_refine.pdbx_ls_cross_valid_method               ? 
_refine.details                                  ? 
_refine.pdbx_starting_model                      ? 
_refine.pdbx_method_to_determine_struct          'MOLECULAR REPLACEMENT' 
_refine.pdbx_isotropic_thermal_model             Isotropic 
_refine.pdbx_stereochemistry_target_values       ? 
_refine.pdbx_stereochem_target_val_spec_case     ? 
_refine.pdbx_R_Free_selection_details            random 
_refine.pdbx_overall_ESU_R                       ? 
_refine.pdbx_overall_ESU_R_Free                  ? 
_refine.overall_SU_ML                            ? 
_refine.pdbx_overall_phase_error                 ? 
_refine.overall_SU_B                             ? 
_refine.overall_SU_R_Cruickshank_DPI             ? 
_refine.ls_redundancy_reflns_obs                 ? 
_refine.B_iso_min                                ? 
_refine.B_iso_max                                ? 
_refine.overall_SU_R_free                        ? 
_refine.ls_wR_factor_R_free                      ? 
_refine.ls_wR_factor_R_work                      ? 
_refine.overall_FOM_free_R_set                   ? 
_refine.overall_FOM_work_R_set                   ? 
_refine.pdbx_diffrn_id                           1 
_refine.pdbx_refine_id                           'X-RAY DIFFRACTION' 
_refine.pdbx_TLS_residual_ADP_flag               ? 
_refine.pdbx_overall_SU_R_free_Cruickshank_DPI   ? 
_refine.pdbx_overall_SU_R_Blow_DPI               ? 
_refine.pdbx_overall_SU_R_free_Blow_DPI          ? 
# 
_refine_hist.pdbx_refine_id                   'X-RAY DIFFRACTION' 
_refine_hist.cycle_id                         LAST 
_refine_hist.pdbx_number_atoms_protein        1136 
_refine_hist.pdbx_number_atoms_nucleic_acid   0 
_refine_hist.pdbx_number_atoms_ligand         31 
_refine_hist.number_atoms_solvent             86 
_refine_hist.number_atoms_total               1253 
_refine_hist.d_res_high                       1.8 
_refine_hist.d_res_low                        22.419 
# 
loop_
_refine_ls_restr.type 
_refine_ls_restr.dev_ideal 
_refine_ls_restr.dev_ideal_target 
_refine_ls_restr.weight 
_refine_ls_restr.number 
_refine_ls_restr.pdbx_restraint_function 
_refine_ls_restr.pdbx_refine_id 
c_bond_d    0.06616 ? ? ? ? 'X-RAY DIFFRACTION' 
c_angle_deg 1.21983 ? ? ? ? 'X-RAY DIFFRACTION' 
# 
_struct.entry_id                  4INB 
_struct.title                     
'Crystal Structure of the N-Terminal Domain of HIV-1 Capsid in Complex With benzodiazepine Inhibitor' 
_struct.pdbx_model_details        ? 
_struct.pdbx_CASP_flag            ? 
_struct.pdbx_model_type_details   ? 
# 
_struct_keywords.entry_id        4INB 
_struct_keywords.pdbx_keywords   'VIRAL PROTEIN/VIRAL PROTEIN INHIBITOR' 
_struct_keywords.text            'STRUCTURAL PROTEIN, CAPSID, VIRAL PROTEIN, VIRAL PROTEIN-VIRAL PROTEIN INHIBITOR complex' 
# 
loop_
_struct_asym.id 
_struct_asym.pdbx_blank_PDB_chainid_flag 
_struct_asym.pdbx_modified 
_struct_asym.entity_id 
_struct_asym.details 
A N N 1 ? 
B N N 2 ? 
C N N 3 ? 
D N N 4 ? 
# 
_struct_ref.id                         1 
_struct_ref.db_name                    UNP 
_struct_ref.db_code                    Q79791_9HIV1 
_struct_ref.pdbx_db_accession          Q79791 
_struct_ref.entity_id                  1 
_struct_ref.pdbx_seq_one_letter_code   
;PIVQNLQGQMVHQAISPRTLNAWVKVVEEKAFSPEVIPMFSALSEGATPQDLNTMLNTVGGHQAAMQMLKETINEEAAEW
DRLHPVHAGPIAPGQMREPRGSDIAGTTSTLQEQIGWMTHNPPIPVGEIYKRWIILGLNKIVRMYS
;
_struct_ref.pdbx_align_begin           133 
_struct_ref.pdbx_db_isoform            ? 
# 
_struct_ref_seq.align_id                      1 
_struct_ref_seq.ref_id                        1 
_struct_ref_seq.pdbx_PDB_id_code              4INB 
_struct_ref_seq.pdbx_strand_id                A 
_struct_ref_seq.seq_align_beg                 1 
_struct_ref_seq.pdbx_seq_align_beg_ins_code   ? 
_struct_ref_seq.seq_align_end                 146 
_struct_ref_seq.pdbx_seq_align_end_ins_code   ? 
_struct_ref_seq.pdbx_db_accession             Q79791 
_struct_ref_seq.db_align_beg                  133 
_struct_ref_seq.pdbx_db_align_beg_ins_code    ? 
_struct_ref_seq.db_align_end                  278 
_struct_ref_seq.pdbx_db_align_end_ins_code    ? 
_struct_ref_seq.pdbx_auth_seq_align_beg       1 
_struct_ref_seq.pdbx_auth_seq_align_end       146 
# 
_pdbx_struct_assembly.id                   1 
_pdbx_struct_assembly.details              author_and_software_defined_assembly 
_pdbx_struct_assembly.method_details       PISA 
_pdbx_struct_assembly.oligomeric_details   dimeric 
_pdbx_struct_assembly.oligomeric_count     2 
# 
loop_
_pdbx_struct_assembly_prop.biol_id 
_pdbx_struct_assembly_prop.type 
_pdbx_struct_assembly_prop.value 
_pdbx_struct_assembly_prop.details 
1 'ABSA (A^2)' 1990  ? 
1 MORE         -32   ? 
1 'SSA (A^2)'  15430 ? 
# 
_pdbx_struct_assembly_gen.assembly_id       1 
_pdbx_struct_assembly_gen.oper_expression   1,2 
_pdbx_struct_assembly_gen.asym_id_list      A,B,C,D 
# 
loop_
_pdbx_struct_oper_list.id 
_pdbx_struct_oper_list.type 
_pdbx_struct_oper_list.name 
_pdbx_struct_oper_list.symmetry_operation 
_pdbx_struct_oper_list.matrix[1][1] 
_pdbx_struct_oper_list.matrix[1][2] 
_pdbx_struct_oper_list.matrix[1][3] 
_pdbx_struct_oper_list.vector[1] 
_pdbx_struct_oper_list.matrix[2][1] 
_pdbx_struct_oper_list.matrix[2][2] 
_pdbx_struct_oper_list.matrix[2][3] 
_pdbx_struct_oper_list.vector[2] 
_pdbx_struct_oper_list.matrix[3][1] 
_pdbx_struct_oper_list.matrix[3][2] 
_pdbx_struct_oper_list.matrix[3][3] 
_pdbx_struct_oper_list.vector[3] 
1 'identity operation'         1_555 x,y,z         1.0000000000  0.0000000000 0.0000000000  0.0000000000  0.0000000000 1.0000000000 0.0000000000  0.0000000000   0.0000000000  0.0000000000  1.0000000000  0.0000000000   
2 'crystal symmetry operation' 3_656 -x+1,y,-z+3/2 -0.3289704967 0.8977228888 -0.2930392930 10.9295087609 0.8977228888 0.2009999278 -0.3920365340 -15.1848886406 -0.2930392930 -0.3920365340 -0.8720294311 -21.4913133178 
# 
_struct_biol.id        1 
_struct_biol.details   ? 
# 
loop_
_struct_conf.conf_type_id 
_struct_conf.id 
_struct_conf.pdbx_PDB_helix_id 
_struct_conf.beg_label_comp_id 
_struct_conf.beg_label_asym_id 
_struct_conf.beg_label_seq_id 
_struct_conf.pdbx_beg_PDB_ins_code 
_struct_conf.end_label_comp_id 
_struct_conf.end_label_asym_id 
_struct_conf.end_label_seq_id 
_struct_conf.pdbx_end_PDB_ins_code 
_struct_conf.beg_auth_comp_id 
_struct_conf.beg_auth_asym_id 
_struct_conf.beg_auth_seq_id 
_struct_conf.end_auth_comp_id 
_struct_conf.end_auth_asym_id 
_struct_conf.end_auth_seq_id 
_struct_conf.pdbx_PDB_helix_class 
_struct_conf.details 
_struct_conf.pdbx_PDB_helix_length 
HELX_P HELX_P1 1 SER A 16  ? LYS A 30  ? SER A 16  LYS A 30  1 ? 15 
HELX_P HELX_P2 2 GLU A 35  ? SER A 44  ? GLU A 35  SER A 44  1 ? 10 
HELX_P HELX_P3 3 THR A 48  ? GLY A 60  ? THR A 48  GLY A 60  1 ? 13 
HELX_P HELX_P4 4 HIS A 62  ? HIS A 84  ? HIS A 62  HIS A 84  1 ? 23 
HELX_P HELX_P5 5 ARG A 100 ? ALA A 105 ? ARG A 100 ALA A 105 1 ? 6  
HELX_P HELX_P6 6 THR A 110 ? THR A 119 ? THR A 110 THR A 119 1 ? 10 
HELX_P HELX_P7 7 PRO A 125 ? ARG A 143 ? PRO A 125 ARG A 143 1 ? 19 
# 
_struct_conf_type.id          HELX_P 
_struct_conf_type.criteria    ? 
_struct_conf_type.reference   ? 
# 
loop_
_struct_conn.id 
_struct_conn.conn_type_id 
_struct_conn.pdbx_leaving_atom_flag 
_struct_conn.pdbx_PDB_id 
_struct_conn.ptnr1_label_asym_id 
_struct_conn.ptnr1_label_comp_id 
_struct_conn.ptnr1_label_seq_id 
_struct_conn.ptnr1_label_atom_id 
_struct_conn.pdbx_ptnr1_label_alt_id 
_struct_conn.pdbx_ptnr1_PDB_ins_code 
_struct_conn.pdbx_ptnr1_standard_comp_id 
_struct_conn.ptnr1_symmetry 
_struct_conn.ptnr2_label_asym_id 
_struct_conn.ptnr2_label_comp_id 
_struct_conn.ptnr2_label_seq_id 
_struct_conn.ptnr2_label_atom_id 
_struct_conn.pdbx_ptnr2_label_alt_id 
_struct_conn.pdbx_ptnr2_PDB_ins_code 
_struct_conn.ptnr1_auth_asym_id 
_struct_conn.ptnr1_auth_comp_id 
_struct_conn.ptnr1_auth_seq_id 
_struct_conn.ptnr2_auth_asym_id 
_struct_conn.ptnr2_auth_comp_id 
_struct_conn.ptnr2_auth_seq_id 
_struct_conn.ptnr2_symmetry 
_struct_conn.pdbx_ptnr3_label_atom_id 
_struct_conn.pdbx_ptnr3_label_seq_id 
_struct_conn.pdbx_ptnr3_label_comp_id 
_struct_conn.pdbx_ptnr3_label_asym_id 
_struct_conn.pdbx_ptnr3_label_alt_id 
_struct_conn.pdbx_ptnr3_PDB_ins_code 
_struct_conn.details 
_struct_conn.pdbx_dist_value 
_struct_conn.pdbx_value_order 
_struct_conn.pdbx_role 
metalc1 metalc ? ? A GLY 106 O  ? ? ? 1_555 C NA  . NA ? ? A GLY 106 A NA  202  1_555 ? ? ? ? ? ? ? 2.646 ? ? 
metalc2 metalc ? ? A SER 109 O  ? ? ? 1_555 C NA  . NA ? ? A SER 109 A NA  202  1_555 ? ? ? ? ? ? ? 2.692 ? ? 
metalc3 metalc ? ? C NA  .   NA ? ? ? 1_555 D HOH . O  ? ? A NA  202 A HOH 1012 1_555 ? ? ? ? ? ? ? 2.665 ? ? 
metalc4 metalc ? ? C NA  .   NA ? ? ? 1_555 D HOH . O  ? ? A NA  202 A HOH 1014 1_555 ? ? ? ? ? ? ? 2.661 ? ? 
# 
_struct_conn_type.id          metalc 
_struct_conn_type.criteria    ? 
_struct_conn_type.reference   ? 
# 
loop_
_pdbx_struct_conn_angle.id 
_pdbx_struct_conn_angle.ptnr1_label_atom_id 
_pdbx_struct_conn_angle.ptnr1_label_alt_id 
_pdbx_struct_conn_angle.ptnr1_label_asym_id 
_pdbx_struct_conn_angle.ptnr1_label_comp_id 
_pdbx_struct_conn_angle.ptnr1_label_seq_id 
_pdbx_struct_conn_angle.ptnr1_auth_atom_id 
_pdbx_struct_conn_angle.ptnr1_auth_asym_id 
_pdbx_struct_conn_angle.ptnr1_auth_comp_id 
_pdbx_struct_conn_angle.ptnr1_auth_seq_id 
_pdbx_struct_conn_angle.ptnr1_PDB_ins_code 
_pdbx_struct_conn_angle.ptnr1_symmetry 
_pdbx_struct_conn_angle.ptnr2_label_atom_id 
_pdbx_struct_conn_angle.ptnr2_label_alt_id 
_pdbx_struct_conn_angle.ptnr2_label_asym_id 
_pdbx_struct_conn_angle.ptnr2_label_comp_id 
_pdbx_struct_conn_angle.ptnr2_label_seq_id 
_pdbx_struct_conn_angle.ptnr2_auth_atom_id 
_pdbx_struct_conn_angle.ptnr2_auth_asym_id 
_pdbx_struct_conn_angle.ptnr2_auth_comp_id 
_pdbx_struct_conn_angle.ptnr2_auth_seq_id 
_pdbx_struct_conn_angle.ptnr2_PDB_ins_code 
_pdbx_struct_conn_angle.ptnr2_symmetry 
_pdbx_struct_conn_angle.ptnr3_label_atom_id 
_pdbx_struct_conn_angle.ptnr3_label_alt_id 
_pdbx_struct_conn_angle.ptnr3_label_asym_id 
_pdbx_struct_conn_angle.ptnr3_label_comp_id 
_pdbx_struct_conn_angle.ptnr3_label_seq_id 
_pdbx_struct_conn_angle.ptnr3_auth_atom_id 
_pdbx_struct_conn_angle.ptnr3_auth_asym_id 
_pdbx_struct_conn_angle.ptnr3_auth_comp_id 
_pdbx_struct_conn_angle.ptnr3_auth_seq_id 
_pdbx_struct_conn_angle.ptnr3_PDB_ins_code 
_pdbx_struct_conn_angle.ptnr3_symmetry 
_pdbx_struct_conn_angle.value 
_pdbx_struct_conn_angle.value_esd 
1 O ? A GLY 106 ? A GLY 106  ? 1_555 NA ? C NA . ? A NA 202 ? 1_555 O ? A SER 109 ? A SER 109  ? 1_555 85.4  ? 
2 O ? A GLY 106 ? A GLY 106  ? 1_555 NA ? C NA . ? A NA 202 ? 1_555 O ? D HOH .   ? A HOH 1012 ? 1_555 77.1  ? 
3 O ? A SER 109 ? A SER 109  ? 1_555 NA ? C NA . ? A NA 202 ? 1_555 O ? D HOH .   ? A HOH 1012 ? 1_555 87.4  ? 
4 O ? A GLY 106 ? A GLY 106  ? 1_555 NA ? C NA . ? A NA 202 ? 1_555 O ? D HOH .   ? A HOH 1014 ? 1_555 93.0  ? 
5 O ? A SER 109 ? A SER 109  ? 1_555 NA ? C NA . ? A NA 202 ? 1_555 O ? D HOH .   ? A HOH 1014 ? 1_555 78.9  ? 
6 O ? D HOH .   ? A HOH 1012 ? 1_555 NA ? C NA . ? A NA 202 ? 1_555 O ? D HOH .   ? A HOH 1014 ? 1_555 163.8 ? 
# 
_struct_mon_prot_cis.pdbx_id                1 
_struct_mon_prot_cis.label_comp_id          ASN 
_struct_mon_prot_cis.label_seq_id           121 
_struct_mon_prot_cis.label_asym_id          A 
_struct_mon_prot_cis.label_alt_id           . 
_struct_mon_prot_cis.pdbx_PDB_ins_code      ? 
_struct_mon_prot_cis.auth_comp_id           ASN 
_struct_mon_prot_cis.auth_seq_id            121 
_struct_mon_prot_cis.auth_asym_id           A 
_struct_mon_prot_cis.pdbx_label_comp_id_2   PRO 
_struct_mon_prot_cis.pdbx_label_seq_id_2    122 
_struct_mon_prot_cis.pdbx_label_asym_id_2   A 
_struct_mon_prot_cis.pdbx_PDB_ins_code_2    ? 
_struct_mon_prot_cis.pdbx_auth_comp_id_2    PRO 
_struct_mon_prot_cis.pdbx_auth_seq_id_2     122 
_struct_mon_prot_cis.pdbx_auth_asym_id_2    A 
_struct_mon_prot_cis.pdbx_PDB_model_num     1 
_struct_mon_prot_cis.pdbx_omega_angle       -0.27 
# 
_struct_sheet.id               A 
_struct_sheet.type             ? 
_struct_sheet.number_strands   2 
_struct_sheet.details          ? 
# 
_struct_sheet_order.sheet_id     A 
_struct_sheet_order.range_id_1   1 
_struct_sheet_order.range_id_2   2 
_struct_sheet_order.offset       ? 
_struct_sheet_order.sense        anti-parallel 
# 
loop_
_struct_sheet_range.sheet_id 
_struct_sheet_range.id 
_struct_sheet_range.beg_label_comp_id 
_struct_sheet_range.beg_label_asym_id 
_struct_sheet_range.beg_label_seq_id 
_struct_sheet_range.pdbx_beg_PDB_ins_code 
_struct_sheet_range.end_label_comp_id 
_struct_sheet_range.end_label_asym_id 
_struct_sheet_range.end_label_seq_id 
_struct_sheet_range.pdbx_end_PDB_ins_code 
_struct_sheet_range.beg_auth_comp_id 
_struct_sheet_range.beg_auth_asym_id 
_struct_sheet_range.beg_auth_seq_id 
_struct_sheet_range.end_auth_comp_id 
_struct_sheet_range.end_auth_asym_id 
_struct_sheet_range.end_auth_seq_id 
A 1 ILE A 2  ? GLN A 4  ? ILE A 2  GLN A 4  
A 2 MET A 10 ? HIS A 12 ? MET A 10 HIS A 12 
# 
_pdbx_struct_sheet_hbond.sheet_id                A 
_pdbx_struct_sheet_hbond.range_id_1              1 
_pdbx_struct_sheet_hbond.range_id_2              2 
_pdbx_struct_sheet_hbond.range_1_label_atom_id   N 
_pdbx_struct_sheet_hbond.range_1_label_comp_id   VAL 
_pdbx_struct_sheet_hbond.range_1_label_asym_id   A 
_pdbx_struct_sheet_hbond.range_1_label_seq_id    3 
_pdbx_struct_sheet_hbond.range_1_PDB_ins_code    ? 
_pdbx_struct_sheet_hbond.range_1_auth_atom_id    N 
_pdbx_struct_sheet_hbond.range_1_auth_comp_id    VAL 
_pdbx_struct_sheet_hbond.range_1_auth_asym_id    A 
_pdbx_struct_sheet_hbond.range_1_auth_seq_id     3 
_pdbx_struct_sheet_hbond.range_2_label_atom_id   O 
_pdbx_struct_sheet_hbond.range_2_label_comp_id   VAL 
_pdbx_struct_sheet_hbond.range_2_label_asym_id   A 
_pdbx_struct_sheet_hbond.range_2_label_seq_id    11 
_pdbx_struct_sheet_hbond.range_2_PDB_ins_code    ? 
_pdbx_struct_sheet_hbond.range_2_auth_atom_id    O 
_pdbx_struct_sheet_hbond.range_2_auth_comp_id    VAL 
_pdbx_struct_sheet_hbond.range_2_auth_asym_id    A 
_pdbx_struct_sheet_hbond.range_2_auth_seq_id     11 
# 
loop_
_struct_site.id 
_struct_site.pdbx_evidence_code 
_struct_site.pdbx_auth_asym_id 
_struct_site.pdbx_auth_comp_id 
_struct_site.pdbx_auth_seq_id 
_struct_site.pdbx_auth_ins_code 
_struct_site.pdbx_num_residues 
_struct_site.details 
AC1 Software A 1F6 201 ? 18 'BINDING SITE FOR RESIDUE 1F6 A 201' 
AC2 Software A NA  202 ? 4  'BINDING SITE FOR RESIDUE NA A 202'  
# 
loop_
_struct_site_gen.id 
_struct_site_gen.site_id 
_struct_site_gen.pdbx_num_res 
_struct_site_gen.label_comp_id 
_struct_site_gen.label_asym_id 
_struct_site_gen.label_seq_id 
_struct_site_gen.pdbx_auth_ins_code 
_struct_site_gen.auth_comp_id 
_struct_site_gen.auth_asym_id 
_struct_site_gen.auth_seq_id 
_struct_site_gen.label_atom_id 
_struct_site_gen.label_alt_id 
_struct_site_gen.symmetry 
_struct_site_gen.details 
1  AC1 18 TRP A 23  ? TRP A 23   . ? 1_555 ? 
2  AC1 18 VAL A 27  ? VAL A 27   . ? 1_555 ? 
3  AC1 18 GLU A 28  ? GLU A 28   . ? 1_555 ? 
4  AC1 18 ALA A 31  ? ALA A 31   . ? 1_555 ? 
5  AC1 18 PHE A 32  ? PHE A 32   . ? 1_555 ? 
6  AC1 18 SER A 33  ? SER A 33   . ? 1_555 ? 
7  AC1 18 VAL A 36  ? VAL A 36   . ? 1_555 ? 
8  AC1 18 PHE A 40  ? PHE A 40   . ? 1_555 ? 
9  AC1 18 LEU A 56  ? LEU A 56   . ? 1_555 ? 
10 AC1 18 VAL A 59  ? VAL A 59   . ? 1_555 ? 
11 AC1 18 GLY A 60  ? GLY A 60   . ? 1_555 ? 
12 AC1 18 GLY A 61  ? GLY A 61   . ? 1_555 ? 
13 AC1 18 HIS A 62  ? HIS A 62   . ? 1_555 ? 
14 AC1 18 ALA A 65  ? ALA A 65   . ? 1_555 ? 
15 AC1 18 MET A 66  ? MET A 66   . ? 1_555 ? 
16 AC1 18 LEU A 138 ? LEU A 138  . ? 1_555 ? 
17 AC1 18 ILE A 141 ? ILE A 141  . ? 1_555 ? 
18 AC1 18 VAL A 142 ? VAL A 142  . ? 1_555 ? 
19 AC2 4  GLY A 106 ? GLY A 106  . ? 1_555 ? 
20 AC2 4  SER A 109 ? SER A 109  . ? 1_555 ? 
21 AC2 4  HOH D .   ? HOH A 1012 . ? 1_555 ? 
22 AC2 4  HOH D .   ? HOH A 1014 . ? 1_555 ? 
# 
loop_
_pdbx_validate_symm_contact.id 
_pdbx_validate_symm_contact.PDB_model_num 
_pdbx_validate_symm_contact.auth_atom_id_1 
_pdbx_validate_symm_contact.auth_asym_id_1 
_pdbx_validate_symm_contact.auth_comp_id_1 
_pdbx_validate_symm_contact.auth_seq_id_1 
_pdbx_validate_symm_contact.PDB_ins_code_1 
_pdbx_validate_symm_contact.label_alt_id_1 
_pdbx_validate_symm_contact.site_symmetry_1 
_pdbx_validate_symm_contact.auth_atom_id_2 
_pdbx_validate_symm_contact.auth_asym_id_2 
_pdbx_validate_symm_contact.auth_comp_id_2 
_pdbx_validate_symm_contact.auth_seq_id_2 
_pdbx_validate_symm_contact.PDB_ins_code_2 
_pdbx_validate_symm_contact.label_alt_id_2 
_pdbx_validate_symm_contact.site_symmetry_2 
_pdbx_validate_symm_contact.dist 
1 1 O  A LEU 6   ? ? 1_555 O  A LEU 6   ? ? 4_566 1.84 
2 1 CB A ARG 143 ? ? 1_555 CB A ARG 143 ? ? 3_657 2.01 
# 
loop_
_pdbx_validate_torsion.id 
_pdbx_validate_torsion.PDB_model_num 
_pdbx_validate_torsion.auth_comp_id 
_pdbx_validate_torsion.auth_asym_id 
_pdbx_validate_torsion.auth_seq_id 
_pdbx_validate_torsion.PDB_ins_code 
_pdbx_validate_torsion.label_alt_id 
_pdbx_validate_torsion.phi 
_pdbx_validate_torsion.psi 
1 1 ASN A 5   ? ? -80.85  -159.34 
2 1 GLN A 7   ? ? -105.65 -66.20  
3 1 PRO A 125 ? ? -68.26  66.81   
# 
loop_
_chem_comp_atom.comp_id 
_chem_comp_atom.atom_id 
_chem_comp_atom.type_symbol 
_chem_comp_atom.pdbx_aromatic_flag 
_chem_comp_atom.pdbx_stereo_config 
_chem_comp_atom.pdbx_ordinal 
1F6 C1   C  Y N 1   
1F6 C2   C  Y N 2   
1F6 C3   C  Y N 3   
1F6 C4   C  Y N 4   
1F6 C5   C  Y N 5   
1F6 C6   C  Y N 6   
1F6 N7   N  N N 7   
1F6 C8   C  N N 8   
1F6 C9   C  N N 9   
1F6 C10  C  N N 10  
1F6 N11  N  N N 11  
1F6 C12  C  N N 12  
1F6 N13  N  N N 13  
1F6 C14  C  N N 14  
1F6 C15  C  N N 15  
1F6 O16  O  N N 16  
1F6 C17  C  N N 17  
1F6 C18  C  Y N 18  
1F6 C19  C  Y N 19  
1F6 C20  C  Y N 20  
1F6 C21  C  Y N 21  
1F6 C22  C  Y N 22  
1F6 C23  C  Y N 23  
1F6 C24  C  N N 24  
1F6 C25  C  N N 25  
1F6 F26  F  N N 26  
1F6 F27  F  N N 27  
1F6 F28  F  N N 28  
1F6 O29  O  N N 29  
1F6 O30  O  N N 30  
1F6 H1   H  N N 31  
1F6 H2   H  N N 32  
1F6 H3   H  N N 33  
1F6 H5   H  N N 34  
1F6 H6   H  N N 35  
1F6 H7   H  N N 36  
1F6 H8   H  N N 37  
1F6 H9   H  N N 38  
1F6 H10  H  N N 39  
1F6 H11  H  N N 40  
1F6 H12  H  N N 41  
1F6 H13  H  N N 42  
1F6 H14  H  N N 43  
1F6 H15  H  N N 44  
1F6 H16  H  N N 45  
1F6 H17  H  N N 46  
1F6 H18  H  N N 47  
1F6 H19  H  N N 48  
1F6 H20  H  N N 49  
1F6 H4   H  N N 50  
ALA N    N  N N 51  
ALA CA   C  N S 52  
ALA C    C  N N 53  
ALA O    O  N N 54  
ALA CB   C  N N 55  
ALA OXT  O  N N 56  
ALA H    H  N N 57  
ALA H2   H  N N 58  
ALA HA   H  N N 59  
ALA HB1  H  N N 60  
ALA HB2  H  N N 61  
ALA HB3  H  N N 62  
ALA HXT  H  N N 63  
ARG N    N  N N 64  
ARG CA   C  N S 65  
ARG C    C  N N 66  
ARG O    O  N N 67  
ARG CB   C  N N 68  
ARG CG   C  N N 69  
ARG CD   C  N N 70  
ARG NE   N  N N 71  
ARG CZ   C  N N 72  
ARG NH1  N  N N 73  
ARG NH2  N  N N 74  
ARG OXT  O  N N 75  
ARG H    H  N N 76  
ARG H2   H  N N 77  
ARG HA   H  N N 78  
ARG HB2  H  N N 79  
ARG HB3  H  N N 80  
ARG HG2  H  N N 81  
ARG HG3  H  N N 82  
ARG HD2  H  N N 83  
ARG HD3  H  N N 84  
ARG HE   H  N N 85  
ARG HH11 H  N N 86  
ARG HH12 H  N N 87  
ARG HH21 H  N N 88  
ARG HH22 H  N N 89  
ARG HXT  H  N N 90  
ASN N    N  N N 91  
ASN CA   C  N S 92  
ASN C    C  N N 93  
ASN O    O  N N 94  
ASN CB   C  N N 95  
ASN CG   C  N N 96  
ASN OD1  O  N N 97  
ASN ND2  N  N N 98  
ASN OXT  O  N N 99  
ASN H    H  N N 100 
ASN H2   H  N N 101 
ASN HA   H  N N 102 
ASN HB2  H  N N 103 
ASN HB3  H  N N 104 
ASN HD21 H  N N 105 
ASN HD22 H  N N 106 
ASN HXT  H  N N 107 
ASP N    N  N N 108 
ASP CA   C  N S 109 
ASP C    C  N N 110 
ASP O    O  N N 111 
ASP CB   C  N N 112 
ASP CG   C  N N 113 
ASP OD1  O  N N 114 
ASP OD2  O  N N 115 
ASP OXT  O  N N 116 
ASP H    H  N N 117 
ASP H2   H  N N 118 
ASP HA   H  N N 119 
ASP HB2  H  N N 120 
ASP HB3  H  N N 121 
ASP HD2  H  N N 122 
ASP HXT  H  N N 123 
GLN N    N  N N 124 
GLN CA   C  N S 125 
GLN C    C  N N 126 
GLN O    O  N N 127 
GLN CB   C  N N 128 
GLN CG   C  N N 129 
GLN CD   C  N N 130 
GLN OE1  O  N N 131 
GLN NE2  N  N N 132 
GLN OXT  O  N N 133 
GLN H    H  N N 134 
GLN H2   H  N N 135 
GLN HA   H  N N 136 
GLN HB2  H  N N 137 
GLN HB3  H  N N 138 
GLN HG2  H  N N 139 
GLN HG3  H  N N 140 
GLN HE21 H  N N 141 
GLN HE22 H  N N 142 
GLN HXT  H  N N 143 
GLU N    N  N N 144 
GLU CA   C  N S 145 
GLU C    C  N N 146 
GLU O    O  N N 147 
GLU CB   C  N N 148 
GLU CG   C  N N 149 
GLU CD   C  N N 150 
GLU OE1  O  N N 151 
GLU OE2  O  N N 152 
GLU OXT  O  N N 153 
GLU H    H  N N 154 
GLU H2   H  N N 155 
GLU HA   H  N N 156 
GLU HB2  H  N N 157 
GLU HB3  H  N N 158 
GLU HG2  H  N N 159 
GLU HG3  H  N N 160 
GLU HE2  H  N N 161 
GLU HXT  H  N N 162 
GLY N    N  N N 163 
GLY CA   C  N N 164 
GLY C    C  N N 165 
GLY O    O  N N 166 
GLY OXT  O  N N 167 
GLY H    H  N N 168 
GLY H2   H  N N 169 
GLY HA2  H  N N 170 
GLY HA3  H  N N 171 
GLY HXT  H  N N 172 
HIS N    N  N N 173 
HIS CA   C  N S 174 
HIS C    C  N N 175 
HIS O    O  N N 176 
HIS CB   C  N N 177 
HIS CG   C  Y N 178 
HIS ND1  N  Y N 179 
HIS CD2  C  Y N 180 
HIS CE1  C  Y N 181 
HIS NE2  N  Y N 182 
HIS OXT  O  N N 183 
HIS H    H  N N 184 
HIS H2   H  N N 185 
HIS HA   H  N N 186 
HIS HB2  H  N N 187 
HIS HB3  H  N N 188 
HIS HD1  H  N N 189 
HIS HD2  H  N N 190 
HIS HE1  H  N N 191 
HIS HE2  H  N N 192 
HIS HXT  H  N N 193 
HOH O    O  N N 194 
HOH H1   H  N N 195 
HOH H2   H  N N 196 
ILE N    N  N N 197 
ILE CA   C  N S 198 
ILE C    C  N N 199 
ILE O    O  N N 200 
ILE CB   C  N S 201 
ILE CG1  C  N N 202 
ILE CG2  C  N N 203 
ILE CD1  C  N N 204 
ILE OXT  O  N N 205 
ILE H    H  N N 206 
ILE H2   H  N N 207 
ILE HA   H  N N 208 
ILE HB   H  N N 209 
ILE HG12 H  N N 210 
ILE HG13 H  N N 211 
ILE HG21 H  N N 212 
ILE HG22 H  N N 213 
ILE HG23 H  N N 214 
ILE HD11 H  N N 215 
ILE HD12 H  N N 216 
ILE HD13 H  N N 217 
ILE HXT  H  N N 218 
LEU N    N  N N 219 
LEU CA   C  N S 220 
LEU C    C  N N 221 
LEU O    O  N N 222 
LEU CB   C  N N 223 
LEU CG   C  N N 224 
LEU CD1  C  N N 225 
LEU CD2  C  N N 226 
LEU OXT  O  N N 227 
LEU H    H  N N 228 
LEU H2   H  N N 229 
LEU HA   H  N N 230 
LEU HB2  H  N N 231 
LEU HB3  H  N N 232 
LEU HG   H  N N 233 
LEU HD11 H  N N 234 
LEU HD12 H  N N 235 
LEU HD13 H  N N 236 
LEU HD21 H  N N 237 
LEU HD22 H  N N 238 
LEU HD23 H  N N 239 
LEU HXT  H  N N 240 
LYS N    N  N N 241 
LYS CA   C  N S 242 
LYS C    C  N N 243 
LYS O    O  N N 244 
LYS CB   C  N N 245 
LYS CG   C  N N 246 
LYS CD   C  N N 247 
LYS CE   C  N N 248 
LYS NZ   N  N N 249 
LYS OXT  O  N N 250 
LYS H    H  N N 251 
LYS H2   H  N N 252 
LYS HA   H  N N 253 
LYS HB2  H  N N 254 
LYS HB3  H  N N 255 
LYS HG2  H  N N 256 
LYS HG3  H  N N 257 
LYS HD2  H  N N 258 
LYS HD3  H  N N 259 
LYS HE2  H  N N 260 
LYS HE3  H  N N 261 
LYS HZ1  H  N N 262 
LYS HZ2  H  N N 263 
LYS HZ3  H  N N 264 
LYS HXT  H  N N 265 
MET N    N  N N 266 
MET CA   C  N S 267 
MET C    C  N N 268 
MET O    O  N N 269 
MET CB   C  N N 270 
MET CG   C  N N 271 
MET SD   S  N N 272 
MET CE   C  N N 273 
MET OXT  O  N N 274 
MET H    H  N N 275 
MET H2   H  N N 276 
MET HA   H  N N 277 
MET HB2  H  N N 278 
MET HB3  H  N N 279 
MET HG2  H  N N 280 
MET HG3  H  N N 281 
MET HE1  H  N N 282 
MET HE2  H  N N 283 
MET HE3  H  N N 284 
MET HXT  H  N N 285 
NA  NA   NA N N 286 
PHE N    N  N N 287 
PHE CA   C  N S 288 
PHE C    C  N N 289 
PHE O    O  N N 290 
PHE CB   C  N N 291 
PHE CG   C  Y N 292 
PHE CD1  C  Y N 293 
PHE CD2  C  Y N 294 
PHE CE1  C  Y N 295 
PHE CE2  C  Y N 296 
PHE CZ   C  Y N 297 
PHE OXT  O  N N 298 
PHE H    H  N N 299 
PHE H2   H  N N 300 
PHE HA   H  N N 301 
PHE HB2  H  N N 302 
PHE HB3  H  N N 303 
PHE HD1  H  N N 304 
PHE HD2  H  N N 305 
PHE HE1  H  N N 306 
PHE HE2  H  N N 307 
PHE HZ   H  N N 308 
PHE HXT  H  N N 309 
PRO N    N  N N 310 
PRO CA   C  N S 311 
PRO C    C  N N 312 
PRO O    O  N N 313 
PRO CB   C  N N 314 
PRO CG   C  N N 315 
PRO CD   C  N N 316 
PRO OXT  O  N N 317 
PRO H    H  N N 318 
PRO HA   H  N N 319 
PRO HB2  H  N N 320 
PRO HB3  H  N N 321 
PRO HG2  H  N N 322 
PRO HG3  H  N N 323 
PRO HD2  H  N N 324 
PRO HD3  H  N N 325 
PRO HXT  H  N N 326 
SER N    N  N N 327 
SER CA   C  N S 328 
SER C    C  N N 329 
SER O    O  N N 330 
SER CB   C  N N 331 
SER OG   O  N N 332 
SER OXT  O  N N 333 
SER H    H  N N 334 
SER H2   H  N N 335 
SER HA   H  N N 336 
SER HB2  H  N N 337 
SER HB3  H  N N 338 
SER HG   H  N N 339 
SER HXT  H  N N 340 
THR N    N  N N 341 
THR CA   C  N S 342 
THR C    C  N N 343 
THR O    O  N N 344 
THR CB   C  N R 345 
THR OG1  O  N N 346 
THR CG2  C  N N 347 
THR OXT  O  N N 348 
THR H    H  N N 349 
THR H2   H  N N 350 
THR HA   H  N N 351 
THR HB   H  N N 352 
THR HG1  H  N N 353 
THR HG21 H  N N 354 
THR HG22 H  N N 355 
THR HG23 H  N N 356 
THR HXT  H  N N 357 
TRP N    N  N N 358 
TRP CA   C  N S 359 
TRP C    C  N N 360 
TRP O    O  N N 361 
TRP CB   C  N N 362 
TRP CG   C  Y N 363 
TRP CD1  C  Y N 364 
TRP CD2  C  Y N 365 
TRP NE1  N  Y N 366 
TRP CE2  C  Y N 367 
TRP CE3  C  Y N 368 
TRP CZ2  C  Y N 369 
TRP CZ3  C  Y N 370 
TRP CH2  C  Y N 371 
TRP OXT  O  N N 372 
TRP H    H  N N 373 
TRP H2   H  N N 374 
TRP HA   H  N N 375 
TRP HB2  H  N N 376 
TRP HB3  H  N N 377 
TRP HD1  H  N N 378 
TRP HE1  H  N N 379 
TRP HE3  H  N N 380 
TRP HZ2  H  N N 381 
TRP HZ3  H  N N 382 
TRP HH2  H  N N 383 
TRP HXT  H  N N 384 
TYR N    N  N N 385 
TYR CA   C  N S 386 
TYR C    C  N N 387 
TYR O    O  N N 388 
TYR CB   C  N N 389 
TYR CG   C  Y N 390 
TYR CD1  C  Y N 391 
TYR CD2  C  Y N 392 
TYR CE1  C  Y N 393 
TYR CE2  C  Y N 394 
TYR CZ   C  Y N 395 
TYR OH   O  N N 396 
TYR OXT  O  N N 397 
TYR H    H  N N 398 
TYR H2   H  N N 399 
TYR HA   H  N N 400 
TYR HB2  H  N N 401 
TYR HB3  H  N N 402 
TYR HD1  H  N N 403 
TYR HD2  H  N N 404 
TYR HE1  H  N N 405 
TYR HE2  H  N N 406 
TYR HH   H  N N 407 
TYR HXT  H  N N 408 
VAL N    N  N N 409 
VAL CA   C  N S 410 
VAL C    C  N N 411 
VAL O    O  N N 412 
VAL CB   C  N N 413 
VAL CG1  C  N N 414 
VAL CG2  C  N N 415 
VAL OXT  O  N N 416 
VAL H    H  N N 417 
VAL H2   H  N N 418 
VAL HA   H  N N 419 
VAL HB   H  N N 420 
VAL HG11 H  N N 421 
VAL HG12 H  N N 422 
VAL HG13 H  N N 423 
VAL HG21 H  N N 424 
VAL HG22 H  N N 425 
VAL HG23 H  N N 426 
VAL HXT  H  N N 427 
# 
loop_
_chem_comp_bond.comp_id 
_chem_comp_bond.atom_id_1 
_chem_comp_bond.atom_id_2 
_chem_comp_bond.value_order 
_chem_comp_bond.pdbx_aromatic_flag 
_chem_comp_bond.pdbx_stereo_config 
_chem_comp_bond.pdbx_ordinal 
1F6 C17 O16  sing N N 1   
1F6 C15 O16  sing N N 2   
1F6 C15 C14  sing N N 3   
1F6 F28 C25  sing N N 4   
1F6 C14 N13  sing N N 5   
1F6 N13 C12  sing N N 6   
1F6 C25 F26  sing N N 7   
1F6 C25 F27  sing N N 8   
1F6 C25 C1   sing N N 9   
1F6 C12 C9   doub N Z 10  
1F6 C1  C2   doub Y N 11  
1F6 C1  C6   sing Y N 12  
1F6 C2  C3   sing Y N 13  
1F6 O29 C8   doub N N 14  
1F6 C6  C5   doub Y N 15  
1F6 C23 C22  doub Y N 16  
1F6 C23 C18  sing Y N 17  
1F6 C8  C9   sing N N 18  
1F6 C8  N7   sing N N 19  
1F6 C9  C10  sing N N 20  
1F6 C3  N7   sing N N 21  
1F6 C3  C4   doub Y N 22  
1F6 C22 C21  sing Y N 23  
1F6 N7  C18  sing N N 24  
1F6 C5  C4   sing Y N 25  
1F6 C4  N11  sing N N 26  
1F6 C18 C19  doub Y N 27  
1F6 C10 N11  sing N N 28  
1F6 C10 O30  doub N N 29  
1F6 N11 C24  sing N N 30  
1F6 C21 C20  doub Y N 31  
1F6 C19 C20  sing Y N 32  
1F6 C2  H1   sing N N 33  
1F6 C5  H2   sing N N 34  
1F6 C6  H3   sing N N 35  
1F6 C12 H5   sing N N 36  
1F6 C14 H6   sing N N 37  
1F6 C14 H7   sing N N 38  
1F6 C15 H8   sing N N 39  
1F6 C15 H9   sing N N 40  
1F6 C17 H10  sing N N 41  
1F6 C17 H11  sing N N 42  
1F6 C17 H12  sing N N 43  
1F6 C19 H13  sing N N 44  
1F6 C20 H14  sing N N 45  
1F6 C21 H15  sing N N 46  
1F6 C22 H16  sing N N 47  
1F6 C23 H17  sing N N 48  
1F6 C24 H18  sing N N 49  
1F6 C24 H19  sing N N 50  
1F6 C24 H20  sing N N 51  
1F6 N13 H4   sing N N 52  
ALA N   CA   sing N N 53  
ALA N   H    sing N N 54  
ALA N   H2   sing N N 55  
ALA CA  C    sing N N 56  
ALA CA  CB   sing N N 57  
ALA CA  HA   sing N N 58  
ALA C   O    doub N N 59  
ALA C   OXT  sing N N 60  
ALA CB  HB1  sing N N 61  
ALA CB  HB2  sing N N 62  
ALA CB  HB3  sing N N 63  
ALA OXT HXT  sing N N 64  
ARG N   CA   sing N N 65  
ARG N   H    sing N N 66  
ARG N   H2   sing N N 67  
ARG CA  C    sing N N 68  
ARG CA  CB   sing N N 69  
ARG CA  HA   sing N N 70  
ARG C   O    doub N N 71  
ARG C   OXT  sing N N 72  
ARG CB  CG   sing N N 73  
ARG CB  HB2  sing N N 74  
ARG CB  HB3  sing N N 75  
ARG CG  CD   sing N N 76  
ARG CG  HG2  sing N N 77  
ARG CG  HG3  sing N N 78  
ARG CD  NE   sing N N 79  
ARG CD  HD2  sing N N 80  
ARG CD  HD3  sing N N 81  
ARG NE  CZ   sing N N 82  
ARG NE  HE   sing N N 83  
ARG CZ  NH1  sing N N 84  
ARG CZ  NH2  doub N N 85  
ARG NH1 HH11 sing N N 86  
ARG NH1 HH12 sing N N 87  
ARG NH2 HH21 sing N N 88  
ARG NH2 HH22 sing N N 89  
ARG OXT HXT  sing N N 90  
ASN N   CA   sing N N 91  
ASN N   H    sing N N 92  
ASN N   H2   sing N N 93  
ASN CA  C    sing N N 94  
ASN CA  CB   sing N N 95  
ASN CA  HA   sing N N 96  
ASN C   O    doub N N 97  
ASN C   OXT  sing N N 98  
ASN CB  CG   sing N N 99  
ASN CB  HB2  sing N N 100 
ASN CB  HB3  sing N N 101 
ASN CG  OD1  doub N N 102 
ASN CG  ND2  sing N N 103 
ASN ND2 HD21 sing N N 104 
ASN ND2 HD22 sing N N 105 
ASN OXT HXT  sing N N 106 
ASP N   CA   sing N N 107 
ASP N   H    sing N N 108 
ASP N   H2   sing N N 109 
ASP CA  C    sing N N 110 
ASP CA  CB   sing N N 111 
ASP CA  HA   sing N N 112 
ASP C   O    doub N N 113 
ASP C   OXT  sing N N 114 
ASP CB  CG   sing N N 115 
ASP CB  HB2  sing N N 116 
ASP CB  HB3  sing N N 117 
ASP CG  OD1  doub N N 118 
ASP CG  OD2  sing N N 119 
ASP OD2 HD2  sing N N 120 
ASP OXT HXT  sing N N 121 
GLN N   CA   sing N N 122 
GLN N   H    sing N N 123 
GLN N   H2   sing N N 124 
GLN CA  C    sing N N 125 
GLN CA  CB   sing N N 126 
GLN CA  HA   sing N N 127 
GLN C   O    doub N N 128 
GLN C   OXT  sing N N 129 
GLN CB  CG   sing N N 130 
GLN CB  HB2  sing N N 131 
GLN CB  HB3  sing N N 132 
GLN CG  CD   sing N N 133 
GLN CG  HG2  sing N N 134 
GLN CG  HG3  sing N N 135 
GLN CD  OE1  doub N N 136 
GLN CD  NE2  sing N N 137 
GLN NE2 HE21 sing N N 138 
GLN NE2 HE22 sing N N 139 
GLN OXT HXT  sing N N 140 
GLU N   CA   sing N N 141 
GLU N   H    sing N N 142 
GLU N   H2   sing N N 143 
GLU CA  C    sing N N 144 
GLU CA  CB   sing N N 145 
GLU CA  HA   sing N N 146 
GLU C   O    doub N N 147 
GLU C   OXT  sing N N 148 
GLU CB  CG   sing N N 149 
GLU CB  HB2  sing N N 150 
GLU CB  HB3  sing N N 151 
GLU CG  CD   sing N N 152 
GLU CG  HG2  sing N N 153 
GLU CG  HG3  sing N N 154 
GLU CD  OE1  doub N N 155 
GLU CD  OE2  sing N N 156 
GLU OE2 HE2  sing N N 157 
GLU OXT HXT  sing N N 158 
GLY N   CA   sing N N 159 
GLY N   H    sing N N 160 
GLY N   H2   sing N N 161 
GLY CA  C    sing N N 162 
GLY CA  HA2  sing N N 163 
GLY CA  HA3  sing N N 164 
GLY C   O    doub N N 165 
GLY C   OXT  sing N N 166 
GLY OXT HXT  sing N N 167 
HIS N   CA   sing N N 168 
HIS N   H    sing N N 169 
HIS N   H2   sing N N 170 
HIS CA  C    sing N N 171 
HIS CA  CB   sing N N 172 
HIS CA  HA   sing N N 173 
HIS C   O    doub N N 174 
HIS C   OXT  sing N N 175 
HIS CB  CG   sing N N 176 
HIS CB  HB2  sing N N 177 
HIS CB  HB3  sing N N 178 
HIS CG  ND1  sing Y N 179 
HIS CG  CD2  doub Y N 180 
HIS ND1 CE1  doub Y N 181 
HIS ND1 HD1  sing N N 182 
HIS CD2 NE2  sing Y N 183 
HIS CD2 HD2  sing N N 184 
HIS CE1 NE2  sing Y N 185 
HIS CE1 HE1  sing N N 186 
HIS NE2 HE2  sing N N 187 
HIS OXT HXT  sing N N 188 
HOH O   H1   sing N N 189 
HOH O   H2   sing N N 190 
ILE N   CA   sing N N 191 
ILE N   H    sing N N 192 
ILE N   H2   sing N N 193 
ILE CA  C    sing N N 194 
ILE CA  CB   sing N N 195 
ILE CA  HA   sing N N 196 
ILE C   O    doub N N 197 
ILE C   OXT  sing N N 198 
ILE CB  CG1  sing N N 199 
ILE CB  CG2  sing N N 200 
ILE CB  HB   sing N N 201 
ILE CG1 CD1  sing N N 202 
ILE CG1 HG12 sing N N 203 
ILE CG1 HG13 sing N N 204 
ILE CG2 HG21 sing N N 205 
ILE CG2 HG22 sing N N 206 
ILE CG2 HG23 sing N N 207 
ILE CD1 HD11 sing N N 208 
ILE CD1 HD12 sing N N 209 
ILE CD1 HD13 sing N N 210 
ILE OXT HXT  sing N N 211 
LEU N   CA   sing N N 212 
LEU N   H    sing N N 213 
LEU N   H2   sing N N 214 
LEU CA  C    sing N N 215 
LEU CA  CB   sing N N 216 
LEU CA  HA   sing N N 217 
LEU C   O    doub N N 218 
LEU C   OXT  sing N N 219 
LEU CB  CG   sing N N 220 
LEU CB  HB2  sing N N 221 
LEU CB  HB3  sing N N 222 
LEU CG  CD1  sing N N 223 
LEU CG  CD2  sing N N 224 
LEU CG  HG   sing N N 225 
LEU CD1 HD11 sing N N 226 
LEU CD1 HD12 sing N N 227 
LEU CD1 HD13 sing N N 228 
LEU CD2 HD21 sing N N 229 
LEU CD2 HD22 sing N N 230 
LEU CD2 HD23 sing N N 231 
LEU OXT HXT  sing N N 232 
LYS N   CA   sing N N 233 
LYS N   H    sing N N 234 
LYS N   H2   sing N N 235 
LYS CA  C    sing N N 236 
LYS CA  CB   sing N N 237 
LYS CA  HA   sing N N 238 
LYS C   O    doub N N 239 
LYS C   OXT  sing N N 240 
LYS CB  CG   sing N N 241 
LYS CB  HB2  sing N N 242 
LYS CB  HB3  sing N N 243 
LYS CG  CD   sing N N 244 
LYS CG  HG2  sing N N 245 
LYS CG  HG3  sing N N 246 
LYS CD  CE   sing N N 247 
LYS CD  HD2  sing N N 248 
LYS CD  HD3  sing N N 249 
LYS CE  NZ   sing N N 250 
LYS CE  HE2  sing N N 251 
LYS CE  HE3  sing N N 252 
LYS NZ  HZ1  sing N N 253 
LYS NZ  HZ2  sing N N 254 
LYS NZ  HZ3  sing N N 255 
LYS OXT HXT  sing N N 256 
MET N   CA   sing N N 257 
MET N   H    sing N N 258 
MET N   H2   sing N N 259 
MET CA  C    sing N N 260 
MET CA  CB   sing N N 261 
MET CA  HA   sing N N 262 
MET C   O    doub N N 263 
MET C   OXT  sing N N 264 
MET CB  CG   sing N N 265 
MET CB  HB2  sing N N 266 
MET CB  HB3  sing N N 267 
MET CG  SD   sing N N 268 
MET CG  HG2  sing N N 269 
MET CG  HG3  sing N N 270 
MET SD  CE   sing N N 271 
MET CE  HE1  sing N N 272 
MET CE  HE2  sing N N 273 
MET CE  HE3  sing N N 274 
MET OXT HXT  sing N N 275 
PHE N   CA   sing N N 276 
PHE N   H    sing N N 277 
PHE N   H2   sing N N 278 
PHE CA  C    sing N N 279 
PHE CA  CB   sing N N 280 
PHE CA  HA   sing N N 281 
PHE C   O    doub N N 282 
PHE C   OXT  sing N N 283 
PHE CB  CG   sing N N 284 
PHE CB  HB2  sing N N 285 
PHE CB  HB3  sing N N 286 
PHE CG  CD1  doub Y N 287 
PHE CG  CD2  sing Y N 288 
PHE CD1 CE1  sing Y N 289 
PHE CD1 HD1  sing N N 290 
PHE CD2 CE2  doub Y N 291 
PHE CD2 HD2  sing N N 292 
PHE CE1 CZ   doub Y N 293 
PHE CE1 HE1  sing N N 294 
PHE CE2 CZ   sing Y N 295 
PHE CE2 HE2  sing N N 296 
PHE CZ  HZ   sing N N 297 
PHE OXT HXT  sing N N 298 
PRO N   CA   sing N N 299 
PRO N   CD   sing N N 300 
PRO N   H    sing N N 301 
PRO CA  C    sing N N 302 
PRO CA  CB   sing N N 303 
PRO CA  HA   sing N N 304 
PRO C   O    doub N N 305 
PRO C   OXT  sing N N 306 
PRO CB  CG   sing N N 307 
PRO CB  HB2  sing N N 308 
PRO CB  HB3  sing N N 309 
PRO CG  CD   sing N N 310 
PRO CG  HG2  sing N N 311 
PRO CG  HG3  sing N N 312 
PRO CD  HD2  sing N N 313 
PRO CD  HD3  sing N N 314 
PRO OXT HXT  sing N N 315 
SER N   CA   sing N N 316 
SER N   H    sing N N 317 
SER N   H2   sing N N 318 
SER CA  C    sing N N 319 
SER CA  CB   sing N N 320 
SER CA  HA   sing N N 321 
SER C   O    doub N N 322 
SER C   OXT  sing N N 323 
SER CB  OG   sing N N 324 
SER CB  HB2  sing N N 325 
SER CB  HB3  sing N N 326 
SER OG  HG   sing N N 327 
SER OXT HXT  sing N N 328 
THR N   CA   sing N N 329 
THR N   H    sing N N 330 
THR N   H2   sing N N 331 
THR CA  C    sing N N 332 
THR CA  CB   sing N N 333 
THR CA  HA   sing N N 334 
THR C   O    doub N N 335 
THR C   OXT  sing N N 336 
THR CB  OG1  sing N N 337 
THR CB  CG2  sing N N 338 
THR CB  HB   sing N N 339 
THR OG1 HG1  sing N N 340 
THR CG2 HG21 sing N N 341 
THR CG2 HG22 sing N N 342 
THR CG2 HG23 sing N N 343 
THR OXT HXT  sing N N 344 
TRP N   CA   sing N N 345 
TRP N   H    sing N N 346 
TRP N   H2   sing N N 347 
TRP CA  C    sing N N 348 
TRP CA  CB   sing N N 349 
TRP CA  HA   sing N N 350 
TRP C   O    doub N N 351 
TRP C   OXT  sing N N 352 
TRP CB  CG   sing N N 353 
TRP CB  HB2  sing N N 354 
TRP CB  HB3  sing N N 355 
TRP CG  CD1  doub Y N 356 
TRP CG  CD2  sing Y N 357 
TRP CD1 NE1  sing Y N 358 
TRP CD1 HD1  sing N N 359 
TRP CD2 CE2  doub Y N 360 
TRP CD2 CE3  sing Y N 361 
TRP NE1 CE2  sing Y N 362 
TRP NE1 HE1  sing N N 363 
TRP CE2 CZ2  sing Y N 364 
TRP CE3 CZ3  doub Y N 365 
TRP CE3 HE3  sing N N 366 
TRP CZ2 CH2  doub Y N 367 
TRP CZ2 HZ2  sing N N 368 
TRP CZ3 CH2  sing Y N 369 
TRP CZ3 HZ3  sing N N 370 
TRP CH2 HH2  sing N N 371 
TRP OXT HXT  sing N N 372 
TYR N   CA   sing N N 373 
TYR N   H    sing N N 374 
TYR N   H2   sing N N 375 
TYR CA  C    sing N N 376 
TYR CA  CB   sing N N 377 
TYR CA  HA   sing N N 378 
TYR C   O    doub N N 379 
TYR C   OXT  sing N N 380 
TYR CB  CG   sing N N 381 
TYR CB  HB2  sing N N 382 
TYR CB  HB3  sing N N 383 
TYR CG  CD1  doub Y N 384 
TYR CG  CD2  sing Y N 385 
TYR CD1 CE1  sing Y N 386 
TYR CD1 HD1  sing N N 387 
TYR CD2 CE2  doub Y N 388 
TYR CD2 HD2  sing N N 389 
TYR CE1 CZ   doub Y N 390 
TYR CE1 HE1  sing N N 391 
TYR CE2 CZ   sing Y N 392 
TYR CE2 HE2  sing N N 393 
TYR CZ  OH   sing N N 394 
TYR OH  HH   sing N N 395 
TYR OXT HXT  sing N N 396 
VAL N   CA   sing N N 397 
VAL N   H    sing N N 398 
VAL N   H2   sing N N 399 
VAL CA  C    sing N N 400 
VAL CA  CB   sing N N 401 
VAL CA  HA   sing N N 402 
VAL C   O    doub N N 403 
VAL C   OXT  sing N N 404 
VAL CB  CG1  sing N N 405 
VAL CB  CG2  sing N N 406 
VAL CB  HB   sing N N 407 
VAL CG1 HG11 sing N N 408 
VAL CG1 HG12 sing N N 409 
VAL CG1 HG13 sing N N 410 
VAL CG2 HG21 sing N N 411 
VAL CG2 HG22 sing N N 412 
VAL CG2 HG23 sing N N 413 
VAL OXT HXT  sing N N 414 
# 
_atom_sites.entry_id                    4INB 
_atom_sites.fract_transf_matrix[1][1]   -0.00466194 
_atom_sites.fract_transf_matrix[1][2]   -0.00098660 
_atom_sites.fract_transf_matrix[1][3]   -0.01369781 
_atom_sites.fract_transf_matrix[2][1]   -0.00649324 
_atom_sites.fract_transf_matrix[2][2]   -0.00868685 
_atom_sites.fract_transf_matrix[2][3]   0.00283560 
_atom_sites.fract_transf_matrix[3][1]   -0.01907594 
_atom_sites.fract_transf_matrix[3][2]   0.01600192 
_atom_sites.fract_transf_matrix[3][3]   0.00533978 
_atom_sites.fract_transf_vector[1]      0.370785 
_atom_sites.fract_transf_vector[2]      0.285677 
_atom_sites.fract_transf_vector[3]      1.033126 
# 
loop_
_atom_type.symbol 
C  
F  
N  
NA 
O  
S  
# 
loop_
_atom_site.group_PDB 
_atom_site.id 
_atom_site.type_symbol 
_atom_site.label_atom_id 
_atom_site.label_alt_id 
_atom_site.label_comp_id 
_atom_site.label_asym_id 
_atom_site.label_entity_id 
_atom_site.label_seq_id 
_atom_site.pdbx_PDB_ins_code 
_atom_site.Cartn_x 
_atom_site.Cartn_y 
_atom_site.Cartn_z 
_atom_site.occupancy 
_atom_site.B_iso_or_equiv 
_atom_site.pdbx_formal_charge 
_atom_site.auth_seq_id 
_atom_site.auth_comp_id 
_atom_site.auth_asym_id 
_atom_site.auth_atom_id 
_atom_site.pdbx_PDB_model_num 
ATOM   1    N  N   . PRO A 1 1   ? 4.530   -9.323  -2.196  1.00 28.69 ? 1    PRO A N   1 
ATOM   2    C  CA  . PRO A 1 1   ? 3.229   -9.638  -2.832  1.00 29.54 ? 1    PRO A CA  1 
ATOM   3    C  C   . PRO A 1 1   ? 2.772   -11.074 -2.593  1.00 29.94 ? 1    PRO A C   1 
ATOM   4    O  O   . PRO A 1 1   ? 3.516   -11.890 -2.051  1.00 31.50 ? 1    PRO A O   1 
ATOM   5    C  CB  . PRO A 1 1   ? 3.372   -9.346  -4.323  1.00 28.28 ? 1    PRO A CB  1 
ATOM   6    C  CG  . PRO A 1 1   ? 4.886   -9.303  -4.508  1.00 30.44 ? 1    PRO A CG  1 
ATOM   7    C  CD  . PRO A 1 1   ? 5.439   -8.737  -3.194  1.00 29.80 ? 1    PRO A CD  1 
ATOM   8    N  N   . ILE A 1 2   ? 1.540   -11.375 -2.990  1.00 30.64 ? 2    ILE A N   1 
ATOM   9    C  CA  . ILE A 1 2   ? 0.990   -12.715 -2.818  1.00 30.66 ? 2    ILE A CA  1 
ATOM   10   C  C   . ILE A 1 2   ? 1.144   -13.522 -4.096  1.00 31.30 ? 2    ILE A C   1 
ATOM   11   O  O   . ILE A 1 2   ? 0.901   -13.017 -5.196  1.00 30.90 ? 2    ILE A O   1 
ATOM   12   C  CB  . ILE A 1 2   ? -0.513  -12.684 -2.472  1.00 31.39 ? 2    ILE A CB  1 
ATOM   13   C  CG1 . ILE A 1 2   ? -0.778  -11.711 -1.330  1.00 30.81 ? 2    ILE A CG1 1 
ATOM   14   C  CG2 . ILE A 1 2   ? -0.979  -14.079 -2.067  1.00 30.37 ? 2    ILE A CG2 1 
ATOM   15   C  CD1 . ILE A 1 2   ? -2.245  -11.492 -1.077  1.00 32.85 ? 2    ILE A CD1 1 
ATOM   16   N  N   . VAL A 1 3   ? 1.538   -14.783 -3.938  1.00 31.87 ? 3    VAL A N   1 
ATOM   17   C  CA  . VAL A 1 3   ? 1.733   -15.699 -5.060  1.00 34.44 ? 3    VAL A CA  1 
ATOM   18   C  C   . VAL A 1 3   ? 1.396   -17.110 -4.582  1.00 35.68 ? 3    VAL A C   1 
ATOM   19   O  O   . VAL A 1 3   ? 1.469   -17.394 -3.385  1.00 36.71 ? 3    VAL A O   1 
ATOM   20   C  CB  . VAL A 1 3   ? 3.203   -15.711 -5.535  1.00 34.08 ? 3    VAL A CB  1 
ATOM   21   C  CG1 . VAL A 1 3   ? 3.671   -14.302 -5.835  1.00 33.95 ? 3    VAL A CG1 1 
ATOM   22   C  CG2 . VAL A 1 3   ? 4.081   -16.362 -4.474  1.00 33.01 ? 3    VAL A CG2 1 
ATOM   23   N  N   . GLN A 1 4   ? 1.022   -17.998 -5.496  1.00 37.91 ? 4    GLN A N   1 
ATOM   24   C  CA  . GLN A 1 4   ? 0.713   -19.364 -5.087  1.00 40.54 ? 4    GLN A CA  1 
ATOM   25   C  C   . GLN A 1 4   ? 1.982   -20.200 -5.109  1.00 40.46 ? 4    GLN A C   1 
ATOM   26   O  O   . GLN A 1 4   ? 2.763   -20.142 -6.059  1.00 41.33 ? 4    GLN A O   1 
ATOM   27   C  CB  . GLN A 1 4   ? -0.320  -20.008 -6.016  1.00 42.41 ? 4    GLN A CB  1 
ATOM   28   C  CG  . GLN A 1 4   ? 0.071   -20.034 -7.493  1.00 45.42 ? 4    GLN A CG  1 
ATOM   29   C  CD  . GLN A 1 4   ? -0.502  -21.239 -8.228  1.00 47.53 ? 4    GLN A CD  1 
ATOM   30   O  OE1 . GLN A 1 4   ? -1.631  -21.659 -7.969  1.00 48.46 ? 4    GLN A OE1 1 
ATOM   31   N  NE2 . GLN A 1 4   ? 0.273   -21.793 -9.156  1.00 48.80 ? 4    GLN A NE2 1 
ATOM   32   N  N   . ASN A 1 5   ? 2.182   -20.978 -4.055  1.00 40.92 ? 5    ASN A N   1 
ATOM   33   C  CA  . ASN A 1 5   ? 3.357   -21.815 -3.982  1.00 42.21 ? 5    ASN A CA  1 
ATOM   34   C  C   . ASN A 1 5   ? 3.167   -23.089 -4.790  1.00 42.84 ? 5    ASN A C   1 
ATOM   35   O  O   . ASN A 1 5   ? 2.312   -23.152 -5.674  1.00 42.70 ? 5    ASN A O   1 
ATOM   36   C  CB  . ASN A 1 5   ? 3.688   -22.153 -2.532  1.00 41.83 ? 5    ASN A CB  1 
ATOM   37   C  CG  . ASN A 1 5   ? 2.567   -22.885 -1.838  1.00 42.19 ? 5    ASN A CG  1 
ATOM   38   O  OD1 . ASN A 1 5   ? 1.840   -23.664 -2.459  1.00 41.67 ? 5    ASN A OD1 1 
ATOM   39   N  ND2 . ASN A 1 5   ? 2.428   -22.654 -0.538  1.00 43.19 ? 5    ASN A ND2 1 
ATOM   40   N  N   . LEU A 1 6   ? 3.962   -24.104 -4.472  1.00 43.37 ? 6    LEU A N   1 
ATOM   41   C  CA  . LEU A 1 6   ? 3.920   -25.363 -5.194  1.00 44.37 ? 6    LEU A CA  1 
ATOM   42   C  C   . LEU A 1 6   ? 2.824   -26.324 -4.765  1.00 45.93 ? 6    LEU A C   1 
ATOM   43   O  O   . LEU A 1 6   ? 2.775   -27.462 -5.232  1.00 46.45 ? 6    LEU A O   1 
ATOM   44   C  CB  . LEU A 1 6   ? 5.287   -26.034 -5.107  1.00 43.94 ? 6    LEU A CB  1 
ATOM   45   C  CG  . LEU A 1 6   ? 6.393   -25.124 -5.638  1.00 42.92 ? 6    LEU A CG  1 
ATOM   46   C  CD1 . LEU A 1 6   ? 7.716   -25.844 -5.557  1.00 44.02 ? 6    LEU A CD1 1 
ATOM   47   C  CD2 . LEU A 1 6   ? 6.077   -24.711 -7.068  1.00 44.49 ? 6    LEU A CD2 1 
ATOM   48   N  N   . GLN A 1 7   ? 1.956   -25.878 -3.864  1.00 46.93 ? 7    GLN A N   1 
ATOM   49   C  CA  . GLN A 1 7   ? 0.840   -26.709 -3.427  1.00 48.29 ? 7    GLN A CA  1 
ATOM   50   C  C   . GLN A 1 7   ? -0.432  -26.157 -4.078  1.00 48.65 ? 7    GLN A C   1 
ATOM   51   O  O   . GLN A 1 7   ? -1.056  -26.816 -4.929  1.00 49.93 ? 7    GLN A O   1 
ATOM   52   C  CB  . GLN A 1 7   ? 0.696   -26.679 -1.904  1.00 49.26 ? 7    GLN A CB  1 
ATOM   53   C  CG  . GLN A 1 7   ? 1.916   -27.156 -1.125  1.00 50.92 ? 7    GLN A CG  1 
ATOM   54   C  CD  . GLN A 1 7   ? 1.524   -27.684 0.250   1.00 52.59 ? 7    GLN A CD  1 
ATOM   55   O  OE1 . GLN A 1 7   ? 0.856   -26.998 1.016   1.00 53.62 ? 7    GLN A OE1 1 
ATOM   56   N  NE2 . GLN A 1 7   ? 1.929   -28.908 0.561   1.00 53.19 ? 7    GLN A NE2 1 
ATOM   57   N  N   . GLY A 1 8   ? -0.795  -24.940 -3.669  1.00 48.60 ? 8    GLY A N   1 
ATOM   58   C  CA  . GLY A 1 8   ? -1.973  -24.264 -4.198  1.00 48.83 ? 8    GLY A CA  1 
ATOM   59   C  C   . GLY A 1 8   ? -2.183  -22.998 -3.390  1.00 48.95 ? 8    GLY A C   1 
ATOM   60   O  O   . GLY A 1 8   ? -2.739  -21.992 -3.857  1.00 49.57 ? 8    GLY A O   1 
ATOM   61   N  N   . GLN A 1 9   ? -1.665  -23.072 -2.167  1.00 48.68 ? 9    GLN A N   1 
ATOM   62   C  CA  . GLN A 1 9   ? -1.738  -22.012 -1.172  1.00 48.39 ? 9    GLN A CA  1 
ATOM   63   C  C   . GLN A 1 9   ? -1.267  -20.638 -1.653  1.00 47.65 ? 9    GLN A C   1 
ATOM   64   O  O   . GLN A 1 9   ? -0.294  -20.520 -2.405  1.00 47.25 ? 9    GLN A O   1 
ATOM   65   C  CB  . GLN A 1 9   ? -0.930  -22.433 0.064   1.00 48.54 ? 9    GLN A CB  1 
ATOM   66   C  CG  . GLN A 1 9   ? -1.117  -21.545 1.284   1.00 50.21 ? 9    GLN A CG  1 
ATOM   67   C  CD  . GLN A 1 9   ? -1.382  -22.356 2.546   1.00 50.80 ? 9    GLN A CD  1 
ATOM   68   O  OE1 . GLN A 1 9   ? -0.574  -23.187 2.938   1.00 51.64 ? 9    GLN A OE1 1 
ATOM   69   N  NE2 . GLN A 1 9   ? -2.515  -22.121 3.179   1.00 51.17 ? 9    GLN A NE2 1 
ATOM   70   N  N   . MET A 1 10  ? -1.990  -19.602 -1.232  1.00 46.93 ? 10   MET A N   1 
ATOM   71   C  CA  . MET A 1 10  ? -1.636  -18.225 -1.564  1.00 45.50 ? 10   MET A CA  1 
ATOM   72   C  C   . MET A 1 10  ? -0.696  -17.756 -0.459  1.00 44.12 ? 10   MET A C   1 
ATOM   73   O  O   . MET A 1 10  ? -1.127  -17.486 0.664   1.00 44.92 ? 10   MET A O   1 
ATOM   74   C  CB  . MET A 1 10  ? -2.874  -17.326 -1.601  1.00 47.33 ? 10   MET A CB  1 
ATOM   75   C  CG  . MET A 1 10  ? -3.740  -17.493 -2.830  1.00 48.50 ? 10   MET A CG  1 
ATOM   76   S  SD  . MET A 1 10  ? -2.836  -17.264 -4.373  1.00 52.96 ? 10   MET A SD  1 
ATOM   77   C  CE  . MET A 1 10  ? -3.038  -18.881 -5.085  1.00 50.98 ? 10   MET A CE  1 
ATOM   78   N  N   . VAL A 1 11  ? 0.590   -17.669 -0.774  1.00 40.89 ? 11   VAL A N   1 
ATOM   79   C  CA  . VAL A 1 11  ? 1.572   -17.262 0.215   1.00 38.26 ? 11   VAL A CA  1 
ATOM   80   C  C   . VAL A 1 11  ? 2.207   -15.912 -0.100  1.00 35.64 ? 11   VAL A C   1 
ATOM   81   O  O   . VAL A 1 11  ? 2.224   -15.465 -1.247  1.00 34.36 ? 11   VAL A O   1 
ATOM   82   C  CB  . VAL A 1 11  ? 2.691   -18.315 0.347   1.00 38.56 ? 11   VAL A CB  1 
ATOM   83   C  CG1 . VAL A 1 11  ? 3.552   -18.322 -0.904  1.00 39.21 ? 11   VAL A CG1 1 
ATOM   84   C  CG2 . VAL A 1 11  ? 3.527   -18.030 1.582   1.00 41.18 ? 11   VAL A CG2 1 
ATOM   85   N  N   . HIS A 1 12  ? 2.727   -15.262 0.932   1.00 31.78 ? 12   HIS A N   1 
ATOM   86   C  CA  . HIS A 1 12  ? 3.360   -13.969 0.755   1.00 29.12 ? 12   HIS A CA  1 
ATOM   87   C  C   . HIS A 1 12  ? 4.820   -14.143 0.384   1.00 28.45 ? 12   HIS A C   1 
ATOM   88   O  O   . HIS A 1 12  ? 5.516   -15.008 0.922   1.00 28.55 ? 12   HIS A O   1 
ATOM   89   C  CB  . HIS A 1 12  ? 3.236   -13.132 2.030   1.00 27.56 ? 12   HIS A CB  1 
ATOM   90   C  CG  . HIS A 1 12  ? 4.019   -11.857 1.988   1.00 26.13 ? 12   HIS A CG  1 
ATOM   91   N  ND1 . HIS A 1 12  ? 5.345   -11.788 2.355   1.00 25.61 ? 12   HIS A ND1 1 
ATOM   92   C  CD2 . HIS A 1 12  ? 3.678   -10.614 1.574   1.00 26.10 ? 12   HIS A CD2 1 
ATOM   93   C  CE1 . HIS A 1 12  ? 5.789   -10.558 2.167   1.00 26.76 ? 12   HIS A CE1 1 
ATOM   94   N  NE2 . HIS A 1 12  ? 4.797   -9.826  1.692   1.00 24.33 ? 12   HIS A NE2 1 
ATOM   95   N  N   . GLN A 1 13  ? 5.269   -13.312 -0.549  1.00 26.98 ? 13   GLN A N   1 
ATOM   96   C  CA  . GLN A 1 13  ? 6.641   -13.333 -1.032  1.00 27.75 ? 13   GLN A CA  1 
ATOM   97   C  C   . GLN A 1 13  ? 7.166   -11.902 -0.937  1.00 29.21 ? 13   GLN A C   1 
ATOM   98   O  O   . GLN A 1 13  ? 6.716   -11.016 -1.662  1.00 28.32 ? 13   GLN A O   1 
ATOM   99   C  CB  . GLN A 1 13  ? 6.651   -13.804 -2.486  1.00 29.90 ? 13   GLN A CB  1 
ATOM   100  C  CG  . GLN A 1 13  ? 7.995   -14.223 -3.020  1.00 31.05 ? 13   GLN A CG  1 
ATOM   101  C  CD  . GLN A 1 13  ? 7.878   -14.842 -4.394  1.00 30.58 ? 13   GLN A CD  1 
ATOM   102  O  OE1 . GLN A 1 13  ? 7.602   -14.155 -5.374  1.00 35.31 ? 13   GLN A OE1 1 
ATOM   103  N  NE2 . GLN A 1 13  ? 8.070   -16.150 -4.468  1.00 30.20 ? 13   GLN A NE2 1 
ATOM   104  N  N   . ALA A 1 14  ? 8.105   -11.675 -0.030  1.00 30.53 ? 14   ALA A N   1 
ATOM   105  C  CA  . ALA A 1 14  ? 8.659   -10.340 0.151   1.00 30.46 ? 14   ALA A CA  1 
ATOM   106  C  C   . ALA A 1 14  ? 9.317   -9.820  -1.119  1.00 30.76 ? 14   ALA A C   1 
ATOM   107  O  O   . ALA A 1 14  ? 9.697   -10.590 -2.004  1.00 29.57 ? 14   ALA A O   1 
ATOM   108  C  CB  . ALA A 1 14  ? 9.663   -10.347 1.288   1.00 30.18 ? 14   ALA A CB  1 
ATOM   109  N  N   . ILE A 1 15  ? 9.441   -8.499  -1.204  1.00 30.57 ? 15   ILE A N   1 
ATOM   110  C  CA  . ILE A 1 15  ? 10.069  -7.870  -2.352  1.00 30.51 ? 15   ILE A CA  1 
ATOM   111  C  C   . ILE A 1 15  ? 11.579  -8.072  -2.236  1.00 28.33 ? 15   ILE A C   1 
ATOM   112  O  O   . ILE A 1 15  ? 12.149  -7.955  -1.152  1.00 29.55 ? 15   ILE A O   1 
ATOM   113  C  CB  . ILE A 1 15  ? 9.785   -6.359  -2.395  1.00 30.11 ? 15   ILE A CB  1 
ATOM   114  C  CG1 . ILE A 1 15  ? 8.273   -6.110  -2.397  1.00 32.08 ? 15   ILE A CG1 1 
ATOM   115  C  CG2 . ILE A 1 15  ? 10.424  -5.756  -3.637  1.00 30.47 ? 15   ILE A CG2 1 
ATOM   116  C  CD1 . ILE A 1 15  ? 7.895   -4.638  -2.402  1.00 32.16 ? 15   ILE A CD1 1 
ATOM   117  N  N   . SER A 1 16  ? 12.217  -8.380  -3.356  1.00 25.94 ? 16   SER A N   1 
ATOM   118  C  CA  . SER A 1 16  ? 13.657  -8.601  -3.388  1.00 23.34 ? 16   SER A CA  1 
ATOM   119  C  C   . SER A 1 16  ? 14.456  -7.346  -3.065  1.00 21.05 ? 16   SER A C   1 
ATOM   120  O  O   . SER A 1 16  ? 14.176  -6.271  -3.590  1.00 20.40 ? 16   SER A O   1 
ATOM   121  C  CB  . SER A 1 16  ? 14.060  -9.095  -4.775  1.00 25.50 ? 16   SER A CB  1 
ATOM   122  O  OG  . SER A 1 16  ? 15.452  -8.962  -4.976  1.00 28.71 ? 16   SER A OG  1 
ATOM   123  N  N   . PRO A 1 17  ? 15.473  -7.466  -2.200  1.00 19.66 ? 17   PRO A N   1 
ATOM   124  C  CA  . PRO A 1 17  ? 16.282  -6.293  -1.864  1.00 18.66 ? 17   PRO A CA  1 
ATOM   125  C  C   . PRO A 1 17  ? 16.936  -5.700  -3.108  1.00 17.34 ? 17   PRO A C   1 
ATOM   126  O  O   . PRO A 1 17  ? 17.123  -4.490  -3.200  1.00 16.78 ? 17   PRO A O   1 
ATOM   127  C  CB  . PRO A 1 17  ? 17.310  -6.849  -0.872  1.00 18.02 ? 17   PRO A CB  1 
ATOM   128  C  CG  . PRO A 1 17  ? 17.385  -8.297  -1.228  1.00 23.56 ? 17   PRO A CG  1 
ATOM   129  C  CD  . PRO A 1 17  ? 15.944  -8.649  -1.463  1.00 20.16 ? 17   PRO A CD  1 
ATOM   130  N  N   . ARG A 1 18  ? 17.269  -6.550  -4.078  1.00 18.77 ? 18   ARG A N   1 
ATOM   131  C  CA  . ARG A 1 18  ? 17.913  -6.065  -5.292  1.00 19.42 ? 18   ARG A CA  1 
ATOM   132  C  C   . ARG A 1 18  ? 16.932  -5.213  -6.098  1.00 19.24 ? 18   ARG A C   1 
ATOM   133  O  O   . ARG A 1 18  ? 17.331  -4.264  -6.772  1.00 17.79 ? 18   ARG A O   1 
ATOM   134  C  CB  . ARG A 1 18  ? 18.442  -7.244  -6.129  1.00 22.85 ? 18   ARG A CB  1 
ATOM   135  C  CG  . ARG A 1 18  ? 17.439  -7.858  -7.072  1.00 32.05 ? 18   ARG A CG  1 
ATOM   136  C  CD  . ARG A 1 18  ? 17.975  -9.144  -7.704  1.00 36.22 ? 18   ARG A CD  1 
ATOM   137  N  NE  . ARG A 1 18  ? 17.169  -9.545  -8.854  1.00 42.05 ? 18   ARG A NE  1 
ATOM   138  C  CZ  . ARG A 1 18  ? 17.039  -10.797 -9.279  1.00 43.96 ? 18   ARG A CZ  1 
ATOM   139  N  NH1 . ARG A 1 18  ? 17.660  -11.786 -8.649  1.00 44.91 ? 18   ARG A NH1 1 
ATOM   140  N  NH2 . ARG A 1 18  ? 16.282  -11.064 -10.334 1.00 46.07 ? 18   ARG A NH2 1 
ATOM   141  N  N   . THR A 1 19  ? 15.646  -5.547  -6.015  1.00 18.18 ? 19   THR A N   1 
ATOM   142  C  CA  . THR A 1 19  ? 14.618  -4.784  -6.720  1.00 16.99 ? 19   THR A CA  1 
ATOM   143  C  C   . THR A 1 19  ? 14.486  -3.437  -6.025  1.00 17.75 ? 19   THR A C   1 
ATOM   144  O  O   . THR A 1 19  ? 14.439  -2.390  -6.668  1.00 18.12 ? 19   THR A O   1 
ATOM   145  C  CB  . THR A 1 19  ? 13.258  -5.496  -6.673  1.00 17.51 ? 19   THR A CB  1 
ATOM   146  O  OG1 . THR A 1 19  ? 13.359  -6.760  -7.343  1.00 18.46 ? 19   THR A OG1 1 
ATOM   147  C  CG2 . THR A 1 19  ? 12.189  -4.652  -7.348  1.00 18.67 ? 19   THR A CG2 1 
ATOM   148  N  N   . LEU A 1 20  ? 14.433  -3.470  -4.700  1.00 17.00 ? 20   LEU A N   1 
ATOM   149  C  CA  . LEU A 1 20  ? 14.321  -2.240  -3.924  1.00 19.04 ? 20   LEU A CA  1 
ATOM   150  C  C   . LEU A 1 20  ? 15.490  -1.303  -4.202  1.00 19.30 ? 20   LEU A C   1 
ATOM   151  O  O   . LEU A 1 20  ? 15.300  -0.109  -4.416  1.00 20.84 ? 20   LEU A O   1 
ATOM   152  C  CB  . LEU A 1 20  ? 14.269  -2.556  -2.426  1.00 17.08 ? 20   LEU A CB  1 
ATOM   153  C  CG  . LEU A 1 20  ? 12.973  -3.164  -1.885  1.00 19.55 ? 20   LEU A CG  1 
ATOM   154  C  CD1 . LEU A 1 20  ? 13.132  -3.448  -0.408  1.00 19.73 ? 20   LEU A CD1 1 
ATOM   155  C  CD2 . LEU A 1 20  ? 11.810  -2.199  -2.124  1.00 18.45 ? 20   LEU A CD2 1 
ATOM   156  N  N   . ASN A 1 21  ? 16.702  -1.849  -4.197  1.00 19.51 ? 21   ASN A N   1 
ATOM   157  C  CA  . ASN A 1 21  ? 17.888  -1.042  -4.445  1.00 18.88 ? 21   ASN A CA  1 
ATOM   158  C  C   . ASN A 1 21  ? 17.834  -0.414  -5.839  1.00 19.28 ? 21   ASN A C   1 
ATOM   159  O  O   . ASN A 1 21  ? 18.132  0.769   -6.009  1.00 17.22 ? 21   ASN A O   1 
ATOM   160  C  CB  . ASN A 1 21  ? 19.146  -1.912  -4.292  1.00 17.83 ? 21   ASN A CB  1 
ATOM   161  C  CG  . ASN A 1 21  ? 20.434  -1.112  -4.404  1.00 20.13 ? 21   ASN A CG  1 
ATOM   162  O  OD1 . ASN A 1 21  ? 20.686  -0.200  -3.617  1.00 24.25 ? 21   ASN A OD1 1 
ATOM   163  N  ND2 . ASN A 1 21  ? 21.257  -1.458  -5.385  1.00 22.24 ? 21   ASN A ND2 1 
ATOM   164  N  N   . ALA A 1 22  ? 17.454  -1.200  -6.841  1.00 18.12 ? 22   ALA A N   1 
ATOM   165  C  CA  . ALA A 1 22  ? 17.375  -0.671  -8.198  1.00 20.03 ? 22   ALA A CA  1 
ATOM   166  C  C   . ALA A 1 22  ? 16.288  0.400   -8.293  1.00 19.37 ? 22   ALA A C   1 
ATOM   167  O  O   . ALA A 1 22  ? 16.452  1.405   -8.985  1.00 20.82 ? 22   ALA A O   1 
ATOM   168  C  CB  . ALA A 1 22  ? 17.096  -1.796  -9.192  1.00 18.81 ? 22   ALA A CB  1 
ATOM   169  N  N   . TRP A 1 23  ? 15.190  0.197   -7.582  1.00 21.53 ? 23   TRP A N   1 
ATOM   170  C  CA  . TRP A 1 23  ? 14.086  1.158   -7.609  1.00 21.51 ? 23   TRP A CA  1 
ATOM   171  C  C   . TRP A 1 23  ? 14.474  2.528   -7.036  1.00 21.95 ? 23   TRP A C   1 
ATOM   172  O  O   . TRP A 1 23  ? 14.134  3.569   -7.607  1.00 20.09 ? 23   TRP A O   1 
ATOM   173  C  CB  . TRP A 1 23  ? 12.884  0.592   -6.844  1.00 21.84 ? 23   TRP A CB  1 
ATOM   174  C  CG  . TRP A 1 23  ? 11.668  1.472   -6.874  1.00 23.37 ? 23   TRP A CG  1 
ATOM   175  C  CD1 . TRP A 1 23  ? 10.989  1.965   -5.800  1.00 22.68 ? 23   TRP A CD1 1 
ATOM   176  C  CD2 . TRP A 1 23  ? 10.993  1.974   -8.037  1.00 24.37 ? 23   TRP A CD2 1 
ATOM   177  N  NE1 . TRP A 1 23  ? 9.937   2.743   -6.219  1.00 23.89 ? 23   TRP A NE1 1 
ATOM   178  C  CE2 . TRP A 1 23  ? 9.918   2.764   -7.588  1.00 24.84 ? 23   TRP A CE2 1 
ATOM   179  C  CE3 . TRP A 1 23  ? 11.196  1.830   -9.413  1.00 25.86 ? 23   TRP A CE3 1 
ATOM   180  C  CZ2 . TRP A 1 23  ? 9.047   3.411   -8.463  1.00 25.72 ? 23   TRP A CZ2 1 
ATOM   181  C  CZ3 . TRP A 1 23  ? 10.329  2.472   -10.282 1.00 28.73 ? 23   TRP A CZ3 1 
ATOM   182  C  CH2 . TRP A 1 23  ? 9.268   3.252   -9.803  1.00 26.83 ? 23   TRP A CH2 1 
ATOM   183  N  N   . VAL A 1 24  ? 15.178  2.538   -5.909  1.00 21.52 ? 24   VAL A N   1 
ATOM   184  C  CA  . VAL A 1 24  ? 15.591  3.800   -5.307  1.00 21.91 ? 24   VAL A CA  1 
ATOM   185  C  C   . VAL A 1 24  ? 16.501  4.552   -6.272  1.00 24.47 ? 24   VAL A C   1 
ATOM   186  O  O   . VAL A 1 24  ? 16.470  5.780   -6.337  1.00 23.99 ? 24   VAL A O   1 
ATOM   187  C  CB  . VAL A 1 24  ? 16.341  3.580   -3.976  1.00 22.66 ? 24   VAL A CB  1 
ATOM   188  C  CG1 . VAL A 1 24  ? 16.669  4.922   -3.336  1.00 24.65 ? 24   VAL A CG1 1 
ATOM   189  C  CG2 . VAL A 1 24  ? 15.492  2.748   -3.036  1.00 21.98 ? 24   VAL A CG2 1 
ATOM   190  N  N   . LYS A 1 25  ? 17.311  3.818   -7.026  1.00 24.73 ? 25   LYS A N   1 
ATOM   191  C  CA  . LYS A 1 25  ? 18.200  4.449   -7.991  1.00 26.37 ? 25   LYS A CA  1 
ATOM   192  C  C   . LYS A 1 25  ? 17.383  5.107   -9.104  1.00 26.64 ? 25   LYS A C   1 
ATOM   193  O  O   . LYS A 1 25  ? 17.724  6.192   -9.580  1.00 27.27 ? 25   LYS A O   1 
ATOM   194  C  CB  . LYS A 1 25  ? 19.172  3.416   -8.561  1.00 28.09 ? 25   LYS A CB  1 
ATOM   195  C  CG  . LYS A 1 25  ? 20.575  3.523   -7.978  1.00 32.94 ? 25   LYS A CG  1 
ATOM   196  C  CD  . LYS A 1 25  ? 20.571  3.641   -6.452  1.00 36.42 ? 25   LYS A CD  1 
ATOM   197  C  CE  . LYS A 1 25  ? 20.576  2.283   -5.757  1.00 39.10 ? 25   LYS A CE  1 
ATOM   198  N  NZ  . LYS A 1 25  ? 20.540  2.425   -4.268  1.00 40.17 ? 25   LYS A NZ  1 
ATOM   199  N  N   . VAL A 1 26  ? 16.294  4.460   -9.505  1.00 27.13 ? 26   VAL A N   1 
ATOM   200  C  CA  . VAL A 1 26  ? 15.433  5.010   -10.544 1.00 28.52 ? 26   VAL A CA  1 
ATOM   201  C  C   . VAL A 1 26  ? 14.815  6.317   -10.066 1.00 28.87 ? 26   VAL A C   1 
ATOM   202  O  O   . VAL A 1 26  ? 14.932  7.351   -10.725 1.00 29.74 ? 26   VAL A O   1 
ATOM   203  C  CB  . VAL A 1 26  ? 14.301  4.038   -10.914 1.00 29.86 ? 26   VAL A CB  1 
ATOM   204  C  CG1 . VAL A 1 26  ? 13.303  4.731   -11.830 1.00 28.81 ? 26   VAL A CG1 1 
ATOM   205  C  CG2 . VAL A 1 26  ? 14.878  2.805   -11.601 1.00 30.50 ? 26   VAL A CG2 1 
ATOM   206  N  N   . VAL A 1 27  ? 14.162  6.273   -8.912  1.00 28.92 ? 27   VAL A N   1 
ATOM   207  C  CA  . VAL A 1 27  ? 13.531  7.464   -8.357  1.00 28.83 ? 27   VAL A CA  1 
ATOM   208  C  C   . VAL A 1 27  ? 14.545  8.601   -8.210  1.00 28.62 ? 27   VAL A C   1 
ATOM   209  O  O   . VAL A 1 27  ? 14.228  9.762   -8.472  1.00 28.79 ? 27   VAL A O   1 
ATOM   210  C  CB  . VAL A 1 27  ? 12.897  7.174   -6.973  1.00 29.14 ? 27   VAL A CB  1 
ATOM   211  C  CG1 . VAL A 1 27  ? 12.335  8.457   -6.376  1.00 31.47 ? 27   VAL A CG1 1 
ATOM   212  C  CG2 . VAL A 1 27  ? 11.794  6.137   -7.111  1.00 29.52 ? 27   VAL A CG2 1 
ATOM   213  N  N   . GLU A 1 28  ? 15.764  8.268   -7.798  1.00 27.76 ? 28   GLU A N   1 
ATOM   214  C  CA  . GLU A 1 28  ? 16.803  9.276   -7.620  1.00 30.91 ? 28   GLU A CA  1 
ATOM   215  C  C   . GLU A 1 28  ? 17.147  9.977   -8.931  1.00 32.27 ? 28   GLU A C   1 
ATOM   216  O  O   . GLU A 1 28  ? 17.370  11.189  -8.950  1.00 32.56 ? 28   GLU A O   1 
ATOM   217  C  CB  . GLU A 1 28  ? 18.065  8.643   -7.021  1.00 30.16 ? 28   GLU A CB  1 
ATOM   218  C  CG  . GLU A 1 28  ? 17.913  8.246   -5.558  1.00 35.06 ? 28   GLU A CG  1 
ATOM   219  C  CD  . GLU A 1 28  ? 19.139  7.551   -4.990  1.00 36.56 ? 28   GLU A CD  1 
ATOM   220  O  OE1 . GLU A 1 28  ? 19.123  7.219   -3.785  1.00 38.54 ? 28   GLU A OE1 1 
ATOM   221  O  OE2 . GLU A 1 28  ? 20.114  7.328   -5.742  1.00 37.58 ? 28   GLU A OE2 1 
ATOM   222  N  N   . GLU A 1 29  ? 17.169  9.217   -10.024 1.00 32.94 ? 29   GLU A N   1 
ATOM   223  C  CA  . GLU A 1 29  ? 17.490  9.760   -11.345 1.00 35.24 ? 29   GLU A CA  1 
ATOM   224  C  C   . GLU A 1 29  ? 16.318  10.437  -12.041 1.00 35.20 ? 29   GLU A C   1 
ATOM   225  O  O   . GLU A 1 29  ? 16.518  11.292  -12.903 1.00 34.40 ? 29   GLU A O   1 
ATOM   226  C  CB  . GLU A 1 29  ? 18.007  8.659   -12.270 1.00 36.84 ? 29   GLU A CB  1 
ATOM   227  C  CG  . GLU A 1 29  ? 19.315  8.028   -11.852 1.00 41.07 ? 29   GLU A CG  1 
ATOM   228  C  CD  . GLU A 1 29  ? 19.811  7.034   -12.882 1.00 42.62 ? 29   GLU A CD  1 
ATOM   229  O  OE1 . GLU A 1 29  ? 19.044  6.114   -13.234 1.00 44.39 ? 29   GLU A OE1 1 
ATOM   230  O  OE2 . GLU A 1 29  ? 20.965  7.170   -13.340 1.00 46.24 ? 29   GLU A OE2 1 
ATOM   231  N  N   . LYS A 1 30  ? 15.101  10.042  -11.683 1.00 34.06 ? 30   LYS A N   1 
ATOM   232  C  CA  . LYS A 1 30  ? 13.910  10.615  -12.300 1.00 33.52 ? 30   LYS A CA  1 
ATOM   233  C  C   . LYS A 1 30  ? 12.994  11.239  -11.260 1.00 32.39 ? 30   LYS A C   1 
ATOM   234  O  O   . LYS A 1 30  ? 11.782  11.060  -11.310 1.00 31.78 ? 30   LYS A O   1 
ATOM   235  C  CB  . LYS A 1 30  ? 13.147  9.535   -13.071 1.00 35.22 ? 30   LYS A CB  1 
ATOM   236  C  CG  . LYS A 1 30  ? 13.919  8.956   -14.246 1.00 37.94 ? 30   LYS A CG  1 
ATOM   237  C  CD  . LYS A 1 30  ? 13.951  7.433   -14.195 1.00 40.69 ? 30   LYS A CD  1 
ATOM   238  C  CE  . LYS A 1 30  ? 13.247  6.813   -15.386 1.00 42.03 ? 30   LYS A CE  1 
ATOM   239  N  NZ  . LYS A 1 30  ? 11.811  7.199   -15.445 1.00 43.38 ? 30   LYS A NZ  1 
ATOM   240  N  N   . ALA A 1 31  ? 13.584  11.979  -10.329 1.00 31.58 ? 31   ALA A N   1 
ATOM   241  C  CA  . ALA A 1 31  ? 12.836  12.625  -9.264  1.00 32.13 ? 31   ALA A CA  1 
ATOM   242  C  C   . ALA A 1 31  ? 11.662  13.460  -9.770  1.00 32.93 ? 31   ALA A C   1 
ATOM   243  O  O   . ALA A 1 31  ? 11.837  14.386  -10.563 1.00 32.41 ? 31   ALA A O   1 
ATOM   244  C  CB  . ALA A 1 31  ? 13.766  13.492  -8.436  1.00 31.70 ? 31   ALA A CB  1 
ATOM   245  N  N   . PHE A 1 32  ? 10.466  13.116  -9.300  1.00 33.12 ? 32   PHE A N   1 
ATOM   246  C  CA  . PHE A 1 32  ? 9.242   13.823  -9.655  1.00 32.35 ? 32   PHE A CA  1 
ATOM   247  C  C   . PHE A 1 32  ? 8.823   13.642  -11.108 1.00 31.85 ? 32   PHE A C   1 
ATOM   248  O  O   . PHE A 1 32  ? 8.082   14.460  -11.653 1.00 32.20 ? 32   PHE A O   1 
ATOM   249  C  CB  . PHE A 1 32  ? 9.408   15.304  -9.334  1.00 33.32 ? 32   PHE A CB  1 
ATOM   250  C  CG  . PHE A 1 32  ? 9.782   15.566  -7.905  1.00 33.81 ? 32   PHE A CG  1 
ATOM   251  C  CD1 . PHE A 1 32  ? 10.712  16.539  -7.583  1.00 33.44 ? 32   PHE A CD1 1 
ATOM   252  C  CD2 . PHE A 1 32  ? 9.201   14.838  -6.882  1.00 33.41 ? 32   PHE A CD2 1 
ATOM   253  C  CE1 . PHE A 1 32  ? 11.055  16.776  -6.269  1.00 33.66 ? 32   PHE A CE1 1 
ATOM   254  C  CE2 . PHE A 1 32  ? 9.540   15.072  -5.568  1.00 33.80 ? 32   PHE A CE2 1 
ATOM   255  C  CZ  . PHE A 1 32  ? 10.468  16.043  -5.260  1.00 33.15 ? 32   PHE A CZ  1 
ATOM   256  N  N   . SER A 1 33  ? 9.290   12.561  -11.720 1.00 31.97 ? 33   SER A N   1 
ATOM   257  C  CA  . SER A 1 33  ? 8.969   12.250  -13.110 1.00 32.91 ? 33   SER A CA  1 
ATOM   258  C  C   . SER A 1 33  ? 7.765   11.319  -13.222 1.00 33.13 ? 33   SER A C   1 
ATOM   259  O  O   . SER A 1 33  ? 7.740   10.241  -12.636 1.00 32.64 ? 33   SER A O   1 
ATOM   260  C  CB  . SER A 1 33  ? 10.174  11.604  -13.791 1.00 33.40 ? 33   SER A CB  1 
ATOM   261  O  OG  . SER A 1 33  ? 9.801   11.014  -15.024 1.00 34.18 ? 33   SER A OG  1 
ATOM   262  N  N   . PRO A 1 34  ? 6.753   11.727  -13.998 1.00 33.65 ? 34   PRO A N   1 
ATOM   263  C  CA  . PRO A 1 34  ? 5.515   10.979  -14.232 1.00 32.83 ? 34   PRO A CA  1 
ATOM   264  C  C   . PRO A 1 34  ? 5.690   9.518   -14.655 1.00 32.99 ? 34   PRO A C   1 
ATOM   265  O  O   . PRO A 1 34  ? 4.885   8.665   -14.292 1.00 32.13 ? 34   PRO A O   1 
ATOM   266  C  CB  . PRO A 1 34  ? 4.817   11.809  -15.307 1.00 34.32 ? 34   PRO A CB  1 
ATOM   267  C  CG  . PRO A 1 34  ? 5.254   13.207  -14.974 1.00 35.00 ? 34   PRO A CG  1 
ATOM   268  C  CD  . PRO A 1 34  ? 6.724   13.023  -14.699 1.00 34.97 ? 34   PRO A CD  1 
ATOM   269  N  N   . GLU A 1 35  ? 6.739   9.231   -15.422 1.00 32.54 ? 35   GLU A N   1 
ATOM   270  C  CA  . GLU A 1 35  ? 6.993   7.871   -15.904 1.00 33.49 ? 35   GLU A CA  1 
ATOM   271  C  C   . GLU A 1 35  ? 7.254   6.894   -14.763 1.00 32.20 ? 35   GLU A C   1 
ATOM   272  O  O   . GLU A 1 35  ? 7.084   5.681   -14.905 1.00 31.95 ? 35   GLU A O   1 
ATOM   273  C  CB  . GLU A 1 35  ? 8.201   7.866   -16.837 1.00 37.46 ? 35   GLU A CB  1 
ATOM   274  C  CG  . GLU A 1 35  ? 8.150   8.905   -17.938 1.00 42.76 ? 35   GLU A CG  1 
ATOM   275  C  CD  . GLU A 1 35  ? 9.476   9.628   -18.084 1.00 46.53 ? 35   GLU A CD  1 
ATOM   276  O  OE1 . GLU A 1 35  ? 9.805   10.069  -19.205 1.00 47.90 ? 35   GLU A OE1 1 
ATOM   277  O  OE2 . GLU A 1 35  ? 10.186  9.760   -17.064 1.00 47.86 ? 35   GLU A OE2 1 
ATOM   278  N  N   . VAL A 1 36  ? 7.687   7.427   -13.633 1.00 30.61 ? 36   VAL A N   1 
ATOM   279  C  CA  . VAL A 1 36  ? 7.960   6.594   -12.477 1.00 28.93 ? 36   VAL A CA  1 
ATOM   280  C  C   . VAL A 1 36  ? 6.669   6.000   -11.925 1.00 27.94 ? 36   VAL A C   1 
ATOM   281  O  O   . VAL A 1 36  ? 6.664   4.892   -11.399 1.00 26.08 ? 36   VAL A O   1 
ATOM   282  C  CB  . VAL A 1 36  ? 8.657   7.409   -11.367 1.00 30.37 ? 36   VAL A CB  1 
ATOM   283  C  CG1 . VAL A 1 36  ? 8.580   6.672   -10.036 1.00 29.94 ? 36   VAL A CG1 1 
ATOM   284  C  CG2 . VAL A 1 36  ? 10.100  7.655   -11.745 1.00 30.01 ? 36   VAL A CG2 1 
ATOM   285  N  N   . ILE A 1 37  ? 5.568   6.734   -12.060 1.00 25.21 ? 37   ILE A N   1 
ATOM   286  C  CA  . ILE A 1 37  ? 4.300   6.261   -11.534 1.00 23.93 ? 37   ILE A CA  1 
ATOM   287  C  C   . ILE A 1 37  ? 3.802   4.952   -12.132 1.00 22.48 ? 37   ILE A C   1 
ATOM   288  O  O   . ILE A 1 37  ? 3.365   4.065   -11.402 1.00 23.49 ? 37   ILE A O   1 
ATOM   289  C  CB  . ILE A 1 37  ? 3.220   7.347   -11.656 1.00 24.88 ? 37   ILE A CB  1 
ATOM   290  C  CG1 . ILE A 1 37  ? 3.663   8.588   -10.873 1.00 26.09 ? 37   ILE A CG1 1 
ATOM   291  C  CG2 . ILE A 1 37  ? 1.903   6.815   -11.137 1.00 24.29 ? 37   ILE A CG2 1 
ATOM   292  C  CD1 . ILE A 1 37  ? 2.667   9.744   -10.885 1.00 29.29 ? 37   ILE A CD1 1 
ATOM   293  N  N   . PRO A 1 38  ? 3.844   4.805   -13.468 1.00 22.53 ? 38   PRO A N   1 
ATOM   294  C  CA  . PRO A 1 38  ? 3.371   3.539   -14.035 1.00 21.71 ? 38   PRO A CA  1 
ATOM   295  C  C   . PRO A 1 38  ? 4.303   2.401   -13.620 1.00 22.11 ? 38   PRO A C   1 
ATOM   296  O  O   . PRO A 1 38  ? 3.896   1.239   -13.518 1.00 21.03 ? 38   PRO A O   1 
ATOM   297  C  CB  . PRO A 1 38  ? 3.406   3.800   -15.543 1.00 21.67 ? 38   PRO A CB  1 
ATOM   298  C  CG  . PRO A 1 38  ? 3.164   5.258   -15.634 1.00 23.44 ? 38   PRO A CG  1 
ATOM   299  C  CD  . PRO A 1 38  ? 4.032   5.811   -14.528 1.00 22.59 ? 38   PRO A CD  1 
ATOM   300  N  N   . MET A 1 39  ? 5.560   2.750   -13.373 1.00 21.58 ? 39   MET A N   1 
ATOM   301  C  CA  . MET A 1 39  ? 6.549   1.766   -12.960 1.00 24.16 ? 39   MET A CA  1 
ATOM   302  C  C   . MET A 1 39  ? 6.285   1.362   -11.520 1.00 22.41 ? 39   MET A C   1 
ATOM   303  O  O   . MET A 1 39  ? 6.447   0.206   -11.148 1.00 20.47 ? 39   MET A O   1 
ATOM   304  C  CB  . MET A 1 39  ? 7.963   2.335   -13.086 1.00 26.10 ? 39   MET A CB  1 
ATOM   305  C  CG  . MET A 1 39  ? 8.976   1.295   -13.501 1.00 33.64 ? 39   MET A CG  1 
ATOM   306  S  SD  . MET A 1 39  ? 9.014   1.026   -15.288 1.00 37.04 ? 39   MET A SD  1 
ATOM   307  C  CE  . MET A 1 39  ? 7.307   0.623   -15.679 1.00 36.78 ? 39   MET A CE  1 
ATOM   308  N  N   . PHE A 1 40  ? 5.877   2.327   -10.705 1.00 21.04 ? 40   PHE A N   1 
ATOM   309  C  CA  . PHE A 1 40  ? 5.571   2.019   -9.319  1.00 21.54 ? 40   PHE A CA  1 
ATOM   310  C  C   . PHE A 1 40  ? 4.413   1.024   -9.286  1.00 21.29 ? 40   PHE A C   1 
ATOM   311  O  O   . PHE A 1 40  ? 4.443   0.040   -8.557  1.00 21.77 ? 40   PHE A O   1 
ATOM   312  C  CB  . PHE A 1 40  ? 5.171   3.284   -8.564  1.00 22.35 ? 40   PHE A CB  1 
ATOM   313  C  CG  . PHE A 1 40  ? 4.675   3.017   -7.175  1.00 21.81 ? 40   PHE A CG  1 
ATOM   314  C  CD1 . PHE A 1 40  ? 5.559   2.689   -6.160  1.00 23.36 ? 40   PHE A CD1 1 
ATOM   315  C  CD2 . PHE A 1 40  ? 3.319   3.057   -6.892  1.00 22.86 ? 40   PHE A CD2 1 
ATOM   316  C  CE1 . PHE A 1 40  ? 5.099   2.399   -4.884  1.00 23.60 ? 40   PHE A CE1 1 
ATOM   317  C  CE2 . PHE A 1 40  ? 2.852   2.767   -5.616  1.00 23.77 ? 40   PHE A CE2 1 
ATOM   318  C  CZ  . PHE A 1 40  ? 3.749   2.439   -4.613  1.00 22.82 ? 40   PHE A CZ  1 
ATOM   319  N  N   . SER A 1 41  ? 3.388   1.291   -10.087 1.00 22.06 ? 41   SER A N   1 
ATOM   320  C  CA  . SER A 1 41  ? 2.216   0.432   -10.146 1.00 23.39 ? 41   SER A CA  1 
ATOM   321  C  C   . SER A 1 41  ? 2.581   -0.968  -10.631 1.00 23.56 ? 41   SER A C   1 
ATOM   322  O  O   . SER A 1 41  ? 2.047   -1.963  -10.144 1.00 22.68 ? 41   SER A O   1 
ATOM   323  C  CB  . SER A 1 41  ? 1.161   1.049   -11.072 1.00 24.59 ? 41   SER A CB  1 
ATOM   324  O  OG  . SER A 1 41  ? -0.029  0.278   -11.063 1.00 29.96 ? 41   SER A OG  1 
ATOM   325  N  N   . ALA A 1 42  ? 3.509   -1.038  -11.580 1.00 25.10 ? 42   ALA A N   1 
ATOM   326  C  CA  . ALA A 1 42  ? 3.941   -2.319  -12.134 1.00 25.57 ? 42   ALA A CA  1 
ATOM   327  C  C   . ALA A 1 42  ? 4.675   -3.173  -11.101 1.00 26.79 ? 42   ALA A C   1 
ATOM   328  O  O   . ALA A 1 42  ? 4.376   -4.356  -10.936 1.00 26.94 ? 42   ALA A O   1 
ATOM   329  C  CB  . ALA A 1 42  ? 4.830   -2.085  -13.353 1.00 24.79 ? 42   ALA A CB  1 
ATOM   330  N  N   . LEU A 1 43  ? 5.631   -2.576  -10.396 1.00 27.25 ? 43   LEU A N   1 
ATOM   331  C  CA  . LEU A 1 43  ? 6.381   -3.326  -9.391  1.00 27.67 ? 43   LEU A CA  1 
ATOM   332  C  C   . LEU A 1 43  ? 5.556   -3.712  -8.164  1.00 28.36 ? 43   LEU A C   1 
ATOM   333  O  O   . LEU A 1 43  ? 5.894   -4.666  -7.467  1.00 28.57 ? 43   LEU A O   1 
ATOM   334  C  CB  . LEU A 1 43  ? 7.617   -2.543  -8.936  1.00 29.27 ? 43   LEU A CB  1 
ATOM   335  C  CG  . LEU A 1 43  ? 8.827   -2.511  -9.871  1.00 31.60 ? 43   LEU A CG  1 
ATOM   336  C  CD1 . LEU A 1 43  ? 8.662   -1.435  -10.927 1.00 32.79 ? 43   LEU A CD1 1 
ATOM   337  C  CD2 . LEU A 1 43  ? 10.069  -2.234  -9.046  1.00 33.92 ? 43   LEU A CD2 1 
ATOM   338  N  N   . SER A 1 44  ? 4.479   -2.980  -7.890  1.00 27.74 ? 44   SER A N   1 
ATOM   339  C  CA  . SER A 1 44  ? 3.658   -3.296  -6.731  1.00 28.01 ? 44   SER A CA  1 
ATOM   340  C  C   . SER A 1 44  ? 2.483   -4.220  -7.046  1.00 27.52 ? 44   SER A C   1 
ATOM   341  O  O   . SER A 1 44  ? 1.537   -4.317  -6.274  1.00 26.13 ? 44   SER A O   1 
ATOM   342  C  CB  . SER A 1 44  ? 3.152   -2.013  -6.058  1.00 30.16 ? 44   SER A CB  1 
ATOM   343  O  OG  . SER A 1 44  ? 2.420   -1.201  -6.953  1.00 32.54 ? 44   SER A OG  1 
ATOM   344  N  N   . GLU A 1 45  ? 2.543   -4.908  -8.180  1.00 26.98 ? 45   GLU A N   1 
ATOM   345  C  CA  . GLU A 1 45  ? 1.472   -5.833  -8.538  1.00 27.11 ? 45   GLU A CA  1 
ATOM   346  C  C   . GLU A 1 45  ? 1.331   -6.898  -7.448  1.00 24.20 ? 45   GLU A C   1 
ATOM   347  O  O   . GLU A 1 45  ? 2.322   -7.482  -7.011  1.00 26.62 ? 45   GLU A O   1 
ATOM   348  C  CB  . GLU A 1 45  ? 1.784   -6.515  -9.872  1.00 29.50 ? 45   GLU A CB  1 
ATOM   349  C  CG  . GLU A 1 45  ? 1.604   -5.644  -11.096 1.00 34.88 ? 45   GLU A CG  1 
ATOM   350  C  CD  . GLU A 1 45  ? 0.163   -5.575  -11.561 1.00 37.79 ? 45   GLU A CD  1 
ATOM   351  O  OE1 . GLU A 1 45  ? -0.050  -5.421  -12.781 1.00 40.95 ? 45   GLU A OE1 1 
ATOM   352  O  OE2 . GLU A 1 45  ? -0.753  -5.672  -10.716 1.00 40.32 ? 45   GLU A OE2 1 
ATOM   353  N  N   . GLY A 1 46  ? 0.098   -7.140  -7.013  1.00 22.36 ? 46   GLY A N   1 
ATOM   354  C  CA  . GLY A 1 46  ? -0.161  -8.128  -5.980  1.00 21.46 ? 46   GLY A CA  1 
ATOM   355  C  C   . GLY A 1 46  ? 0.387   -7.779  -4.602  1.00 21.76 ? 46   GLY A C   1 
ATOM   356  O  O   . GLY A 1 46  ? 0.321   -8.590  -3.677  1.00 21.98 ? 46   GLY A O   1 
ATOM   357  N  N   . ALA A 1 47  ? 0.916   -6.570  -4.458  1.00 21.95 ? 47   ALA A N   1 
ATOM   358  C  CA  . ALA A 1 47  ? 1.495   -6.134  -3.190  1.00 19.91 ? 47   ALA A CA  1 
ATOM   359  C  C   . ALA A 1 47  ? 0.481   -5.911  -2.072  1.00 20.43 ? 47   ALA A C   1 
ATOM   360  O  O   . ALA A 1 47  ? -0.654  -5.497  -2.311  1.00 19.18 ? 47   ALA A O   1 
ATOM   361  C  CB  . ALA A 1 47  ? 2.301   -4.860  -3.405  1.00 21.49 ? 47   ALA A CB  1 
ATOM   362  N  N   . THR A 1 48  ? 0.909   -6.204  -0.851  1.00 16.28 ? 48   THR A N   1 
ATOM   363  C  CA  . THR A 1 48  ? 0.094   -6.001  0.336   1.00 15.72 ? 48   THR A CA  1 
ATOM   364  C  C   . THR A 1 48  ? 0.496   -4.630  0.874   1.00 15.66 ? 48   THR A C   1 
ATOM   365  O  O   . THR A 1 48  ? 1.500   -4.061  0.458   1.00 14.60 ? 48   THR A O   1 
ATOM   366  C  CB  . THR A 1 48  ? 0.415   -7.029  1.438   1.00 17.59 ? 48   THR A CB  1 
ATOM   367  O  OG1 . THR A 1 48  ? 1.786   -6.892  1.828   1.00 16.55 ? 48   THR A OG1 1 
ATOM   368  C  CG2 . THR A 1 48  ? 0.182   -8.443  0.940   1.00 15.35 ? 48   THR A CG2 1 
ATOM   369  N  N   . PRO A 1 49  ? -0.297  -4.073  1.795   1.00 13.96 ? 49   PRO A N   1 
ATOM   370  C  CA  . PRO A 1 49  ? 0.065   -2.767  2.346   1.00 12.92 ? 49   PRO A CA  1 
ATOM   371  C  C   . PRO A 1 49  ? 1.473   -2.811  2.963   1.00 13.66 ? 49   PRO A C   1 
ATOM   372  O  O   . PRO A 1 49  ? 2.244   -1.852  2.869   1.00 13.08 ? 49   PRO A O   1 
ATOM   373  C  CB  . PRO A 1 49  ? -1.026  -2.530  3.388   1.00 13.89 ? 49   PRO A CB  1 
ATOM   374  C  CG  . PRO A 1 49  ? -2.235  -3.134  2.719   1.00 12.99 ? 49   PRO A CG  1 
ATOM   375  C  CD  . PRO A 1 49  ? -1.686  -4.433  2.133   1.00 13.40 ? 49   PRO A CD  1 
ATOM   376  N  N   . GLN A 1 50  ? 1.814   -3.930  3.592   1.00 14.68 ? 50   GLN A N   1 
ATOM   377  C  CA  . GLN A 1 50  ? 3.135   -4.032  4.199   1.00 15.00 ? 50   GLN A CA  1 
ATOM   378  C  C   . GLN A 1 50  ? 4.208   -3.863  3.131   1.00 15.98 ? 50   GLN A C   1 
ATOM   379  O  O   . GLN A 1 50  ? 5.179   -3.140  3.338   1.00 13.93 ? 50   GLN A O   1 
ATOM   380  C  CB  . GLN A 1 50  ? 3.315   -5.372  4.929   1.00 17.89 ? 50   GLN A CB  1 
ATOM   381  C  CG  . GLN A 1 50  ? 4.480   -5.341  5.922   1.00 22.23 ? 50   GLN A CG  1 
ATOM   382  C  CD  . GLN A 1 50  ? 4.576   -6.575  6.793   1.00 24.55 ? 50   GLN A CD  1 
ATOM   383  O  OE1 . GLN A 1 50  ? 5.151   -7.591  6.398   1.00 26.47 ? 50   GLN A OE1 1 
ATOM   384  N  NE2 . GLN A 1 50  ? 4.006   -6.496  7.985   1.00 29.14 ? 50   GLN A NE2 1 
ATOM   385  N  N   . ASP A 1 51  ? 4.031   -4.525  1.985   1.00 16.72 ? 51   ASP A N   1 
ATOM   386  C  CA  . ASP A 1 51  ? 4.991   -4.425  0.889   1.00 17.48 ? 51   ASP A CA  1 
ATOM   387  C  C   . ASP A 1 51  ? 5.073   -2.986  0.386   1.00 16.17 ? 51   ASP A C   1 
ATOM   388  O  O   . ASP A 1 51  ? 6.159   -2.465  0.119   1.00 14.02 ? 51   ASP A O   1 
ATOM   389  C  CB  . ASP A 1 51  ? 4.586   -5.324  -0.290  1.00 16.60 ? 51   ASP A CB  1 
ATOM   390  C  CG  . ASP A 1 51  ? 4.602   -6.801  0.054   1.00 19.43 ? 51   ASP A CG  1 
ATOM   391  O  OD1 . ASP A 1 51  ? 5.573   -7.254  0.699   1.00 20.51 ? 51   ASP A OD1 1 
ATOM   392  O  OD2 . ASP A 1 51  ? 3.647   -7.510  -0.339  1.00 17.47 ? 51   ASP A OD2 1 
ATOM   393  N  N   . LEU A 1 52  ? 3.916   -2.349  0.238   1.00 14.60 ? 52   LEU A N   1 
ATOM   394  C  CA  . LEU A 1 52  ? 3.887   -0.975  -0.233  1.00 14.23 ? 52   LEU A CA  1 
ATOM   395  C  C   . LEU A 1 52  ? 4.659   -0.038  0.691   1.00 13.62 ? 52   LEU A C   1 
ATOM   396  O  O   . LEU A 1 52  ? 5.419   0.805   0.226   1.00 13.53 ? 52   LEU A O   1 
ATOM   397  C  CB  . LEU A 1 52  ? 2.436   -0.498  -0.390  1.00 13.62 ? 52   LEU A CB  1 
ATOM   398  C  CG  . LEU A 1 52  ? 1.697   -1.159  -1.560  1.00 14.90 ? 52   LEU A CG  1 
ATOM   399  C  CD1 . LEU A 1 52  ? 0.188   -1.007  -1.394  1.00 14.43 ? 52   LEU A CD1 1 
ATOM   400  C  CD2 . LEU A 1 52  ? 2.155   -0.539  -2.865  1.00 16.89 ? 52   LEU A CD2 1 
ATOM   401  N  N   . ASN A 1 53  ? 4.479   -0.190  1.999   1.00 14.81 ? 53   ASN A N   1 
ATOM   402  C  CA  . ASN A 1 53  ? 5.181   0.664   2.939   1.00 15.23 ? 53   ASN A CA  1 
ATOM   403  C  C   . ASN A 1 53  ? 6.678   0.398   2.931   1.00 15.51 ? 53   ASN A C   1 
ATOM   404  O  O   . ASN A 1 53  ? 7.472   1.311   3.165   1.00 14.58 ? 53   ASN A O   1 
ATOM   405  C  CB  . ASN A 1 53  ? 4.630   0.494   4.357   1.00 13.26 ? 53   ASN A CB  1 
ATOM   406  C  CG  . ASN A 1 53  ? 3.284   1.171   4.539   1.00 14.95 ? 53   ASN A CG  1 
ATOM   407  O  OD1 . ASN A 1 53  ? 3.072   2.287   4.062   1.00 16.72 ? 53   ASN A OD1 1 
ATOM   408  N  ND2 . ASN A 1 53  ? 2.374   0.510   5.248   1.00 16.19 ? 53   ASN A ND2 1 
ATOM   409  N  N   . THR A 1 54  ? 7.067   -0.851  2.681   1.00 16.71 ? 54   THR A N   1 
ATOM   410  C  CA  . THR A 1 54  ? 8.483   -1.172  2.622   1.00 17.52 ? 54   THR A CA  1 
ATOM   411  C  C   . THR A 1 54  ? 9.086   -0.431  1.425   1.00 18.40 ? 54   THR A C   1 
ATOM   412  O  O   . THR A 1 54  ? 10.186  0.121   1.514   1.00 18.49 ? 54   THR A O   1 
ATOM   413  C  CB  . THR A 1 54  ? 8.705   -2.692  2.498   1.00 19.02 ? 54   THR A CB  1 
ATOM   414  O  OG1 . THR A 1 54  ? 8.417   -3.308  3.758   1.00 20.93 ? 54   THR A OG1 1 
ATOM   415  C  CG2 . THR A 1 54  ? 10.134  -3.004  2.107   1.00 19.19 ? 54   THR A CG2 1 
ATOM   416  N  N   . MET A 1 55  ? 8.361   -0.397  0.309   1.00 16.90 ? 55   MET A N   1 
ATOM   417  C  CA  . MET A 1 55  ? 8.853   0.316   -0.866  1.00 18.46 ? 55   MET A CA  1 
ATOM   418  C  C   . MET A 1 55  ? 8.936   1.807   -0.566  1.00 15.42 ? 55   MET A C   1 
ATOM   419  O  O   . MET A 1 55  ? 9.946   2.445   -0.840  1.00 16.91 ? 55   MET A O   1 
ATOM   420  C  CB  . MET A 1 55  ? 7.936   0.100   -2.074  1.00 21.59 ? 55   MET A CB  1 
ATOM   421  C  CG  . MET A 1 55  ? 8.508   -0.833  -3.135  1.00 31.57 ? 55   MET A CG  1 
ATOM   422  S  SD  . MET A 1 55  ? 7.499   -0.859  -4.640  1.00 38.69 ? 55   MET A SD  1 
ATOM   423  C  CE  . MET A 1 55  ? 6.012   -1.618  -3.976  1.00 31.80 ? 55   MET A CE  1 
ATOM   424  N  N   . LEU A 1 56  ? 7.867   2.364   -0.006  1.00 15.10 ? 56   LEU A N   1 
ATOM   425  C  CA  . LEU A 1 56  ? 7.850   3.790   0.320   1.00 14.82 ? 56   LEU A CA  1 
ATOM   426  C  C   . LEU A 1 56  ? 8.963   4.187   1.291   1.00 14.87 ? 56   LEU A C   1 
ATOM   427  O  O   . LEU A 1 56  ? 9.649   5.185   1.076   1.00 15.90 ? 56   LEU A O   1 
ATOM   428  C  CB  . LEU A 1 56  ? 6.495   4.181   0.914   1.00 14.04 ? 56   LEU A CB  1 
ATOM   429  C  CG  . LEU A 1 56  ? 5.296   4.075   -0.028  1.00 16.07 ? 56   LEU A CG  1 
ATOM   430  C  CD1 . LEU A 1 56  ? 4.040   4.497   0.725   1.00 18.14 ? 56   LEU A CD1 1 
ATOM   431  C  CD2 . LEU A 1 56  ? 5.503   4.954   -1.248  1.00 18.21 ? 56   LEU A CD2 1 
ATOM   432  N  N   . ASN A 1 57  ? 9.139   3.411   2.355   1.00 16.48 ? 57   ASN A N   1 
ATOM   433  C  CA  . ASN A 1 57  ? 10.174  3.700   3.354   1.00 16.96 ? 57   ASN A CA  1 
ATOM   434  C  C   . ASN A 1 57  ? 11.584  3.559   2.775   1.00 17.22 ? 57   ASN A C   1 
ATOM   435  O  O   . ASN A 1 57  ? 12.511  4.278   3.159   1.00 18.35 ? 57   ASN A O   1 
ATOM   436  C  CB  . ASN A 1 57  ? 10.034  2.760   4.557   1.00 20.54 ? 57   ASN A CB  1 
ATOM   437  C  CG  . ASN A 1 57  ? 8.797   3.044   5.391   1.00 23.89 ? 57   ASN A CG  1 
ATOM   438  O  OD1 . ASN A 1 57  ? 8.463   2.277   6.297   1.00 28.88 ? 57   ASN A OD1 1 
ATOM   439  N  ND2 . ASN A 1 57  ? 8.117   4.147   5.100   1.00 25.01 ? 57   ASN A ND2 1 
ATOM   440  N  N   . THR A 1 58  ? 11.755  2.625   1.853   1.00 16.12 ? 58   THR A N   1 
ATOM   441  C  CA  . THR A 1 58  ? 13.065  2.411   1.267   1.00 16.48 ? 58   THR A CA  1 
ATOM   442  C  C   . THR A 1 58  ? 13.436  3.575   0.364   1.00 18.02 ? 58   THR A C   1 
ATOM   443  O  O   . THR A 1 58  ? 14.569  4.034   0.371   1.00 15.82 ? 58   THR A O   1 
ATOM   444  C  CB  . THR A 1 58  ? 13.117  1.088   0.480   1.00 16.76 ? 58   THR A CB  1 
ATOM   445  O  OG1 . THR A 1 58  ? 12.858  0.003   1.381   1.00 20.33 ? 58   THR A OG1 1 
ATOM   446  C  CG2 . THR A 1 58  ? 14.498  0.888   -0.149  1.00 18.18 ? 58   THR A CG2 1 
ATOM   447  N  N   . VAL A 1 59  ? 12.465  4.074   -0.390  1.00 16.40 ? 59   VAL A N   1 
ATOM   448  C  CA  . VAL A 1 59  ? 12.709  5.193   -1.283  1.00 18.11 ? 59   VAL A CA  1 
ATOM   449  C  C   . VAL A 1 59  ? 12.933  6.484   -0.496  1.00 20.78 ? 59   VAL A C   1 
ATOM   450  O  O   . VAL A 1 59  ? 13.842  7.255   -0.797  1.00 22.29 ? 59   VAL A O   1 
ATOM   451  C  CB  . VAL A 1 59  ? 11.524  5.381   -2.258  1.00 16.81 ? 59   VAL A CB  1 
ATOM   452  C  CG1 . VAL A 1 59  ? 11.735  6.631   -3.104  1.00 20.71 ? 59   VAL A CG1 1 
ATOM   453  C  CG2 . VAL A 1 59  ? 11.397  4.149   -3.149  1.00 17.29 ? 59   VAL A CG2 1 
ATOM   454  N  N   . GLY A 1 60  ? 12.133  6.710   0.536   1.00 22.15 ? 60   GLY A N   1 
ATOM   455  C  CA  . GLY A 1 60  ? 12.303  7.930   1.304   1.00 24.42 ? 60   GLY A CA  1 
ATOM   456  C  C   . GLY A 1 60  ? 11.973  9.109   0.412   1.00 24.78 ? 60   GLY A C   1 
ATOM   457  O  O   . GLY A 1 60  ? 10.909  9.142   -0.209  1.00 25.08 ? 60   GLY A O   1 
ATOM   458  N  N   . GLY A 1 61  ? 12.887  10.072  0.333   1.00 26.21 ? 61   GLY A N   1 
ATOM   459  C  CA  . GLY A 1 61  ? 12.658  11.240  -0.501  1.00 27.82 ? 61   GLY A CA  1 
ATOM   460  C  C   . GLY A 1 61  ? 12.815  12.554  0.250   1.00 29.36 ? 61   GLY A C   1 
ATOM   461  O  O   . GLY A 1 61  ? 13.432  12.601  1.316   1.00 30.10 ? 61   GLY A O   1 
ATOM   462  N  N   . HIS A 1 62  ? 12.263  13.628  -0.314  1.00 30.99 ? 62   HIS A N   1 
ATOM   463  C  CA  . HIS A 1 62  ? 12.328  14.946  0.315   1.00 32.96 ? 62   HIS A CA  1 
ATOM   464  C  C   . HIS A 1 62  ? 11.295  15.079  1.444   1.00 34.40 ? 62   HIS A C   1 
ATOM   465  O  O   . HIS A 1 62  ? 10.123  14.785  1.237   1.00 33.48 ? 62   HIS A O   1 
ATOM   466  C  CB  . HIS A 1 62  ? 12.072  16.063  -0.711  1.00 33.89 ? 62   HIS A CB  1 
ATOM   467  C  CG  . HIS A 1 62  ? 13.076  16.111  -1.822  1.00 33.53 ? 62   HIS A CG  1 
ATOM   468  N  ND1 . HIS A 1 62  ? 12.904  15.433  -3.009  1.00 35.64 ? 62   HIS A ND1 1 
ATOM   469  C  CD2 . HIS A 1 62  ? 14.286  16.716  -1.910  1.00 34.24 ? 62   HIS A CD2 1 
ATOM   470  C  CE1 . HIS A 1 62  ? 13.962  15.614  -3.779  1.00 34.49 ? 62   HIS A CE1 1 
ATOM   471  N  NE2 . HIS A 1 62  ? 14.816  16.388  -3.137  1.00 33.03 ? 62   HIS A NE2 1 
ATOM   472  N  N   . GLN A 1 63  ? 11.730  15.524  2.624   1.00 36.12 ? 63   GLN A N   1 
ATOM   473  C  CA  . GLN A 1 63  ? 10.847  15.715  3.772   1.00 37.57 ? 63   GLN A CA  1 
ATOM   474  C  C   . GLN A 1 63  ? 9.489   16.246  3.381   1.00 37.16 ? 63   GLN A C   1 
ATOM   475  O  O   . GLN A 1 63  ? 8.472   15.668  3.750   1.00 37.77 ? 63   GLN A O   1 
ATOM   476  C  CB  . GLN A 1 63  ? 11.501  16.664  4.779   1.00 40.09 ? 63   GLN A CB  1 
ATOM   477  C  CG  . GLN A 1 63  ? 12.706  16.057  5.508   1.00 43.72 ? 63   GLN A CG  1 
ATOM   478  C  CD  . GLN A 1 63  ? 12.298  14.950  6.466   1.00 45.51 ? 63   GLN A CD  1 
ATOM   479  O  OE1 . GLN A 1 63  ? 12.489  13.763  6.195   1.00 46.38 ? 63   GLN A OE1 1 
ATOM   480  N  NE2 . GLN A 1 63  ? 11.717  15.341  7.594   1.00 47.92 ? 63   GLN A NE2 1 
ATOM   481  N  N   . ALA A 1 64  ? 9.486   17.321  2.601   1.00 36.14 ? 64   ALA A N   1 
ATOM   482  C  CA  . ALA A 1 64  ? 8.256   17.971  2.175   1.00 35.80 ? 64   ALA A CA  1 
ATOM   483  C  C   . ALA A 1 64  ? 7.396   17.119  1.242   1.00 34.67 ? 64   ALA A C   1 
ATOM   484  O  O   . ALA A 1 64  ? 6.174   17.089  1.405   1.00 35.36 ? 64   ALA A O   1 
ATOM   485  C  CB  . ALA A 1 64  ? 8.557   19.346  1.496   1.00 36.78 ? 64   ALA A CB  1 
ATOM   486  N  N   . ALA A 1 65  ? 8.010   16.450  0.263   1.00 32.21 ? 65   ALA A N   1 
ATOM   487  C  CA  . ALA A 1 65  ? 7.255   15.605  -0.664  1.00 29.82 ? 65   ALA A CA  1 
ATOM   488  C  C   . ALA A 1 65  ? 6.635   14.415  0.057   1.00 27.89 ? 65   ALA A C   1 
ATOM   489  O  O   . ALA A 1 65  ? 5.521   13.984  -0.255  1.00 26.69 ? 65   ALA A O   1 
ATOM   490  C  CB  . ALA A 1 65  ? 8.156   15.135  -1.784  1.00 30.91 ? 65   ALA A CB  1 
ATOM   491  N  N   . MET A 1 66  ? 7.372   13.887  1.023   1.00 26.76 ? 66   MET A N   1 
ATOM   492  C  CA  . MET A 1 66  ? 6.892   12.767  1.807   1.00 26.59 ? 66   MET A CA  1 
ATOM   493  C  C   . MET A 1 66  ? 5.669   13.227  2.604   1.00 27.10 ? 66   MET A C   1 
ATOM   494  O  O   . MET A 1 66  ? 4.754   12.449  2.871   1.00 25.82 ? 66   MET A O   1 
ATOM   495  C  CB  . MET A 1 66  ? 7.991   12.290  2.756   1.00 27.46 ? 66   MET A CB  1 
ATOM   496  C  CG  . MET A 1 66  ? 9.235   11.791  2.051   1.00 29.45 ? 66   MET A CG  1 
ATOM   497  S  SD  . MET A 1 66  ? 10.434  11.155  3.217   1.00 36.46 ? 66   MET A SD  1 
ATOM   498  C  CE  . MET A 1 66  ? 9.827   9.507   3.464   1.00 35.29 ? 66   MET A CE  1 
ATOM   499  N  N   . GLN A 1 67  ? 5.659   14.505  2.974   1.00 27.58 ? 67   GLN A N   1 
ATOM   500  C  CA  . GLN A 1 67  ? 4.552   15.072  3.744   1.00 26.97 ? 67   GLN A CA  1 
ATOM   501  C  C   . GLN A 1 67  ? 3.261   15.071  2.936   1.00 28.26 ? 67   GLN A C   1 
ATOM   502  O  O   . GLN A 1 67  ? 2.213   14.638  3.420   1.00 27.62 ? 67   GLN A O   1 
ATOM   503  C  CB  . GLN A 1 67  ? 4.871   16.512  4.176   1.00 29.60 ? 67   GLN A CB  1 
ATOM   504  C  CG  . GLN A 1 67  ? 3.799   17.150  5.070   1.00 31.74 ? 67   GLN A CG  1 
ATOM   505  C  CD  . GLN A 1 67  ? 4.016   18.642  5.273   1.00 34.23 ? 67   GLN A CD  1 
ATOM   506  O  OE1 . GLN A 1 67  ? 5.111   19.078  5.638   1.00 35.26 ? 67   GLN A OE1 1 
ATOM   507  N  NE2 . GLN A 1 67  ? 2.972   19.434  5.041   1.00 30.81 ? 67   GLN A NE2 1 
ATOM   508  N  N   . MET A 1 68  ? 3.340   15.565  1.705   1.00 26.58 ? 68   MET A N   1 
ATOM   509  C  CA  . MET A 1 68  ? 2.178   15.620  0.834   1.00 28.16 ? 68   MET A CA  1 
ATOM   510  C  C   . MET A 1 68  ? 1.696   14.194  0.574   1.00 26.29 ? 68   MET A C   1 
ATOM   511  O  O   . MET A 1 68  ? 0.502   13.945  0.457   1.00 23.87 ? 68   MET A O   1 
ATOM   512  C  CB  . MET A 1 68  ? 2.543   16.308  -0.488  1.00 31.19 ? 68   MET A CB  1 
ATOM   513  C  CG  . MET A 1 68  ? 1.349   16.681  -1.360  1.00 35.84 ? 68   MET A CG  1 
ATOM   514  S  SD  . MET A 1 68  ? 1.808   17.477  -2.928  1.00 43.46 ? 68   MET A SD  1 
ATOM   515  C  CE  . MET A 1 68  ? 1.856   19.230  -2.455  1.00 38.78 ? 68   MET A CE  1 
ATOM   516  N  N   . LEU A 1 69  ? 2.631   13.254  0.491   1.00 24.61 ? 69   LEU A N   1 
ATOM   517  C  CA  . LEU A 1 69  ? 2.252   11.873  0.253   1.00 22.88 ? 69   LEU A CA  1 
ATOM   518  C  C   . LEU A 1 69  ? 1.497   11.346  1.462   1.00 21.85 ? 69   LEU A C   1 
ATOM   519  O  O   . LEU A 1 69  ? 0.408   10.792  1.323   1.00 20.92 ? 69   LEU A O   1 
ATOM   520  C  CB  . LEU A 1 69  ? 3.490   11.012  -0.018  1.00 22.23 ? 69   LEU A CB  1 
ATOM   521  C  CG  . LEU A 1 69  ? 3.219   9.518   -0.217  1.00 22.98 ? 69   LEU A CG  1 
ATOM   522  C  CD1 . LEU A 1 69  ? 2.137   9.321   -1.285  1.00 24.77 ? 69   LEU A CD1 1 
ATOM   523  C  CD2 . LEU A 1 69  ? 4.516   8.818   -0.623  1.00 22.83 ? 69   LEU A CD2 1 
ATOM   524  N  N   . LYS A 1 70  ? 2.069   11.524  2.651   1.00 22.72 ? 70   LYS A N   1 
ATOM   525  C  CA  . LYS A 1 70  ? 1.418   11.059  3.871   1.00 23.71 ? 70   LYS A CA  1 
ATOM   526  C  C   . LYS A 1 70  ? 0.076   11.753  4.067   1.00 23.39 ? 70   LYS A C   1 
ATOM   527  O  O   . LYS A 1 70  ? -0.920  11.108  4.391   1.00 22.54 ? 70   LYS A O   1 
ATOM   528  C  CB  . LYS A 1 70  ? 2.315   11.303  5.087   1.00 26.09 ? 70   LYS A CB  1 
ATOM   529  C  CG  . LYS A 1 70  ? 1.698   10.875  6.413   1.00 30.27 ? 70   LYS A CG  1 
ATOM   530  C  CD  . LYS A 1 70  ? 0.825   11.957  7.039   1.00 33.63 ? 70   LYS A CD  1 
ATOM   531  C  CE  . LYS A 1 70  ? 1.646   12.968  7.833   1.00 36.36 ? 70   LYS A CE  1 
ATOM   532  N  NZ  . LYS A 1 70  ? 0.764   13.976  8.506   1.00 38.65 ? 70   LYS A NZ  1 
ATOM   533  N  N   . GLU A 1 71  ? 0.043   13.069  3.874   1.00 22.97 ? 71   GLU A N   1 
ATOM   534  C  CA  . GLU A 1 71  ? -1.207  13.810  4.044   1.00 22.92 ? 71   GLU A CA  1 
ATOM   535  C  C   . GLU A 1 71  ? -2.278  13.313  3.079   1.00 22.38 ? 71   GLU A C   1 
ATOM   536  O  O   . GLU A 1 71  ? -3.457  13.210  3.437   1.00 23.67 ? 71   GLU A O   1 
ATOM   537  C  CB  . GLU A 1 71  ? -0.974  15.313  3.851   1.00 23.02 ? 71   GLU A CB  1 
ATOM   538  C  CG  . GLU A 1 71  ? -0.002  15.901  4.855   1.00 26.55 ? 71   GLU A CG  1 
ATOM   539  C  CD  . GLU A 1 71  ? 0.059   17.419  4.809   1.00 28.38 ? 71   GLU A CD  1 
ATOM   540  O  OE1 . GLU A 1 71  ? -0.183  17.995  3.728   1.00 30.74 ? 71   GLU A OE1 1 
ATOM   541  O  OE2 . GLU A 1 71  ? 0.369   18.033  5.852   1.00 29.14 ? 71   GLU A OE2 1 
ATOM   542  N  N   . THR A 1 72  ? -1.871  12.997  1.855   1.00 19.64 ? 72   THR A N   1 
ATOM   543  C  CA  . THR A 1 72  ? -2.805  12.490  0.863   1.00 20.28 ? 72   THR A CA  1 
ATOM   544  C  C   . THR A 1 72  ? -3.341  11.139  1.314   1.00 19.03 ? 72   THR A C   1 
ATOM   545  O  O   . THR A 1 72  ? -4.543  10.894  1.277   1.00 18.45 ? 72   THR A O   1 
ATOM   546  C  CB  . THR A 1 72  ? -2.127  12.334  -0.511  1.00 22.10 ? 72   THR A CB  1 
ATOM   547  O  OG1 . THR A 1 72  ? -1.882  13.630  -1.067  1.00 23.40 ? 72   THR A OG1 1 
ATOM   548  C  CG2 . THR A 1 72  ? -3.001  11.524  -1.450  1.00 23.77 ? 72   THR A CG2 1 
ATOM   549  N  N   . ILE A 1 73  ? -2.444  10.258  1.742   1.00 18.83 ? 73   ILE A N   1 
ATOM   550  C  CA  . ILE A 1 73  ? -2.865  8.948   2.214   1.00 18.44 ? 73   ILE A CA  1 
ATOM   551  C  C   . ILE A 1 73  ? -3.819  9.106   3.393   1.00 18.58 ? 73   ILE A C   1 
ATOM   552  O  O   . ILE A 1 73  ? -4.865  8.467   3.438   1.00 18.22 ? 73   ILE A O   1 
ATOM   553  C  CB  . ILE A 1 73  ? -1.649  8.102   2.634   1.00 15.64 ? 73   ILE A CB  1 
ATOM   554  C  CG1 . ILE A 1 73  ? -0.816  7.780   1.389   1.00 19.61 ? 73   ILE A CG1 1 
ATOM   555  C  CG2 . ILE A 1 73  ? -2.100  6.822   3.318   1.00 19.70 ? 73   ILE A CG2 1 
ATOM   556  C  CD1 . ILE A 1 73  ? 0.481   7.030   1.671   1.00 19.92 ? 73   ILE A CD1 1 
ATOM   557  N  N   . ASN A 1 74  ? -3.456  9.966   4.340   1.00 19.87 ? 74   ASN A N   1 
ATOM   558  C  CA  . ASN A 1 74  ? -4.292  10.199  5.516   1.00 21.73 ? 74   ASN A CA  1 
ATOM   559  C  C   . ASN A 1 74  ? -5.661  10.729  5.119   1.00 21.34 ? 74   ASN A C   1 
ATOM   560  O  O   . ASN A 1 74  ? -6.679  10.311  5.662   1.00 20.94 ? 74   ASN A O   1 
ATOM   561  C  CB  . ASN A 1 74  ? -3.617  11.189  6.462   1.00 22.27 ? 74   ASN A CB  1 
ATOM   562  C  CG  . ASN A 1 74  ? -2.450  10.579  7.203   1.00 26.33 ? 74   ASN A CG  1 
ATOM   563  O  OD1 . ASN A 1 74  ? -1.762  11.258  7.963   1.00 30.90 ? 74   ASN A OD1 1 
ATOM   564  N  ND2 . ASN A 1 74  ? -2.223  9.285   6.989   1.00 26.49 ? 74   ASN A ND2 1 
ATOM   565  N  N   . GLU A 1 75  ? -5.675  11.651  4.168   1.00 22.11 ? 75   GLU A N   1 
ATOM   566  C  CA  . GLU A 1 75  ? -6.922  12.226  3.695   1.00 22.83 ? 75   GLU A CA  1 
ATOM   567  C  C   . GLU A 1 75  ? -7.812  11.168  3.046   1.00 22.60 ? 75   GLU A C   1 
ATOM   568  O  O   . GLU A 1 75  ? -9.020  11.136  3.286   1.00 22.46 ? 75   GLU A O   1 
ATOM   569  C  CB  . GLU A 1 75  ? -6.629  13.367  2.714   1.00 25.28 ? 75   GLU A CB  1 
ATOM   570  C  CG  . GLU A 1 75  ? -6.177  14.654  3.409   1.00 30.78 ? 75   GLU A CG  1 
ATOM   571  C  CD  . GLU A 1 75  ? -5.695  15.735  2.446   1.00 35.10 ? 75   GLU A CD  1 
ATOM   572  O  OE1 . GLU A 1 75  ? -6.265  15.865  1.343   1.00 37.46 ? 75   GLU A OE1 1 
ATOM   573  O  OE2 . GLU A 1 75  ? -4.751  16.472  2.807   1.00 37.50 ? 75   GLU A OE2 1 
ATOM   574  N  N   . GLU A 1 76  ? -7.218  10.290  2.243   1.00 20.48 ? 76   GLU A N   1 
ATOM   575  C  CA  . GLU A 1 76  ? -7.987  9.245   1.577   1.00 18.81 ? 76   GLU A CA  1 
ATOM   576  C  C   . GLU A 1 76  ? -8.463  8.183   2.569   1.00 17.80 ? 76   GLU A C   1 
ATOM   577  O  O   . GLU A 1 76  ? -9.547  7.614   2.414   1.00 17.26 ? 76   GLU A O   1 
ATOM   578  C  CB  . GLU A 1 76  ? -7.152  8.591   0.469   1.00 18.91 ? 76   GLU A CB  1 
ATOM   579  C  CG  . GLU A 1 76  ? -6.811  9.527   -0.686  1.00 21.91 ? 76   GLU A CG  1 
ATOM   580  C  CD  . GLU A 1 76  ? -8.046  10.179  -1.303  1.00 24.89 ? 76   GLU A CD  1 
ATOM   581  O  OE1 . GLU A 1 76  ? -9.041  9.471   -1.543  1.00 26.19 ? 76   GLU A OE1 1 
ATOM   582  O  OE2 . GLU A 1 76  ? -8.014  11.400  -1.565  1.00 26.54 ? 76   GLU A OE2 1 
ATOM   583  N  N   . ALA A 1 77  ? -7.654  7.915   3.585   1.00 18.02 ? 77   ALA A N   1 
ATOM   584  C  CA  . ALA A 1 77  ? -8.027  6.939   4.594   1.00 18.06 ? 77   ALA A CA  1 
ATOM   585  C  C   . ALA A 1 77  ? -9.217  7.461   5.402   1.00 19.83 ? 77   ALA A C   1 
ATOM   586  O  O   . ALA A 1 77  ? -10.124 6.703   5.731   1.00 18.86 ? 77   ALA A O   1 
ATOM   587  C  CB  . ALA A 1 77  ? -6.842  6.654   5.515   1.00 19.50 ? 77   ALA A CB  1 
ATOM   588  N  N   . ALA A 1 78  ? -9.221  8.756   5.709   1.00 21.05 ? 78   ALA A N   1 
ATOM   589  C  CA  . ALA A 1 78  ? -10.322 9.338   6.477   1.00 22.51 ? 78   ALA A CA  1 
ATOM   590  C  C   . ALA A 1 78  ? -11.583 9.348   5.616   1.00 22.82 ? 78   ALA A C   1 
ATOM   591  O  O   . ALA A 1 78  ? -12.700 9.221   6.118   1.00 24.54 ? 78   ALA A O   1 
ATOM   592  C  CB  . ALA A 1 78  ? -9.965  10.757  6.921   1.00 23.26 ? 78   ALA A CB  1 
ATOM   593  N  N   . GLU A 1 79  ? -11.393 9.470   4.307   1.00 23.50 ? 79   GLU A N   1 
ATOM   594  C  CA  . GLU A 1 79  ? -12.504 9.474   3.371   1.00 23.29 ? 79   GLU A CA  1 
ATOM   595  C  C   . GLU A 1 79  ? -13.094 8.066   3.266   1.00 21.57 ? 79   GLU A C   1 
ATOM   596  O  O   . GLU A 1 79  ? -14.295 7.906   3.064   1.00 23.14 ? 79   GLU A O   1 
ATOM   597  C  CB  . GLU A 1 79  ? -12.018 9.979   2.008   1.00 26.73 ? 79   GLU A CB  1 
ATOM   598  C  CG  . GLU A 1 79  ? -13.106 10.259  0.993   1.00 30.25 ? 79   GLU A CG  1 
ATOM   599  C  CD  . GLU A 1 79  ? -14.268 11.058  1.566   1.00 33.83 ? 79   GLU A CD  1 
ATOM   600  O  OE1 . GLU A 1 79  ? -14.051 11.914  2.452   1.00 33.55 ? 79   GLU A OE1 1 
ATOM   601  O  OE2 . GLU A 1 79  ? -15.407 10.833  1.113   1.00 36.73 ? 79   GLU A OE2 1 
ATOM   602  N  N   . TRP A 1 80  ? -12.252 7.043   3.411   1.00 20.65 ? 80   TRP A N   1 
ATOM   603  C  CA  . TRP A 1 80  ? -12.720 5.655   3.359   1.00 18.81 ? 80   TRP A CA  1 
ATOM   604  C  C   . TRP A 1 80  ? -13.575 5.365   4.591   1.00 18.65 ? 80   TRP A C   1 
ATOM   605  O  O   . TRP A 1 80  ? -14.612 4.693   4.509   1.00 19.69 ? 80   TRP A O   1 
ATOM   606  C  CB  . TRP A 1 80  ? -11.519 4.688   3.315   1.00 19.01 ? 80   TRP A CB  1 
ATOM   607  C  CG  . TRP A 1 80  ? -11.871 3.251   3.592   1.00 20.60 ? 80   TRP A CG  1 
ATOM   608  C  CD1 . TRP A 1 80  ? -11.972 2.652   4.813   1.00 18.26 ? 80   TRP A CD1 1 
ATOM   609  C  CD2 . TRP A 1 80  ? -12.194 2.238   2.624   1.00 20.03 ? 80   TRP A CD2 1 
ATOM   610  N  NE1 . TRP A 1 80  ? -12.336 1.336   4.670   1.00 19.87 ? 80   TRP A NE1 1 
ATOM   611  C  CE2 . TRP A 1 80  ? -12.482 1.058   3.336   1.00 21.13 ? 80   TRP A CE2 1 
ATOM   612  C  CE3 . TRP A 1 80  ? -12.272 2.220   1.225   1.00 22.21 ? 80   TRP A CE3 1 
ATOM   613  C  CZ2 . TRP A 1 80  ? -12.841 -0.132  2.698   1.00 22.36 ? 80   TRP A CZ2 1 
ATOM   614  C  CZ3 . TRP A 1 80  ? -12.632 1.034   0.593   1.00 18.93 ? 80   TRP A CZ3 1 
ATOM   615  C  CH2 . TRP A 1 80  ? -12.911 -0.121  1.327   1.00 21.12 ? 80   TRP A CH2 1 
ATOM   616  N  N   . ASP A 1 81  ? -13.141 5.875   5.739   1.00 19.08 ? 81   ASP A N   1 
ATOM   617  C  CA  . ASP A 1 81  ? -13.877 5.673   6.979   1.00 17.73 ? 81   ASP A CA  1 
ATOM   618  C  C   . ASP A 1 81  ? -15.213 6.405   6.941   1.00 20.32 ? 81   ASP A C   1 
ATOM   619  O  O   . ASP A 1 81  ? -16.218 5.911   7.458   1.00 16.96 ? 81   ASP A O   1 
ATOM   620  C  CB  . ASP A 1 81  ? -13.062 6.168   8.177   1.00 19.12 ? 81   ASP A CB  1 
ATOM   621  C  CG  . ASP A 1 81  ? -11.772 5.387   8.367   1.00 20.89 ? 81   ASP A CG  1 
ATOM   622  O  OD1 . ASP A 1 81  ? -11.763 4.166   8.091   1.00 19.14 ? 81   ASP A OD1 1 
ATOM   623  O  OD2 . ASP A 1 81  ? -10.778 5.995   8.806   1.00 21.28 ? 81   ASP A OD2 1 
ATOM   624  N  N   . ARG A 1 82  ? -15.220 7.584   6.328   1.00 21.12 ? 82   ARG A N   1 
ATOM   625  C  CA  . ARG A 1 82  ? -16.442 8.375   6.231   1.00 25.78 ? 82   ARG A CA  1 
ATOM   626  C  C   . ARG A 1 82  ? -17.485 7.620   5.412   1.00 27.18 ? 82   ARG A C   1 
ATOM   627  O  O   . ARG A 1 82  ? -18.680 7.678   5.702   1.00 30.12 ? 82   ARG A O   1 
ATOM   628  C  CB  . ARG A 1 82  ? -16.147 9.729   5.571   1.00 25.86 ? 82   ARG A CB  1 
ATOM   629  C  CG  . ARG A 1 82  ? -17.269 10.761  5.688   1.00 28.66 ? 82   ARG A CG  1 
ATOM   630  C  CD  . ARG A 1 82  ? -16.980 11.987  4.817   1.00 31.81 ? 82   ARG A CD  1 
ATOM   631  N  NE  . ARG A 1 82  ? -17.117 11.665  3.400   1.00 35.24 ? 82   ARG A NE  1 
ATOM   632  C  CZ  . ARG A 1 82  ? -18.074 12.145  2.615   1.00 37.18 ? 82   ARG A CZ  1 
ATOM   633  N  NH1 . ARG A 1 82  ? -18.979 12.982  3.107   1.00 38.41 ? 82   ARG A NH1 1 
ATOM   634  N  NH2 . ARG A 1 82  ? -18.140 11.766  1.344   1.00 38.19 ? 82   ARG A NH2 1 
ATOM   635  N  N   . LEU A 1 83  ? -17.024 6.897   4.396   1.00 29.17 ? 83   LEU A N   1 
ATOM   636  C  CA  . LEU A 1 83  ? -17.922 6.150   3.522   1.00 30.98 ? 83   LEU A CA  1 
ATOM   637  C  C   . LEU A 1 83  ? -18.129 4.686   3.913   1.00 32.11 ? 83   LEU A C   1 
ATOM   638  O  O   . LEU A 1 83  ? -19.171 4.104   3.612   1.00 32.69 ? 83   LEU A O   1 
ATOM   639  C  CB  . LEU A 1 83  ? -17.420 6.226   2.073   1.00 33.86 ? 83   LEU A CB  1 
ATOM   640  C  CG  . LEU A 1 83  ? -17.608 7.554   1.329   1.00 34.92 ? 83   LEU A CG  1 
ATOM   641  C  CD1 . LEU A 1 83  ? -17.060 8.706   2.152   1.00 36.26 ? 83   LEU A CD1 1 
ATOM   642  C  CD2 . LEU A 1 83  ? -16.909 7.480   -0.017  1.00 36.16 ? 83   LEU A CD2 1 
ATOM   643  N  N   . HIS A 1 84  ? -17.145 4.097   4.584   1.00 32.46 ? 84   HIS A N   1 
ATOM   644  C  CA  . HIS A 1 84  ? -17.234 2.697   4.995   1.00 34.37 ? 84   HIS A CA  1 
ATOM   645  C  C   . HIS A 1 84  ? -17.001 2.532   6.486   1.00 35.14 ? 84   HIS A C   1 
ATOM   646  O  O   . HIS A 1 84  ? -16.038 1.882   6.896   1.00 34.26 ? 84   HIS A O   1 
ATOM   647  C  CB  . HIS A 1 84  ? -16.192 1.842   4.259   1.00 36.03 ? 84   HIS A CB  1 
ATOM   648  C  CG  . HIS A 1 84  ? -16.205 2.004   2.773   1.00 36.24 ? 84   HIS A CG  1 
ATOM   649  N  ND1 . HIS A 1 84  ? -15.867 3.186   2.152   1.00 37.46 ? 84   HIS A ND1 1 
ATOM   650  C  CD2 . HIS A 1 84  ? -16.506 1.132   1.784   1.00 36.92 ? 84   HIS A CD2 1 
ATOM   651  C  CE1 . HIS A 1 84  ? -15.958 3.036   0.843   1.00 37.82 ? 84   HIS A CE1 1 
ATOM   652  N  NE2 . HIS A 1 84  ? -16.343 1.797   0.593   1.00 39.17 ? 84   HIS A NE2 1 
ATOM   653  N  N   . PRO A 1 85  ? -17.883 3.103   7.319   1.00 36.28 ? 85   PRO A N   1 
ATOM   654  C  CA  . PRO A 1 85  ? -17.716 2.982   8.768   1.00 36.91 ? 85   PRO A CA  1 
ATOM   655  C  C   . PRO A 1 85  ? -17.686 1.528   9.225   1.00 38.00 ? 85   PRO A C   1 
ATOM   656  O  O   . PRO A 1 85  ? -18.419 0.687   8.704   1.00 37.54 ? 85   PRO A O   1 
ATOM   657  C  CB  . PRO A 1 85  ? -18.914 3.755   9.321   1.00 36.86 ? 85   PRO A CB  1 
ATOM   658  C  CG  . PRO A 1 85  ? -19.955 3.591   8.243   1.00 36.92 ? 85   PRO A CG  1 
ATOM   659  C  CD  . PRO A 1 85  ? -19.143 3.795   6.987   1.00 36.25 ? 85   PRO A CD  1 
ATOM   660  N  N   . VAL A 1 86  ? -16.823 1.243   10.194  1.00 38.83 ? 86   VAL A N   1 
ATOM   661  C  CA  . VAL A 1 86  ? -16.678 -0.104  10.729  1.00 39.67 ? 86   VAL A CA  1 
ATOM   662  C  C   . VAL A 1 86  ? -17.137 -0.125  12.178  1.00 42.27 ? 86   VAL A C   1 
ATOM   663  O  O   . VAL A 1 86  ? -16.844 0.791   12.950  1.00 42.13 ? 86   VAL A O   1 
ATOM   664  C  CB  . VAL A 1 86  ? -15.205 -0.581  10.652  1.00 38.54 ? 86   VAL A CB  1 
ATOM   665  C  CG1 . VAL A 1 86  ? -15.044 -1.921  11.355  1.00 38.69 ? 86   VAL A CG1 1 
ATOM   666  C  CG2 . VAL A 1 86  ? -14.778 -0.705  9.194   1.00 36.49 ? 86   VAL A CG2 1 
ATOM   667  N  N   . HIS A 1 87  ? -17.867 -1.174  12.540  1.00 43.94 ? 87   HIS A N   1 
ATOM   668  C  CA  . HIS A 1 87  ? -18.371 -1.308  13.897  1.00 45.49 ? 87   HIS A CA  1 
ATOM   669  C  C   . HIS A 1 87  ? -17.312 -1.788  14.878  1.00 45.03 ? 87   HIS A C   1 
ATOM   670  O  O   . HIS A 1 87  ? -16.619 -2.777  14.632  1.00 46.07 ? 87   HIS A O   1 
ATOM   671  C  CB  . HIS A 1 87  ? -19.554 -2.272  13.922  1.00 46.77 ? 87   HIS A CB  1 
ATOM   672  C  CG  . HIS A 1 87  ? -20.770 -1.747  13.230  1.00 49.59 ? 87   HIS A CG  1 
ATOM   673  N  ND1 . HIS A 1 87  ? -20.777 -1.406  11.894  1.00 50.60 ? 87   HIS A ND1 1 
ATOM   674  C  CD2 . HIS A 1 87  ? -22.018 -1.490  13.691  1.00 50.82 ? 87   HIS A CD2 1 
ATOM   675  C  CE1 . HIS A 1 87  ? -21.977 -0.961  11.563  1.00 51.33 ? 87   HIS A CE1 1 
ATOM   676  N  NE2 . HIS A 1 87  ? -22.748 -1.002  12.634  1.00 51.69 ? 87   HIS A NE2 1 
ATOM   677  N  N   . ALA A 1 88  ? -17.184 -1.072  15.988  1.00 44.77 ? 88   ALA A N   1 
ATOM   678  C  CA  . ALA A 1 88  ? -16.231 -1.444  17.022  1.00 44.59 ? 88   ALA A CA  1 
ATOM   679  C  C   . ALA A 1 88  ? -17.011 -2.352  17.962  1.00 44.61 ? 88   ALA A C   1 
ATOM   680  O  O   . ALA A 1 88  ? -18.207 -2.564  17.766  1.00 45.79 ? 88   ALA A O   1 
ATOM   681  C  CB  . ALA A 1 88  ? -15.737 -0.206  17.761  1.00 43.55 ? 88   ALA A CB  1 
ATOM   682  N  N   . GLY A 1 89  ? -16.350 -2.900  18.970  1.00 45.23 ? 89   GLY A N   1 
ATOM   683  C  CA  . GLY A 1 89  ? -17.059 -3.772  19.891  1.00 44.14 ? 89   GLY A CA  1 
ATOM   684  C  C   . GLY A 1 89  ? -16.708 -5.248  19.801  1.00 43.03 ? 89   GLY A C   1 
ATOM   685  O  O   . GLY A 1 89  ? -15.695 -5.623  19.207  1.00 42.73 ? 89   GLY A O   1 
ATOM   686  N  N   . PRO A 1 90  ? -17.549 -6.113  20.394  1.00 41.26 ? 90   PRO A N   1 
ATOM   687  C  CA  . PRO A 1 90  ? -17.428 -7.573  20.455  1.00 40.40 ? 90   PRO A CA  1 
ATOM   688  C  C   . PRO A 1 90  ? -17.275 -8.331  19.141  1.00 39.72 ? 90   PRO A C   1 
ATOM   689  O  O   . PRO A 1 90  ? -18.101 -8.213  18.232  1.00 39.24 ? 90   PRO A O   1 
ATOM   690  C  CB  . PRO A 1 90  ? -18.692 -7.991  21.204  1.00 40.88 ? 90   PRO A CB  1 
ATOM   691  C  CG  . PRO A 1 90  ? -18.941 -6.825  22.112  1.00 41.29 ? 90   PRO A CG  1 
ATOM   692  C  CD  . PRO A 1 90  ? -18.713 -5.660  21.176  1.00 41.45 ? 90   PRO A CD  1 
ATOM   693  N  N   . ILE A 1 91  ? -16.202 -9.111  19.061  1.00 40.10 ? 91   ILE A N   1 
ATOM   694  C  CA  . ILE A 1 91  ? -15.912 -9.946  17.902  1.00 39.77 ? 91   ILE A CA  1 
ATOM   695  C  C   . ILE A 1 91  ? -15.222 -11.196 18.443  1.00 39.06 ? 91   ILE A C   1 
ATOM   696  O  O   . ILE A 1 91  ? -14.316 -11.102 19.274  1.00 40.26 ? 91   ILE A O   1 
ATOM   697  C  CB  . ILE A 1 91  ? -14.988 -9.227  16.880  1.00 39.91 ? 91   ILE A CB  1 
ATOM   698  C  CG1 . ILE A 1 91  ? -13.656 -9.967  16.753  1.00 38.98 ? 91   ILE A CG1 1 
ATOM   699  C  CG2 . ILE A 1 91  ? -14.754 -7.790  17.308  1.00 41.23 ? 91   ILE A CG2 1 
ATOM   700  C  CD1 . ILE A 1 91  ? -12.722 -9.375  15.716  1.00 37.74 ? 91   ILE A CD1 1 
ATOM   701  N  N   . ALA A 1 92  ? -15.663 -12.366 17.990  1.00 38.32 ? 92   ALA A N   1 
ATOM   702  C  CA  . ALA A 1 92  ? -15.088 -13.626 18.452  1.00 37.45 ? 92   ALA A CA  1 
ATOM   703  C  C   . ALA A 1 92  ? -13.648 -13.797 17.999  1.00 37.25 ? 92   ALA A C   1 
ATOM   704  O  O   . ALA A 1 92  ? -13.237 -13.245 16.980  1.00 38.18 ? 92   ALA A O   1 
ATOM   705  C  CB  . ALA A 1 92  ? -15.928 -14.794 17.956  1.00 37.96 ? 92   ALA A CB  1 
ATOM   706  N  N   . PRO A 1 93  ? -12.855 -14.572 18.756  1.00 37.62 ? 93   PRO A N   1 
ATOM   707  C  CA  . PRO A 1 93  ? -11.452 -14.798 18.393  1.00 37.40 ? 93   PRO A CA  1 
ATOM   708  C  C   . PRO A 1 93  ? -11.346 -15.376 16.984  1.00 35.57 ? 93   PRO A C   1 
ATOM   709  O  O   . PRO A 1 93  ? -12.041 -16.333 16.649  1.00 35.85 ? 93   PRO A O   1 
ATOM   710  C  CB  . PRO A 1 93  ? -10.974 -15.782 19.459  1.00 38.00 ? 93   PRO A CB  1 
ATOM   711  C  CG  . PRO A 1 93  ? -11.813 -15.411 20.656  1.00 39.12 ? 93   PRO A CG  1 
ATOM   712  C  CD  . PRO A 1 93  ? -13.182 -15.229 20.033  1.00 38.44 ? 93   PRO A CD  1 
ATOM   713  N  N   . GLY A 1 94  ? -10.486 -14.785 16.162  1.00 34.66 ? 94   GLY A N   1 
ATOM   714  C  CA  . GLY A 1 94  ? -10.317 -15.270 14.805  1.00 33.21 ? 94   GLY A CA  1 
ATOM   715  C  C   . GLY A 1 94  ? -11.353 -14.751 13.825  1.00 32.21 ? 94   GLY A C   1 
ATOM   716  O  O   . GLY A 1 94  ? -11.300 -15.070 12.641  1.00 31.92 ? 94   GLY A O   1 
ATOM   717  N  N   . GLN A 1 95  ? -12.302 -13.955 14.306  1.00 31.57 ? 95   GLN A N   1 
ATOM   718  C  CA  . GLN A 1 95  ? -13.330 -13.414 13.426  1.00 31.63 ? 95   GLN A CA  1 
ATOM   719  C  C   . GLN A 1 95  ? -12.718 -12.334 12.547  1.00 32.78 ? 95   GLN A C   1 
ATOM   720  O  O   . GLN A 1 95  ? -11.902 -11.539 13.013  1.00 32.90 ? 95   GLN A O   1 
ATOM   721  C  CB  . GLN A 1 95  ? -14.469 -12.820 14.248  1.00 31.88 ? 95   GLN A CB  1 
ATOM   722  C  CG  . GLN A 1 95  ? -15.716 -12.519 13.454  1.00 30.93 ? 95   GLN A CG  1 
ATOM   723  C  CD  . GLN A 1 95  ? -16.830 -12.007 14.337  1.00 32.56 ? 95   GLN A CD  1 
ATOM   724  O  OE1 . GLN A 1 95  ? -17.037 -12.507 15.443  1.00 32.65 ? 95   GLN A OE1 1 
ATOM   725  N  NE2 . GLN A 1 95  ? -17.557 -11.011 13.855  1.00 34.15 ? 95   GLN A NE2 1 
ATOM   726  N  N   . MET A 1 96  ? -13.097 -12.310 11.272  1.00 34.24 ? 96   MET A N   1 
ATOM   727  C  CA  . MET A 1 96  ? -12.570 -11.304 10.357  1.00 34.29 ? 96   MET A CA  1 
ATOM   728  C  C   . MET A 1 96  ? -13.293 -9.983  10.544  1.00 33.30 ? 96   MET A C   1 
ATOM   729  O  O   . MET A 1 96  ? -14.515 -9.915  10.457  1.00 32.79 ? 96   MET A O   1 
ATOM   730  C  CB  . MET A 1 96  ? -12.731 -11.732 8.897   1.00 37.35 ? 96   MET A CB  1 
ATOM   731  C  CG  . MET A 1 96  ? -12.364 -10.605 7.931   1.00 41.14 ? 96   MET A CG  1 
ATOM   732  S  SD  . MET A 1 96  ? -13.128 -10.699 6.293   1.00 47.22 ? 96   MET A SD  1 
ATOM   733  C  CE  . MET A 1 96  ? -11.724 -11.174 5.301   1.00 44.03 ? 96   MET A CE  1 
ATOM   734  N  N   . ARG A 1 97  ? -12.532 -8.928  10.782  1.00 31.62 ? 97   ARG A N   1 
ATOM   735  C  CA  . ARG A 1 97  ? -13.113 -7.610  10.967  1.00 30.52 ? 97   ARG A CA  1 
ATOM   736  C  C   . ARG A 1 97  ? -12.968 -6.840  9.659   1.00 29.01 ? 97   ARG A C   1 
ATOM   737  O  O   . ARG A 1 97  ? -12.069 -7.118  8.871   1.00 29.04 ? 97   ARG A O   1 
ATOM   738  C  CB  . ARG A 1 97  ? -12.378 -6.880  12.095  1.00 30.62 ? 97   ARG A CB  1 
ATOM   739  C  CG  . ARG A 1 97  ? -10.891 -6.692  11.823  1.00 32.45 ? 97   ARG A CG  1 
ATOM   740  C  CD  . ARG A 1 97  ? -10.114 -6.355  13.083  1.00 32.59 ? 97   ARG A CD  1 
ATOM   741  N  NE  . ARG A 1 97  ? -8.706  -6.081  12.805  1.00 29.28 ? 97   ARG A NE  1 
ATOM   742  C  CZ  . ARG A 1 97  ? -8.260  -4.984  12.203  1.00 29.44 ? 97   ARG A CZ  1 
ATOM   743  N  NH1 . ARG A 1 97  ? -9.116  -4.045  11.810  1.00 31.29 ? 97   ARG A NH1 1 
ATOM   744  N  NH2 . ARG A 1 97  ? -6.957  -4.817  12.003  1.00 25.29 ? 97   ARG A NH2 1 
ATOM   745  N  N   . GLU A 1 98  ? -13.859 -5.884  9.428   1.00 29.05 ? 98   GLU A N   1 
ATOM   746  C  CA  . GLU A 1 98  ? -13.804 -5.064  8.219   1.00 28.11 ? 98   GLU A CA  1 
ATOM   747  C  C   . GLU A 1 98  ? -12.657 -4.063  8.392   1.00 24.88 ? 98   GLU A C   1 
ATOM   748  O  O   . GLU A 1 98  ? -12.482 -3.490  9.467   1.00 24.03 ? 98   GLU A O   1 
ATOM   749  C  CB  . GLU A 1 98  ? -15.124 -4.310  8.036   1.00 32.39 ? 98   GLU A CB  1 
ATOM   750  C  CG  . GLU A 1 98  ? -16.339 -5.208  7.828   1.00 39.08 ? 98   GLU A CG  1 
ATOM   751  C  CD  . GLU A 1 98  ? -16.487 -5.685  6.391   1.00 42.91 ? 98   GLU A CD  1 
ATOM   752  O  OE1 . GLU A 1 98  ? -15.549 -6.322  5.864   1.00 45.52 ? 98   GLU A OE1 1 
ATOM   753  O  OE2 . GLU A 1 98  ? -17.549 -5.419  5.790   1.00 45.43 ? 98   GLU A OE2 1 
ATOM   754  N  N   . PRO A 1 99  ? -11.866 -3.835  7.333   1.00 21.34 ? 99   PRO A N   1 
ATOM   755  C  CA  . PRO A 1 99  ? -10.748 -2.895  7.420   1.00 19.25 ? 99   PRO A CA  1 
ATOM   756  C  C   . PRO A 1 99  ? -11.141 -1.424  7.421   1.00 19.39 ? 99   PRO A C   1 
ATOM   757  O  O   . PRO A 1 99  ? -12.036 -1.007  6.678   1.00 17.40 ? 99   PRO A O   1 
ATOM   758  C  CB  . PRO A 1 99  ? -9.913  -3.243  6.195   1.00 20.20 ? 99   PRO A CB  1 
ATOM   759  C  CG  . PRO A 1 99  ? -10.963 -3.610  5.199   1.00 20.88 ? 99   PRO A CG  1 
ATOM   760  C  CD  . PRO A 1 99  ? -11.895 -4.489  6.014   1.00 20.87 ? 99   PRO A CD  1 
ATOM   761  N  N   . ARG A 1 100 ? -10.473 -0.647  8.269   1.00 18.21 ? 100  ARG A N   1 
ATOM   762  C  CA  . ARG A 1 100 ? -10.695 0.796   8.333   1.00 17.48 ? 100  ARG A CA  1 
ATOM   763  C  C   . ARG A 1 100 ? -9.560  1.407   7.516   1.00 15.84 ? 100  ARG A C   1 
ATOM   764  O  O   . ARG A 1 100 ? -8.674  0.688   7.055   1.00 15.53 ? 100  ARG A O   1 
ATOM   765  C  CB  . ARG A 1 100 ? -10.623 1.294   9.783   1.00 20.88 ? 100  ARG A CB  1 
ATOM   766  C  CG  . ARG A 1 100 ? -11.575 0.571   10.730  1.00 23.86 ? 100  ARG A CG  1 
ATOM   767  C  CD  . ARG A 1 100 ? -11.688 1.265   12.088  1.00 26.84 ? 100  ARG A CD  1 
ATOM   768  N  NE  . ARG A 1 100 ? -12.269 2.605   11.974  1.00 28.48 ? 100  ARG A NE  1 
ATOM   769  C  CZ  . ARG A 1 100 ? -11.574 3.737   12.060  1.00 29.57 ? 100  ARG A CZ  1 
ATOM   770  N  NH1 . ARG A 1 100 ? -10.263 3.704   12.266  1.00 32.91 ? 100  ARG A NH1 1 
ATOM   771  N  NH2 . ARG A 1 100 ? -12.189 4.905   11.933  1.00 32.60 ? 100  ARG A NH2 1 
ATOM   772  N  N   . GLY A 1 101 ? -9.576  2.722   7.333   1.00 15.79 ? 101  GLY A N   1 
ATOM   773  C  CA  . GLY A 1 101 ? -8.520  3.357   6.564   1.00 14.73 ? 101  GLY A CA  1 
ATOM   774  C  C   . GLY A 1 101 ? -7.122  3.020   7.055   1.00 16.10 ? 101  GLY A C   1 
ATOM   775  O  O   . GLY A 1 101 ? -6.233  2.720   6.254   1.00 14.40 ? 101  GLY A O   1 
ATOM   776  N  N   . SER A 1 102 ? -6.927  3.072   8.368   1.00 14.68 ? 102  SER A N   1 
ATOM   777  C  CA  . SER A 1 102 ? -5.623  2.787   8.965   1.00 14.26 ? 102  SER A CA  1 
ATOM   778  C  C   . SER A 1 102 ? -5.164  1.342   8.722   1.00 15.36 ? 102  SER A C   1 
ATOM   779  O  O   . SER A 1 102 ? -3.958  1.054   8.723   1.00 15.53 ? 102  SER A O   1 
ATOM   780  C  CB  . SER A 1 102 ? -5.675  3.077   10.463  1.00 13.16 ? 102  SER A CB  1 
ATOM   781  O  OG  . SER A 1 102 ? -6.619  2.239   11.099  1.00 15.82 ? 102  SER A OG  1 
ATOM   782  N  N   . ASP A 1 103 ? -6.120  0.434   8.529   1.00 15.19 ? 103  ASP A N   1 
ATOM   783  C  CA  . ASP A 1 103 ? -5.792  -0.967  8.250   1.00 14.38 ? 103  ASP A CA  1 
ATOM   784  C  C   . ASP A 1 103 ? -5.305  -1.097  6.808   1.00 14.81 ? 103  ASP A C   1 
ATOM   785  O  O   . ASP A 1 103 ? -4.358  -1.822  6.521   1.00 15.50 ? 103  ASP A O   1 
ATOM   786  C  CB  . ASP A 1 103 ? -7.017  -1.872  8.439   1.00 15.04 ? 103  ASP A CB  1 
ATOM   787  C  CG  . ASP A 1 103 ? -7.470  -1.957  9.889   1.00 18.51 ? 103  ASP A CG  1 
ATOM   788  O  OD1 . ASP A 1 103 ? -6.616  -2.111  10.784  1.00 18.29 ? 103  ASP A OD1 1 
ATOM   789  O  OD2 . ASP A 1 103 ? -8.688  -1.880  10.132  1.00 20.79 ? 103  ASP A OD2 1 
ATOM   790  N  N   . ILE A 1 104 ? -5.969  -0.385  5.899   1.00 15.21 ? 104  ILE A N   1 
ATOM   791  C  CA  . ILE A 1 104 ? -5.619  -0.411  4.478   1.00 14.28 ? 104  ILE A CA  1 
ATOM   792  C  C   . ILE A 1 104 ? -4.226  0.167   4.257   1.00 15.11 ? 104  ILE A C   1 
ATOM   793  O  O   . ILE A 1 104 ? -3.489  -0.265  3.365   1.00 13.64 ? 104  ILE A O   1 
ATOM   794  C  CB  . ILE A 1 104 ? -6.674  0.386   3.671   1.00 13.95 ? 104  ILE A CB  1 
ATOM   795  C  CG1 . ILE A 1 104 ? -8.009  -0.349  3.755   1.00 13.91 ? 104  ILE A CG1 1 
ATOM   796  C  CG2 . ILE A 1 104 ? -6.230  0.579   2.238   1.00 13.67 ? 104  ILE A CG2 1 
ATOM   797  C  CD1 . ILE A 1 104 ? -9.174  0.406   3.141   1.00 13.69 ? 104  ILE A CD1 1 
ATOM   798  N  N   . ALA A 1 105 ? -3.862  1.130   5.098   1.00 13.58 ? 105  ALA A N   1 
ATOM   799  C  CA  . ALA A 1 105 ? -2.559  1.777   5.028   1.00 13.19 ? 105  ALA A CA  1 
ATOM   800  C  C   . ALA A 1 105 ? -1.482  0.962   5.744   1.00 14.39 ? 105  ALA A C   1 
ATOM   801  O  O   . ALA A 1 105 ? -0.308  1.351   5.756   1.00 16.58 ? 105  ALA A O   1 
ATOM   802  C  CB  . ALA A 1 105 ? -2.641  3.175   5.620   1.00 12.05 ? 105  ALA A CB  1 
ATOM   803  N  N   . GLY A 1 106 ? -1.893  -0.160  6.332   1.00 13.50 ? 106  GLY A N   1 
ATOM   804  C  CA  . GLY A 1 106 ? -0.971  -1.042  7.030   1.00 13.78 ? 106  GLY A CA  1 
ATOM   805  C  C   . GLY A 1 106 ? -0.551  -0.557  8.407   1.00 17.65 ? 106  GLY A C   1 
ATOM   806  O  O   . GLY A 1 106 ? 0.273   -1.181  9.063   1.00 16.61 ? 106  GLY A O   1 
ATOM   807  N  N   . THR A 1 107 ? -1.123  0.548   8.865   1.00 15.21 ? 107  THR A N   1 
ATOM   808  C  CA  . THR A 1 107 ? -0.746  1.085   10.167  1.00 17.01 ? 107  THR A CA  1 
ATOM   809  C  C   . THR A 1 107 ? -1.242  0.247   11.337  1.00 15.97 ? 107  THR A C   1 
ATOM   810  O  O   . THR A 1 107 ? -0.495  -0.021  12.282  1.00 16.76 ? 107  THR A O   1 
ATOM   811  C  CB  . THR A 1 107 ? -1.287  2.506   10.347  1.00 18.33 ? 107  THR A CB  1 
ATOM   812  O  OG1 . THR A 1 107 ? -0.779  3.342   9.298   1.00 20.63 ? 107  THR A OG1 1 
ATOM   813  C  CG2 . THR A 1 107 ? -0.874  3.062   11.697  1.00 20.68 ? 107  THR A CG2 1 
ATOM   814  N  N   . THR A 1 108 ? -2.504  -0.157  11.267  1.00 15.43 ? 108  THR A N   1 
ATOM   815  C  CA  . THR A 1 108 ? -3.122  -0.933  12.329  1.00 15.83 ? 108  THR A CA  1 
ATOM   816  C  C   . THR A 1 108 ? -3.504  -2.350  11.935  1.00 15.69 ? 108  THR A C   1 
ATOM   817  O  O   . THR A 1 108 ? -4.326  -2.972  12.603  1.00 16.00 ? 108  THR A O   1 
ATOM   818  C  CB  . THR A 1 108 ? -4.379  -0.219  12.857  1.00 17.74 ? 108  THR A CB  1 
ATOM   819  O  OG1 . THR A 1 108 ? -5.297  0.008   11.774  1.00 18.69 ? 108  THR A OG1 1 
ATOM   820  C  CG2 . THR A 1 108 ? -4.004  1.124   13.484  1.00 16.05 ? 108  THR A CG2 1 
ATOM   821  N  N   . SER A 1 109 ? -2.911  -2.867  10.863  1.00 15.59 ? 109  SER A N   1 
ATOM   822  C  CA  . SER A 1 109 ? -3.217  -4.231  10.426  1.00 14.55 ? 109  SER A CA  1 
ATOM   823  C  C   . SER A 1 109 ? -1.935  -5.033  10.279  1.00 15.02 ? 109  SER A C   1 
ATOM   824  O  O   . SER A 1 109 ? -0.878  -4.474  10.030  1.00 16.88 ? 109  SER A O   1 
ATOM   825  C  CB  . SER A 1 109 ? -3.970  -4.209  9.087   1.00 12.11 ? 109  SER A CB  1 
ATOM   826  O  OG  . SER A 1 109 ? -3.191  -3.594  8.068   1.00 13.43 ? 109  SER A OG  1 
ATOM   827  N  N   . THR A 1 110 ? -2.018  -6.342  10.454  1.00 14.83 ? 110  THR A N   1 
ATOM   828  C  CA  . THR A 1 110 ? -0.830  -7.175  10.307  1.00 14.78 ? 110  THR A CA  1 
ATOM   829  C  C   . THR A 1 110 ? -0.790  -7.696  8.883   1.00 14.76 ? 110  THR A C   1 
ATOM   830  O  O   . THR A 1 110 ? -1.766  -7.579  8.139   1.00 16.52 ? 110  THR A O   1 
ATOM   831  C  CB  . THR A 1 110 ? -0.858  -8.393  11.259  1.00 15.83 ? 110  THR A CB  1 
ATOM   832  O  OG1 . THR A 1 110 ? -1.938  -9.261  10.891  1.00 15.38 ? 110  THR A OG1 1 
ATOM   833  C  CG2 . THR A 1 110 ? -1.040  -7.944  12.705  1.00 15.44 ? 110  THR A CG2 1 
ATOM   834  N  N   . LEU A 1 111 ? 0.352   -8.252  8.500   1.00 14.70 ? 111  LEU A N   1 
ATOM   835  C  CA  . LEU A 1 111 ? 0.505   -8.836  7.173   1.00 15.46 ? 111  LEU A CA  1 
ATOM   836  C  C   . LEU A 1 111 ? -0.552  -9.920  7.008   1.00 16.61 ? 111  LEU A C   1 
ATOM   837  O  O   . LEU A 1 111 ? -1.151  -10.061 5.940   1.00 17.48 ? 111  LEU A O   1 
ATOM   838  C  CB  . LEU A 1 111 ? 1.887   -9.471  7.040   1.00 14.43 ? 111  LEU A CB  1 
ATOM   839  C  CG  . LEU A 1 111 ? 2.137   -10.255 5.752   1.00 12.96 ? 111  LEU A CG  1 
ATOM   840  C  CD1 . LEU A 1 111 ? 2.008   -9.309  4.563   1.00 14.56 ? 111  LEU A CD1 1 
ATOM   841  C  CD2 . LEU A 1 111 ? 3.510   -10.887 5.801   1.00 18.24 ? 111  LEU A CD2 1 
ATOM   842  N  N   . GLN A 1 112 ? -0.786  -10.676 8.077   1.00 15.90 ? 112  GLN A N   1 
ATOM   843  C  CA  . GLN A 1 112 ? -1.758  -11.764 8.039   1.00 18.72 ? 112  GLN A CA  1 
ATOM   844  C  C   . GLN A 1 112 ? -3.182  -11.285 7.806   1.00 17.37 ? 112  GLN A C   1 
ATOM   845  O  O   . GLN A 1 112 ? -3.943  -11.921 7.080   1.00 18.38 ? 112  GLN A O   1 
ATOM   846  C  CB  . GLN A 1 112 ? -1.707  -12.579 9.332   1.00 20.37 ? 112  GLN A CB  1 
ATOM   847  C  CG  . GLN A 1 112 ? -0.373  -13.254 9.612   1.00 25.78 ? 112  GLN A CG  1 
ATOM   848  C  CD  . GLN A 1 112 ? 0.252   -13.869 8.379   1.00 29.52 ? 112  GLN A CD  1 
ATOM   849  O  OE1 . GLN A 1 112 ? -0.429  -14.488 7.559   1.00 31.52 ? 112  GLN A OE1 1 
ATOM   850  N  NE2 . GLN A 1 112 ? 1.567   -13.714 8.244   1.00 30.00 ? 112  GLN A NE2 1 
ATOM   851  N  N   . GLU A 1 113 ? -3.550  -10.167 8.420   1.00 17.59 ? 113  GLU A N   1 
ATOM   852  C  CA  . GLU A 1 113 ? -4.896  -9.645  8.241   1.00 15.93 ? 113  GLU A CA  1 
ATOM   853  C  C   . GLU A 1 113 ? -5.054  -9.079  6.837   1.00 15.66 ? 113  GLU A C   1 
ATOM   854  O  O   . GLU A 1 113 ? -6.128  -9.153  6.245   1.00 17.22 ? 113  GLU A O   1 
ATOM   855  C  CB  . GLU A 1 113 ? -5.194  -8.568  9.279   1.00 18.54 ? 113  GLU A CB  1 
ATOM   856  C  CG  . GLU A 1 113 ? -5.122  -9.074  10.703  1.00 18.83 ? 113  GLU A CG  1 
ATOM   857  C  CD  . GLU A 1 113 ? -5.283  -7.962  11.717  1.00 20.03 ? 113  GLU A CD  1 
ATOM   858  O  OE1 . GLU A 1 113 ? -4.603  -6.925  11.575  1.00 16.24 ? 113  GLU A OE1 1 
ATOM   859  O  OE2 . GLU A 1 113 ? -6.084  -8.129  12.661  1.00 25.45 ? 113  GLU A OE2 1 
ATOM   860  N  N   . GLN A 1 114 ? -3.979  -8.523  6.298   1.00 14.70 ? 114  GLN A N   1 
ATOM   861  C  CA  . GLN A 1 114 ? -4.017  -7.956  4.960   1.00 13.80 ? 114  GLN A CA  1 
ATOM   862  C  C   . GLN A 1 114 ? -4.212  -9.082  3.939   1.00 17.11 ? 114  GLN A C   1 
ATOM   863  O  O   . GLN A 1 114 ? -5.034  -8.977  3.017   1.00 15.85 ? 114  GLN A O   1 
ATOM   864  C  CB  . GLN A 1 114 ? -2.717  -7.200  4.695   1.00 13.83 ? 114  GLN A CB  1 
ATOM   865  C  CG  . GLN A 1 114 ? -2.569  -5.936  5.531   1.00 13.42 ? 114  GLN A CG  1 
ATOM   866  C  CD  . GLN A 1 114 ? -1.129  -5.451  5.589   1.00 14.88 ? 114  GLN A CD  1 
ATOM   867  O  OE1 . GLN A 1 114 ? -0.332  -5.742  4.700   1.00 12.82 ? 114  GLN A OE1 1 
ATOM   868  N  NE2 . GLN A 1 114 ? -0.795  -4.689  6.635   1.00 15.32 ? 114  GLN A NE2 1 
ATOM   869  N  N   . ILE A 1 115 ? -3.465  -10.167 4.117   1.00 16.20 ? 115  ILE A N   1 
ATOM   870  C  CA  . ILE A 1 115 ? -3.581  -11.314 3.223   1.00 17.69 ? 115  ILE A CA  1 
ATOM   871  C  C   . ILE A 1 115 ? -4.992  -11.891 3.332   1.00 17.67 ? 115  ILE A C   1 
ATOM   872  O  O   . ILE A 1 115 ? -5.585  -12.294 2.327   1.00 17.43 ? 115  ILE A O   1 
ATOM   873  C  CB  . ILE A 1 115 ? -2.535  -12.406 3.583   1.00 19.29 ? 115  ILE A CB  1 
ATOM   874  C  CG1 . ILE A 1 115 ? -1.146  -11.944 3.145   1.00 19.59 ? 115  ILE A CG1 1 
ATOM   875  C  CG2 . ILE A 1 115 ? -2.868  -13.724 2.890   1.00 19.85 ? 115  ILE A CG2 1 
ATOM   876  C  CD1 . ILE A 1 115 ? -0.022  -12.860 3.576   1.00 20.14 ? 115  ILE A CD1 1 
ATOM   877  N  N   . GLY A 1 116 ? -5.529  -11.909 4.551   1.00 16.60 ? 116  GLY A N   1 
ATOM   878  C  CA  . GLY A 1 116 ? -6.872  -12.426 4.778   1.00 16.16 ? 116  GLY A CA  1 
ATOM   879  C  C   . GLY A 1 116 ? -7.926  -11.659 3.999   1.00 18.34 ? 116  GLY A C   1 
ATOM   880  O  O   . GLY A 1 116 ? -8.795  -12.254 3.360   1.00 17.70 ? 116  GLY A O   1 
ATOM   881  N  N   . TRP A 1 117 ? -7.857  -10.334 4.042   1.00 17.76 ? 117  TRP A N   1 
ATOM   882  C  CA  . TRP A 1 117 ? -8.821  -9.527  3.304   1.00 18.58 ? 117  TRP A CA  1 
ATOM   883  C  C   . TRP A 1 117 ? -8.649  -9.707  1.795   1.00 20.40 ? 117  TRP A C   1 
ATOM   884  O  O   . TRP A 1 117 ? -9.630  -9.759  1.055   1.00 20.16 ? 117  TRP A O   1 
ATOM   885  C  CB  . TRP A 1 117 ? -8.665  -8.045  3.655   1.00 17.76 ? 117  TRP A CB  1 
ATOM   886  C  CG  . TRP A 1 117 ? -9.087  -7.716  5.056   1.00 16.53 ? 117  TRP A CG  1 
ATOM   887  C  CD1 . TRP A 1 117 ? -10.223 -8.136  5.687   1.00 16.22 ? 117  TRP A CD1 1 
ATOM   888  C  CD2 . TRP A 1 117 ? -8.382  -6.893  6.001   1.00 15.92 ? 117  TRP A CD2 1 
ATOM   889  N  NE1 . TRP A 1 117 ? -10.265 -7.631  6.968   1.00 16.98 ? 117  TRP A NE1 1 
ATOM   890  C  CE2 . TRP A 1 117 ? -9.148  -6.866  7.182   1.00 15.05 ? 117  TRP A CE2 1 
ATOM   891  C  CE3 . TRP A 1 117 ? -7.175  -6.180  5.957   1.00 15.77 ? 117  TRP A CE3 1 
ATOM   892  C  CZ2 . TRP A 1 117 ? -8.749  -6.156  8.317   1.00 17.08 ? 117  TRP A CZ2 1 
ATOM   893  C  CZ3 . TRP A 1 117 ? -6.778  -5.476  7.083   1.00 14.84 ? 117  TRP A CZ3 1 
ATOM   894  C  CH2 . TRP A 1 117 ? -7.562  -5.469  8.247   1.00 15.03 ? 117  TRP A CH2 1 
ATOM   895  N  N   . MET A 1 118 ? -7.398  -9.824  1.358   1.00 19.64 ? 118  MET A N   1 
ATOM   896  C  CA  . MET A 1 118 ? -7.067  -9.959  -0.054  1.00 20.84 ? 118  MET A CA  1 
ATOM   897  C  C   . MET A 1 118 ? -7.383  -11.306 -0.689  1.00 22.69 ? 118  MET A C   1 
ATOM   898  O  O   . MET A 1 118 ? -7.565  -11.397 -1.906  1.00 22.48 ? 118  MET A O   1 
ATOM   899  C  CB  . MET A 1 118 ? -5.584  -9.647  -0.261  1.00 18.74 ? 118  MET A CB  1 
ATOM   900  C  CG  . MET A 1 118 ? -5.236  -8.184  -0.049  1.00 17.01 ? 118  MET A CG  1 
ATOM   901  S  SD  . MET A 1 118 ? -3.447  -7.885  0.005   1.00 18.11 ? 118  MET A SD  1 
ATOM   902  C  CE  . MET A 1 118 ? -2.962  -8.239  -1.716  1.00 21.21 ? 118  MET A CE  1 
ATOM   903  N  N   . THR A 1 119 ? -7.445  -12.347 0.132   1.00 23.01 ? 119  THR A N   1 
ATOM   904  C  CA  . THR A 1 119 ? -7.715  -13.694 -0.356  1.00 25.14 ? 119  THR A CA  1 
ATOM   905  C  C   . THR A 1 119 ? -9.094  -14.170 0.066   1.00 27.30 ? 119  THR A C   1 
ATOM   906  O  O   . THR A 1 119 ? -9.407  -15.364 -0.015  1.00 27.71 ? 119  THR A O   1 
ATOM   907  C  CB  . THR A 1 119 ? -6.676  -14.659 0.184   1.00 22.78 ? 119  THR A CB  1 
ATOM   908  O  OG1 . THR A 1 119 ? -6.694  -14.614 1.613   1.00 22.71 ? 119  THR A OG1 1 
ATOM   909  C  CG2 . THR A 1 119 ? -5.295  -14.257 -0.296  1.00 23.36 ? 119  THR A CG2 1 
ATOM   910  N  N   . HIS A 1 120 ? -9.899  -13.220 0.531   1.00 28.34 ? 120  HIS A N   1 
ATOM   911  C  CA  . HIS A 1 120 ? -11.259 -13.474 0.974   1.00 31.64 ? 120  HIS A CA  1 
ATOM   912  C  C   . HIS A 1 120 ? -12.171 -13.439 -0.250  1.00 31.69 ? 120  HIS A C   1 
ATOM   913  O  O   . HIS A 1 120 ? -11.752 -13.018 -1.325  1.00 30.22 ? 120  HIS A O   1 
ATOM   914  C  CB  . HIS A 1 120 ? -11.675 -12.402 1.985   1.00 33.47 ? 120  HIS A CB  1 
ATOM   915  C  CG  . HIS A 1 120 ? -13.090 -12.524 2.454   1.00 35.45 ? 120  HIS A CG  1 
ATOM   916  N  ND1 . HIS A 1 120 ? -14.144 -11.917 1.805   1.00 34.80 ? 120  HIS A ND1 1 
ATOM   917  C  CD2 . HIS A 1 120 ? -13.625 -13.185 3.507   1.00 34.53 ? 120  HIS A CD2 1 
ATOM   918  C  CE1 . HIS A 1 120 ? -15.268 -12.196 2.442   1.00 36.51 ? 120  HIS A CE1 1 
ATOM   919  N  NE2 . HIS A 1 120 ? -14.981 -12.965 3.478   1.00 34.74 ? 120  HIS A NE2 1 
ATOM   920  N  N   . ASN A 1 121 ? -13.403 -13.905 -0.080  1.00 33.33 ? 121  ASN A N   1 
ATOM   921  C  CA  . ASN A 1 121 ? -14.412 -13.952 -1.132  1.00 36.50 ? 121  ASN A CA  1 
ATOM   922  C  C   . ASN A 1 121 ? -15.753 -13.499 -0.567  1.00 36.32 ? 121  ASN A C   1 
ATOM   923  O  O   . ASN A 1 121 ? -16.342 -14.189 0.286   1.00 38.74 ? 121  ASN A O   1 
ATOM   924  C  CB  . ASN A 1 121 ? -14.513 -15.387 -1.662  1.00 38.85 ? 121  ASN A CB  1 
ATOM   925  C  CG  . ASN A 1 121 ? -15.857 -15.693 -2.328  1.00 42.45 ? 121  ASN A CG  1 
ATOM   926  O  OD1 . ASN A 1 121 ? -16.557 -16.630 -1.933  1.00 44.24 ? 121  ASN A OD1 1 
ATOM   927  N  ND2 . ASN A 1 121 ? -16.215 -14.914 -3.347  1.00 43.82 ? 121  ASN A ND2 1 
ATOM   928  N  N   . PRO A 1 122 ? -16.231 -12.306 -1.004  1.00 37.40 ? 122  PRO A N   1 
ATOM   929  C  CA  . PRO A 1 122 ? -15.597 -11.386 -1.965  1.00 36.61 ? 122  PRO A CA  1 
ATOM   930  C  C   . PRO A 1 122 ? -14.371 -10.719 -1.316  1.00 35.96 ? 122  PRO A C   1 
ATOM   931  O  O   . PRO A 1 122 ? -14.395 -10.333 -0.147  1.00 34.44 ? 122  PRO A O   1 
ATOM   932  C  CB  . PRO A 1 122 ? -16.698 -10.356 -2.257  1.00 37.88 ? 122  PRO A CB  1 
ATOM   933  C  CG  . PRO A 1 122 ? -17.966 -11.046 -1.864  1.00 38.93 ? 122  PRO A CG  1 
ATOM   934  C  CD  . PRO A 1 122 ? -17.557 -11.791 -0.630  1.00 38.76 ? 122  PRO A CD  1 
ATOM   935  N  N   . PRO A 1 123 ? -13.294 -10.558 -2.082  1.00 34.39 ? 123  PRO A N   1 
ATOM   936  C  CA  . PRO A 1 123 ? -12.083 -9.942  -1.546  1.00 33.84 ? 123  PRO A CA  1 
ATOM   937  C  C   . PRO A 1 123 ? -12.184 -8.454  -1.273  1.00 31.66 ? 123  PRO A C   1 
ATOM   938  O  O   . PRO A 1 123 ? -12.965 -7.738  -1.902  1.00 31.43 ? 123  PRO A O   1 
ATOM   939  C  CB  . PRO A 1 123 ? -11.049 -10.252 -2.618  1.00 34.20 ? 123  PRO A CB  1 
ATOM   940  C  CG  . PRO A 1 123 ? -11.877 -10.172 -3.876  1.00 35.56 ? 123  PRO A CG  1 
ATOM   941  C  CD  . PRO A 1 123 ? -13.109 -10.958 -3.486  1.00 35.88 ? 123  PRO A CD  1 
ATOM   942  N  N   . ILE A 1 124 ? -11.411 -8.017  -0.289  1.00 29.27 ? 124  ILE A N   1 
ATOM   943  C  CA  . ILE A 1 124 ? -11.312 -6.613  0.063   1.00 27.98 ? 124  ILE A CA  1 
ATOM   944  C  C   . ILE A 1 124 ? -9.867  -6.362  -0.368  1.00 25.31 ? 124  ILE A C   1 
ATOM   945  O  O   . ILE A 1 124 ? -8.932  -6.615  0.384   1.00 23.73 ? 124  ILE A O   1 
ATOM   946  C  CB  . ILE A 1 124 ? -11.437 -6.379  1.578   1.00 30.23 ? 124  ILE A CB  1 
ATOM   947  C  CG1 . ILE A 1 124 ? -12.645 -7.131  2.143   1.00 33.04 ? 124  ILE A CG1 1 
ATOM   948  C  CG2 . ILE A 1 124 ? -11.617 -4.892  1.841   1.00 31.99 ? 124  ILE A CG2 1 
ATOM   949  C  CD1 . ILE A 1 124 ? -13.961 -6.418  1.923   1.00 33.97 ? 124  ILE A CD1 1 
ATOM   950  N  N   . PRO A 1 125 ? -9.672  -5.891  -1.606  1.00 24.88 ? 125  PRO A N   1 
ATOM   951  C  CA  . PRO A 1 125 ? -8.339  -5.623  -2.145  1.00 22.54 ? 125  PRO A CA  1 
ATOM   952  C  C   . PRO A 1 125 ? -7.612  -4.454  -1.486  1.00 19.81 ? 125  PRO A C   1 
ATOM   953  O  O   . PRO A 1 125 ? -7.364  -3.442  -2.134  1.00 17.18 ? 125  PRO A O   1 
ATOM   954  C  CB  . PRO A 1 125 ? -8.619  -5.379  -3.626  1.00 24.37 ? 125  PRO A CB  1 
ATOM   955  C  CG  . PRO A 1 125 ? -9.937  -4.675  -3.586  1.00 24.85 ? 125  PRO A CG  1 
ATOM   956  C  CD  . PRO A 1 125 ? -10.720 -5.475  -2.559  1.00 25.03 ? 125  PRO A CD  1 
ATOM   957  N  N   . VAL A 1 126 ? -7.260  -4.612  -0.209  1.00 17.63 ? 126  VAL A N   1 
ATOM   958  C  CA  . VAL A 1 126 ? -6.583  -3.554  0.541   1.00 17.75 ? 126  VAL A CA  1 
ATOM   959  C  C   . VAL A 1 126 ? -5.264  -3.127  -0.096  1.00 18.26 ? 126  VAL A C   1 
ATOM   960  O  O   . VAL A 1 126 ? -4.858  -1.978  0.029   1.00 16.32 ? 126  VAL A O   1 
ATOM   961  C  CB  . VAL A 1 126 ? -6.357  -3.959  2.032   1.00 15.61 ? 126  VAL A CB  1 
ATOM   962  C  CG1 . VAL A 1 126 ? -7.701  -4.207  2.710   1.00 14.90 ? 126  VAL A CG1 1 
ATOM   963  C  CG2 . VAL A 1 126 ? -5.475  -5.196  2.128   1.00 18.36 ? 126  VAL A CG2 1 
ATOM   964  N  N   . GLY A 1 127 ? -4.595  -4.049  -0.784  1.00 18.72 ? 127  GLY A N   1 
ATOM   965  C  CA  . GLY A 1 127 ? -3.361  -3.689  -1.453  1.00 19.20 ? 127  GLY A CA  1 
ATOM   966  C  C   . GLY A 1 127 ? -3.656  -2.750  -2.616  1.00 19.06 ? 127  GLY A C   1 
ATOM   967  O  O   . GLY A 1 127 ? -2.978  -1.742  -2.796  1.00 17.38 ? 127  GLY A O   1 
ATOM   968  N  N   . GLU A 1 128 ? -4.686  -3.062  -3.400  1.00 19.01 ? 128  GLU A N   1 
ATOM   969  C  CA  . GLU A 1 128 ? -5.053  -2.226  -4.547  1.00 18.38 ? 128  GLU A CA  1 
ATOM   970  C  C   . GLU A 1 128 ? -5.560  -0.856  -4.131  1.00 17.31 ? 128  GLU A C   1 
ATOM   971  O  O   . GLU A 1 128 ? -5.243  0.153   -4.755  1.00 18.58 ? 128  GLU A O   1 
ATOM   972  C  CB  . GLU A 1 128 ? -6.128  -2.909  -5.396  1.00 22.57 ? 128  GLU A CB  1 
ATOM   973  C  CG  . GLU A 1 128 ? -5.598  -3.977  -6.331  1.00 29.14 ? 128  GLU A CG  1 
ATOM   974  C  CD  . GLU A 1 128 ? -4.691  -3.409  -7.412  1.00 32.62 ? 128  GLU A CD  1 
ATOM   975  O  OE1 . GLU A 1 128 ? -5.148  -2.553  -8.202  1.00 37.62 ? 128  GLU A OE1 1 
ATOM   976  O  OE2 . GLU A 1 128 ? -3.516  -3.818  -7.476  1.00 37.38 ? 128  GLU A OE2 1 
ATOM   977  N  N   . ILE A 1 129 ? -6.370  -0.833  -3.085  1.00 15.06 ? 129  ILE A N   1 
ATOM   978  C  CA  . ILE A 1 129 ? -6.926  0.410   -2.577  1.00 14.67 ? 129  ILE A CA  1 
ATOM   979  C  C   . ILE A 1 129 ? -5.817  1.341   -2.089  1.00 15.48 ? 129  ILE A C   1 
ATOM   980  O  O   . ILE A 1 129 ? -5.781  2.527   -2.427  1.00 15.65 ? 129  ILE A O   1 
ATOM   981  C  CB  . ILE A 1 129 ? -7.894  0.108   -1.431  1.00 15.35 ? 129  ILE A CB  1 
ATOM   982  C  CG1 . ILE A 1 129 ? -8.979  -0.846  -1.935  1.00 17.20 ? 129  ILE A CG1 1 
ATOM   983  C  CG2 . ILE A 1 129 ? -8.485  1.394   -0.894  1.00 16.06 ? 129  ILE A CG2 1 
ATOM   984  C  CD1 . ILE A 1 129 ? -9.869  -1.431  -0.851  1.00 16.23 ? 129  ILE A CD1 1 
ATOM   985  N  N   . TYR A 1 130 ? -4.904  0.798   -1.295  1.00 15.11 ? 130  TYR A N   1 
ATOM   986  C  CA  . TYR A 1 130 ? -3.802  1.582   -0.773  1.00 15.64 ? 130  TYR A CA  1 
ATOM   987  C  C   . TYR A 1 130 ? -2.911  2.068   -1.907  1.00 15.27 ? 130  TYR A C   1 
ATOM   988  O  O   . TYR A 1 130 ? -2.452  3.209   -1.896  1.00 13.17 ? 130  TYR A O   1 
ATOM   989  C  CB  . TYR A 1 130 ? -2.992  0.740   0.223   1.00 15.75 ? 130  TYR A CB  1 
ATOM   990  C  CG  . TYR A 1 130 ? -1.913  1.511   0.958   1.00 15.80 ? 130  TYR A CG  1 
ATOM   991  C  CD1 . TYR A 1 130 ? -2.091  2.851   1.287   1.00 17.81 ? 130  TYR A CD1 1 
ATOM   992  C  CD2 . TYR A 1 130 ? -0.745  0.881   1.383   1.00 16.67 ? 130  TYR A CD2 1 
ATOM   993  C  CE1 . TYR A 1 130 ? -1.136  3.545   2.025   1.00 16.49 ? 130  TYR A CE1 1 
ATOM   994  C  CE2 . TYR A 1 130 ? 0.218   1.569   2.130   1.00 15.29 ? 130  TYR A CE2 1 
ATOM   995  C  CZ  . TYR A 1 130 ? 0.013   2.895   2.450   1.00 16.20 ? 130  TYR A CZ  1 
ATOM   996  O  OH  . TYR A 1 130 ? 0.926   3.565   3.243   1.00 12.18 ? 130  TYR A OH  1 
ATOM   997  N  N   . LYS A 1 131 ? -2.671  1.212   -2.898  1.00 14.22 ? 131  LYS A N   1 
ATOM   998  C  CA  . LYS A 1 131 ? -1.818  1.603   -4.009  1.00 15.30 ? 131  LYS A CA  1 
ATOM   999  C  C   . LYS A 1 131 ? -2.395  2.814   -4.725  1.00 15.98 ? 131  LYS A C   1 
ATOM   1000 O  O   . LYS A 1 131 ? -1.656  3.702   -5.148  1.00 15.66 ? 131  LYS A O   1 
ATOM   1001 C  CB  . LYS A 1 131 ? -1.663  0.463   -5.015  1.00 17.08 ? 131  LYS A CB  1 
ATOM   1002 C  CG  . LYS A 1 131 ? -0.559  0.731   -6.040  1.00 23.67 ? 131  LYS A CG  1 
ATOM   1003 C  CD  . LYS A 1 131 ? -0.665  -0.188  -7.252  1.00 28.50 ? 131  LYS A CD  1 
ATOM   1004 C  CE  . LYS A 1 131 ? -0.873  -1.629  -6.835  1.00 32.12 ? 131  LYS A CE  1 
ATOM   1005 N  NZ  . LYS A 1 131 ? -1.026  -2.498  -8.028  1.00 37.25 ? 131  LYS A NZ  1 
ATOM   1006 N  N   . ARG A 1 132 ? -3.717  2.843   -4.864  1.00 16.14 ? 132  ARG A N   1 
ATOM   1007 C  CA  . ARG A 1 132 ? -4.382  3.961   -5.532  1.00 16.34 ? 132  ARG A CA  1 
ATOM   1008 C  C   . ARG A 1 132 ? -4.174  5.253   -4.740  1.00 15.44 ? 132  ARG A C   1 
ATOM   1009 O  O   . ARG A 1 132 ? -3.941  6.313   -5.321  1.00 18.17 ? 132  ARG A O   1 
ATOM   1010 C  CB  . ARG A 1 132 ? -5.890  3.702   -5.679  1.00 19.17 ? 132  ARG A CB  1 
ATOM   1011 C  CG  . ARG A 1 132 ? -6.270  2.610   -6.655  1.00 24.28 ? 132  ARG A CG  1 
ATOM   1012 C  CD  . ARG A 1 132 ? -7.738  2.739   -7.036  1.00 27.75 ? 132  ARG A CD  1 
ATOM   1013 N  NE  . ARG A 1 132 ? -8.606  2.799   -5.861  1.00 30.11 ? 132  ARG A NE  1 
ATOM   1014 C  CZ  . ARG A 1 132 ? -9.291  1.770   -5.374  1.00 27.66 ? 132  ARG A CZ  1 
ATOM   1015 N  NH1 . ARG A 1 132 ? -9.222  0.580   -5.961  1.00 28.92 ? 132  ARG A NH1 1 
ATOM   1016 N  NH2 . ARG A 1 132 ? -10.051 1.934   -4.296  1.00 24.71 ? 132  ARG A NH2 1 
ATOM   1017 N  N   . TRP A 1 133 ? -4.261  5.165   -3.414  1.00 14.71 ? 133  TRP A N   1 
ATOM   1018 C  CA  . TRP A 1 133 ? -4.063  6.345   -2.570  1.00 14.40 ? 133  TRP A CA  1 
ATOM   1019 C  C   . TRP A 1 133 ? -2.640  6.876   -2.765  1.00 14.71 ? 133  TRP A C   1 
ATOM   1020 O  O   . TRP A 1 133 ? -2.414  8.074   -2.894  1.00 14.88 ? 133  TRP A O   1 
ATOM   1021 C  CB  . TRP A 1 133 ? -4.271  6.000   -1.085  1.00 14.02 ? 133  TRP A CB  1 
ATOM   1022 C  CG  . TRP A 1 133 ? -5.662  5.568   -0.719  1.00 15.87 ? 133  TRP A CG  1 
ATOM   1023 C  CD1 . TRP A 1 133 ? -6.780  5.619   -1.509  1.00 17.08 ? 133  TRP A CD1 1 
ATOM   1024 C  CD2 . TRP A 1 133 ? -6.085  5.023   0.540   1.00 15.54 ? 133  TRP A CD2 1 
ATOM   1025 N  NE1 . TRP A 1 133 ? -7.871  5.137   -0.814  1.00 16.01 ? 133  TRP A NE1 1 
ATOM   1026 C  CE2 . TRP A 1 133 ? -7.467  4.765   0.444   1.00 17.35 ? 133  TRP A CE2 1 
ATOM   1027 C  CE3 . TRP A 1 133 ? -5.426  4.730   1.741   1.00 15.80 ? 133  TRP A CE3 1 
ATOM   1028 C  CZ2 . TRP A 1 133 ? -8.201  4.226   1.501   1.00 17.67 ? 133  TRP A CZ2 1 
ATOM   1029 C  CZ3 . TRP A 1 133 ? -6.161  4.195   2.792   1.00 17.48 ? 133  TRP A CZ3 1 
ATOM   1030 C  CH2 . TRP A 1 133 ? -7.527  3.949   2.663   1.00 16.26 ? 133  TRP A CH2 1 
ATOM   1031 N  N   . ILE A 1 134 ? -1.675  5.964   -2.777  1.00 16.16 ? 134  ILE A N   1 
ATOM   1032 C  CA  . ILE A 1 134 ? -0.287  6.333   -2.951  1.00 14.33 ? 134  ILE A CA  1 
ATOM   1033 C  C   . ILE A 1 134 ? -0.084  7.003   -4.301  1.00 15.59 ? 134  ILE A C   1 
ATOM   1034 O  O   . ILE A 1 134 ? 0.519   8.059   -4.383  1.00 13.98 ? 134  ILE A O   1 
ATOM   1035 C  CB  . ILE A 1 134 ? 0.621   5.084   -2.847  1.00 13.23 ? 134  ILE A CB  1 
ATOM   1036 C  CG1 . ILE A 1 134 ? 0.545   4.527   -1.422  1.00 16.26 ? 134  ILE A CG1 1 
ATOM   1037 C  CG2 . ILE A 1 134 ? 2.046   5.439   -3.242  1.00 15.63 ? 134  ILE A CG2 1 
ATOM   1038 C  CD1 . ILE A 1 134 ? 1.176   3.140   -1.265  1.00 16.51 ? 134  ILE A CD1 1 
ATOM   1039 N  N   . ILE A 1 135 ? -0.611  6.387   -5.353  1.00 17.18 ? 135  ILE A N   1 
ATOM   1040 C  CA  . ILE A 1 135 ? -0.474  6.923   -6.701  1.00 18.85 ? 135  ILE A CA  1 
ATOM   1041 C  C   . ILE A 1 135 ? -1.135  8.298   -6.836  1.00 19.84 ? 135  ILE A C   1 
ATOM   1042 O  O   . ILE A 1 135 ? -0.674  9.139   -7.606  1.00 20.35 ? 135  ILE A O   1 
ATOM   1043 C  CB  . ILE A 1 135 ? -1.037  5.921   -7.731  1.00 18.99 ? 135  ILE A CB  1 
ATOM   1044 C  CG1 . ILE A 1 135 ? -0.057  4.750   -7.854  1.00 20.79 ? 135  ILE A CG1 1 
ATOM   1045 C  CG2 . ILE A 1 135 ? -1.253  6.596   -9.079  1.00 22.00 ? 135  ILE A CG2 1 
ATOM   1046 C  CD1 . ILE A 1 135 ? -0.568  3.557   -8.614  1.00 19.89 ? 135  ILE A CD1 1 
ATOM   1047 N  N   . LEU A 1 136 ? -2.202  8.533   -6.074  1.00 19.83 ? 136  LEU A N   1 
ATOM   1048 C  CA  . LEU A 1 136 ? -2.885  9.825   -6.075  1.00 20.07 ? 136  LEU A CA  1 
ATOM   1049 C  C   . LEU A 1 136 ? -1.885  10.830  -5.501  1.00 19.56 ? 136  LEU A C   1 
ATOM   1050 O  O   . LEU A 1 136 ? -1.664  11.903  -6.053  1.00 19.02 ? 136  LEU A O   1 
ATOM   1051 C  CB  . LEU A 1 136 ? -4.112  9.756   -5.168  1.00 21.80 ? 136  LEU A CB  1 
ATOM   1052 C  CG  . LEU A 1 136 ? -5.435  10.320  -5.663  1.00 23.83 ? 136  LEU A CG  1 
ATOM   1053 C  CD1 . LEU A 1 136 ? -6.275  10.683  -4.453  1.00 20.90 ? 136  LEU A CD1 1 
ATOM   1054 C  CD2 . LEU A 1 136 ? -5.202  11.537  -6.550  1.00 23.58 ? 136  LEU A CD2 1 
ATOM   1055 N  N   . GLY A 1 137 ? -1.281  10.461  -4.376  1.00 18.59 ? 137  GLY A N   1 
ATOM   1056 C  CA  . GLY A 1 137 ? -0.299  11.322  -3.745  1.00 17.09 ? 137  GLY A CA  1 
ATOM   1057 C  C   . GLY A 1 137 ? 0.916   11.561  -4.633  1.00 18.11 ? 137  GLY A C   1 
ATOM   1058 O  O   . GLY A 1 137 ? 1.444   12.672  -4.672  1.00 18.57 ? 137  GLY A O   1 
ATOM   1059 N  N   . LEU A 1 138 ? 1.360   10.528  -5.349  1.00 18.17 ? 138  LEU A N   1 
ATOM   1060 C  CA  . LEU A 1 138 ? 2.512   10.677  -6.234  1.00 19.22 ? 138  LEU A CA  1 
ATOM   1061 C  C   . LEU A 1 138 ? 2.173   11.649  -7.354  1.00 21.81 ? 138  LEU A C   1 
ATOM   1062 O  O   . LEU A 1 138 ? 3.008   12.463  -7.748  1.00 22.89 ? 138  LEU A O   1 
ATOM   1063 C  CB  . LEU A 1 138 ? 2.935   9.326   -6.830  1.00 19.43 ? 138  LEU A CB  1 
ATOM   1064 C  CG  . LEU A 1 138 ? 3.432   8.253   -5.851  1.00 18.68 ? 138  LEU A CG  1 
ATOM   1065 C  CD1 . LEU A 1 138 ? 3.865   7.010   -6.623  1.00 20.80 ? 138  LEU A CD1 1 
ATOM   1066 C  CD2 . LEU A 1 138 ? 4.599   8.796   -5.035  1.00 19.79 ? 138  LEU A CD2 1 
ATOM   1067 N  N   . ASN A 1 139 ? 0.942   11.568  -7.851  1.00 22.29 ? 139  ASN A N   1 
ATOM   1068 C  CA  . ASN A 1 139 ? 0.486   12.449  -8.917  1.00 25.43 ? 139  ASN A CA  1 
ATOM   1069 C  C   . ASN A 1 139 ? 0.380   13.875  -8.404  1.00 27.02 ? 139  ASN A C   1 
ATOM   1070 O  O   . ASN A 1 139 ? 0.452   14.823  -9.178  1.00 28.40 ? 139  ASN A O   1 
ATOM   1071 C  CB  . ASN A 1 139 ? -0.867  11.976  -9.459  1.00 24.49 ? 139  ASN A CB  1 
ATOM   1072 C  CG  . ASN A 1 139 ? -0.724  10.961  -10.578 1.00 25.77 ? 139  ASN A CG  1 
ATOM   1073 O  OD1 . ASN A 1 139 ? -0.359  11.309  -11.698 1.00 30.02 ? 139  ASN A OD1 1 
ATOM   1074 N  ND2 . ASN A 1 139 ? -1.006  9.701   -10.280 1.00 25.04 ? 139  ASN A ND2 1 
ATOM   1075 N  N   . LYS A 1 140 ? 0.208   14.019  -7.093  1.00 29.94 ? 140  LYS A N   1 
ATOM   1076 C  CA  . LYS A 1 140 ? 0.114   15.329  -6.457  1.00 32.33 ? 140  LYS A CA  1 
ATOM   1077 C  C   . LYS A 1 140 ? 1.511   15.924  -6.357  1.00 34.31 ? 140  LYS A C   1 
ATOM   1078 O  O   . LYS A 1 140 ? 1.717   17.121  -6.580  1.00 33.87 ? 140  LYS A O   1 
ATOM   1079 C  CB  . LYS A 1 140 ? -0.446  15.199  -5.042  1.00 35.40 ? 140  LYS A CB  1 
ATOM   1080 C  CG  . LYS A 1 140 ? -1.594  16.121  -4.727  1.00 37.73 ? 140  LYS A CG  1 
ATOM   1081 C  CD  . LYS A 1 140 ? -2.904  15.438  -5.029  1.00 39.09 ? 140  LYS A CD  1 
ATOM   1082 C  CE  . LYS A 1 140 ? -3.791  15.454  -3.802  1.00 40.35 ? 140  LYS A CE  1 
ATOM   1083 N  NZ  . LYS A 1 140 ? -4.994  14.599  -3.989  1.00 42.17 ? 140  LYS A NZ  1 
ATOM   1084 N  N   . ILE A 1 141 ? 2.466   15.077  -5.987  1.00 34.14 ? 141  ILE A N   1 
ATOM   1085 C  CA  . ILE A 1 141 ? 3.851   15.493  -5.845  1.00 36.97 ? 141  ILE A CA  1 
ATOM   1086 C  C   . ILE A 1 141 ? 4.435   15.991  -7.165  1.00 37.37 ? 141  ILE A C   1 
ATOM   1087 O  O   . ILE A 1 141 ? 5.035   17.068  -7.206  1.00 39.26 ? 141  ILE A O   1 
ATOM   1088 C  CB  . ILE A 1 141 ? 4.720   14.339  -5.320  1.00 37.01 ? 141  ILE A CB  1 
ATOM   1089 C  CG1 . ILE A 1 141 ? 4.508   14.159  -3.814  1.00 37.53 ? 141  ILE A CG1 1 
ATOM   1090 C  CG2 . ILE A 1 141 ? 6.175   14.609  -5.622  1.00 38.42 ? 141  ILE A CG2 1 
ATOM   1091 C  CD1 . ILE A 1 141 ? 5.304   13.015  -3.232  1.00 37.30 ? 141  ILE A CD1 1 
ATOM   1092 N  N   . VAL A 1 142 ? 4.258   15.210  -8.232  1.00 38.90 ? 142  VAL A N   1 
ATOM   1093 C  CA  . VAL A 1 142 ? 4.758   15.565  -9.567  1.00 40.20 ? 142  VAL A CA  1 
ATOM   1094 C  C   . VAL A 1 142 ? 4.275   16.918  -10.026 1.00 42.24 ? 142  VAL A C   1 
ATOM   1095 O  O   . VAL A 1 142 ? 4.950   17.620  -10.786 1.00 42.91 ? 142  VAL A O   1 
ATOM   1096 C  CB  . VAL A 1 142 ? 4.306   14.542  -10.626 1.00 39.67 ? 142  VAL A CB  1 
ATOM   1097 C  CG1 . VAL A 1 142 ? 4.108   15.212  -11.979 1.00 39.80 ? 142  VAL A CG1 1 
ATOM   1098 C  CG2 . VAL A 1 142 ? 5.349   13.479  -10.755 1.00 40.69 ? 142  VAL A CG2 1 
ATOM   1099 N  N   . ARG A 1 143 ? 3.094   17.275  -9.541  1.00 44.16 ? 143  ARG A N   1 
ATOM   1100 C  CA  . ARG A 1 143 ? 2.496   18.533  -9.914  1.00 46.28 ? 143  ARG A CA  1 
ATOM   1101 C  C   . ARG A 1 143 ? 2.836   19.724  -9.017  1.00 47.90 ? 143  ARG A C   1 
ATOM   1102 O  O   . ARG A 1 143 ? 2.226   20.776  -9.139  1.00 49.33 ? 143  ARG A O   1 
ATOM   1103 C  CB  . ARG A 1 143 ? 0.968   18.366  -10.040 1.00 45.94 ? 143  ARG A CB  1 
ATOM   1104 C  CG  . ARG A 1 143 ? 0.211   18.090  -8.741  1.00 47.83 ? 143  ARG A CG  1 
ATOM   1105 C  CD  . ARG A 1 143 ? -0.302  19.388  -8.103  1.00 47.24 ? 143  ARG A CD  1 
ATOM   1106 N  NE  . ARG A 1 143 ? -1.279  19.176  -7.033  1.00 48.61 ? 143  ARG A NE  1 
ATOM   1107 C  CZ  . ARG A 1 143 ? -2.404  18.485  -7.179  1.00 48.80 ? 143  ARG A CZ  1 
ATOM   1108 N  NH1 . ARG A 1 143 ? -2.692  17.935  -8.349  1.00 49.24 ? 143  ARG A NH1 1 
ATOM   1109 N  NH2 . ARG A 1 143 ? -3.240  18.341  -6.159  1.00 50.13 ? 143  ARG A NH2 1 
ATOM   1110 N  N   . MET A 1 144 ? 3.810   19.583  -8.126  1.00 49.98 ? 144  MET A N   1 
ATOM   1111 C  CA  . MET A 1 144 ? 4.184   20.699  -7.269  1.00 50.96 ? 144  MET A CA  1 
ATOM   1112 C  C   . MET A 1 144 ? 5.696   20.710  -7.172  1.00 51.34 ? 144  MET A C   1 
ATOM   1113 O  O   . MET A 1 144 ? 6.319   21.758  -6.961  1.00 51.20 ? 144  MET A O   1 
ATOM   1114 C  CB  . MET A 1 144 ? 3.609   20.510  -5.864  1.00 52.68 ? 144  MET A CB  1 
ATOM   1115 C  CG  . MET A 1 144 ? 2.102   20.249  -5.833  1.00 55.67 ? 144  MET A CG  1 
ATOM   1116 S  SD  . MET A 1 144 ? 1.068   21.634  -6.344  1.00 58.54 ? 144  MET A SD  1 
ATOM   1117 C  CE  . MET A 1 144 ? -0.360  21.402  -5.264  1.00 58.04 ? 144  MET A CE  1 
ATOM   1118 N  N   . TYR A 1 145 ? 6.251   19.507  -7.319  1.00 51.08 ? 145  TYR A N   1 
ATOM   1119 C  CA  . TYR A 1 145 ? 7.673   19.214  -7.198  1.00 51.93 ? 145  TYR A CA  1 
ATOM   1120 C  C   . TYR A 1 145 ? 8.048   19.312  -5.727  1.00 52.22 ? 145  TYR A C   1 
ATOM   1121 O  O   . TYR A 1 145 ? 9.217   19.382  -5.338  1.00 53.17 ? 145  TYR A O   1 
ATOM   1122 C  CB  . TYR A 1 145 ? 8.505   20.160  -8.051  1.00 51.48 ? 145  TYR A CB  1 
ATOM   1123 C  CG  . TYR A 1 145 ? 8.502   19.799  -9.520  1.00 51.67 ? 145  TYR A CG  1 
ATOM   1124 C  CD1 . TYR A 1 145 ? 9.328   20.466  -10.412 1.00 51.64 ? 145  TYR A CD1 1 
ATOM   1125 C  CD2 . TYR A 1 145 ? 7.709   18.759  -10.012 1.00 51.87 ? 145  TYR A CD2 1 
ATOM   1126 C  CE1 . TYR A 1 145 ? 9.381   20.108  -11.761 1.00 52.60 ? 145  TYR A CE1 1 
ATOM   1127 C  CE2 . TYR A 1 145 ? 7.755   18.392  -11.367 1.00 52.51 ? 145  TYR A CE2 1 
ATOM   1128 C  CZ  . TYR A 1 145 ? 8.598   19.071  -12.231 1.00 52.82 ? 145  TYR A CZ  1 
ATOM   1129 O  OH  . TYR A 1 145 ? 8.699   18.719  -13.561 1.00 54.62 ? 145  TYR A OH  1 
ATOM   1130 N  N   . SER A 1 146 ? 7.009   19.254  -4.911  1.00 52.85 ? 146  SER A N   1 
ATOM   1131 C  CA  . SER A 1 146 ? 7.148   19.315  -3.474  1.00 53.44 ? 146  SER A CA  1 
ATOM   1132 C  C   . SER A 1 146 ? 5.810   18.933  -2.859  1.00 53.40 ? 146  SER A C   1 
ATOM   1133 O  O   . SER A 1 146 ? 5.804   18.032  -1.993  1.00 53.91 ? 146  SER A O   1 
ATOM   1134 C  CB  . SER A 1 146 ? 7.539   20.723  -3.030  1.00 53.20 ? 146  SER A CB  1 
ATOM   1135 O  OG  . SER A 1 146 ? 7.603   20.793  -1.615  1.00 53.86 ? 146  SER A OG  1 
ATOM   1136 O  OXT . SER A 1 146 ? 4.795   19.545  -3.263  1.00 54.39 ? 146  SER A OXT 1 
HETATM 1137 C  C1  . 1F6 B 2 .   ? 8.072   7.272   -4.584  1.00 23.22 ? 201  1F6 A C1  1 
HETATM 1138 C  C2  . 1F6 B 2 .   ? 8.468   8.345   -5.402  1.00 21.65 ? 201  1F6 A C2  1 
HETATM 1139 C  C3  . 1F6 B 2 .   ? 8.814   9.652   -4.897  1.00 20.83 ? 201  1F6 A C3  1 
HETATM 1140 C  C4  . 1F6 B 2 .   ? 8.751   9.869   -3.486  1.00 19.89 ? 201  1F6 A C4  1 
HETATM 1141 C  C5  . 1F6 B 2 .   ? 8.346   8.755   -2.642  1.00 18.34 ? 201  1F6 A C5  1 
HETATM 1142 C  C6  . 1F6 B 2 .   ? 8.014   7.487   -3.181  1.00 19.80 ? 201  1F6 A C6  1 
HETATM 1143 N  N7  . 1F6 B 2 .   ? 9.196   10.663  -5.870  1.00 21.73 ? 201  1F6 A N7  1 
HETATM 1144 C  C8  . 1F6 B 2 .   ? 10.329  11.521  -5.766  1.00 24.77 ? 201  1F6 A C8  1 
HETATM 1145 C  C9  . 1F6 B 2 .   ? 10.941  11.803  -4.420  1.00 25.72 ? 201  1F6 A C9  1 
HETATM 1146 C  C10 . 1F6 B 2 .   ? 10.102  12.027  -3.201  1.00 23.92 ? 201  1F6 A C10 1 
HETATM 1147 N  N11 . 1F6 B 2 .   ? 9.061   11.129  -2.854  1.00 21.83 ? 201  1F6 A N11 1 
HETATM 1148 C  C12 . 1F6 B 2 .   ? 12.263  11.911  -4.246  1.00 29.66 ? 201  1F6 A C12 1 
HETATM 1149 N  N13 . 1F6 B 2 .   ? 13.298  11.794  -5.141  1.00 32.62 ? 201  1F6 A N13 1 
HETATM 1150 C  C14 . 1F6 B 2 .   ? 14.701  12.069  -4.841  1.00 32.45 ? 201  1F6 A C14 1 
HETATM 1151 C  C15 . 1F6 B 2 .   ? 15.436  10.799  -4.396  1.00 32.44 ? 201  1F6 A C15 1 
HETATM 1152 O  O16 . 1F6 B 2 .   ? 14.638  10.040  -3.453  1.00 30.53 ? 201  1F6 A O16 1 
HETATM 1153 C  C17 . 1F6 B 2 .   ? 14.962  8.650   -3.505  1.00 30.98 ? 201  1F6 A C17 1 
HETATM 1154 C  C18 . 1F6 B 2 .   ? 8.349   10.751  -7.076  1.00 22.21 ? 201  1F6 A C18 1 
HETATM 1155 C  C19 . 1F6 B 2 .   ? 7.010   11.273  -7.006  1.00 23.36 ? 201  1F6 A C19 1 
HETATM 1156 C  C20 . 1F6 B 2 .   ? 6.198   11.343  -8.166  1.00 23.58 ? 201  1F6 A C20 1 
HETATM 1157 C  C21 . 1F6 B 2 .   ? 6.703   10.894  -9.416  1.00 21.87 ? 201  1F6 A C21 1 
HETATM 1158 C  C22 . 1F6 B 2 .   ? 8.018   10.378  -9.515  1.00 22.91 ? 201  1F6 A C22 1 
HETATM 1159 C  C23 . 1F6 B 2 .   ? 8.834   10.305  -8.361  1.00 23.30 ? 201  1F6 A C23 1 
HETATM 1160 C  C24 . 1F6 B 2 .   ? 8.201   11.551  -1.719  1.00 20.67 ? 201  1F6 A C24 1 
HETATM 1161 C  C25 . 1F6 B 2 .   ? 7.715   5.946   -5.220  1.00 26.97 ? 201  1F6 A C25 1 
HETATM 1162 F  F26 . 1F6 B 2 .   ? 7.401   6.050   -6.550  1.00 27.89 ? 201  1F6 A F26 1 
HETATM 1163 F  F27 . 1F6 B 2 .   ? 6.622   5.365   -4.644  1.00 31.25 ? 201  1F6 A F27 1 
HETATM 1164 F  F28 . 1F6 B 2 .   ? 8.714   5.032   -5.156  1.00 33.22 ? 201  1F6 A F28 1 
HETATM 1165 O  O29 . 1F6 B 2 .   ? 10.880  12.039  -6.746  1.00 26.03 ? 201  1F6 A O29 1 
HETATM 1166 O  O30 . 1F6 B 2 .   ? 10.381  13.009  -2.493  1.00 27.47 ? 201  1F6 A O30 1 
HETATM 1167 NA NA  . NA  C 3 .   ? 1.516   -3.251  10.145  1.00 31.65 ? 202  NA  A NA  1 
HETATM 1168 O  O   . HOH D 4 .   ? -8.684  4.734   9.948   1.00 20.09 ? 1001 HOH A O   1 
HETATM 1169 O  O   . HOH D 4 .   ? -4.869  6.817   -7.850  1.00 16.32 ? 1002 HOH A O   1 
HETATM 1170 O  O   . HOH D 4 .   ? 20.004  -3.757  -7.461  1.00 21.85 ? 1003 HOH A O   1 
HETATM 1171 O  O   . HOH D 4 .   ? 3.452   -1.443  6.958   1.00 22.59 ? 1004 HOH A O   1 
HETATM 1172 O  O   . HOH D 4 .   ? 5.158   4.501   5.211   1.00 26.66 ? 1005 HOH A O   1 
HETATM 1173 O  O   . HOH D 4 .   ? -3.700  -5.859  13.943  1.00 23.30 ? 1006 HOH A O   1 
HETATM 1174 O  O   . HOH D 4 .   ? 23.481  -0.561  -3.221  1.00 21.63 ? 1007 HOH A O   1 
HETATM 1175 O  O   . HOH D 4 .   ? -8.126  -1.485  13.317  1.00 27.16 ? 1008 HOH A O   1 
HETATM 1176 O  O   . HOH D 4 .   ? 6.378   -2.452  6.017   1.00 27.44 ? 1009 HOH A O   1 
HETATM 1177 O  O   . HOH D 4 .   ? 8.655   7.635   0.279   1.00 25.36 ? 1010 HOH A O   1 
HETATM 1178 O  O   . HOH D 4 .   ? -13.906 2.330   8.625   1.00 26.74 ? 1011 HOH A O   1 
HETATM 1179 O  O   . HOH D 4 .   ? 1.747   -3.719  7.532   1.00 21.29 ? 1012 HOH A O   1 
HETATM 1180 O  O   . HOH D 4 .   ? -1.120  20.321  5.861   1.00 25.62 ? 1013 HOH A O   1 
HETATM 1181 O  O   . HOH D 4 .   ? 0.562   -2.735  12.575  1.00 30.59 ? 1014 HOH A O   1 
HETATM 1182 O  O   . HOH D 4 .   ? -9.275  12.321  -3.762  1.00 29.15 ? 1015 HOH A O   1 
HETATM 1183 O  O   . HOH D 4 .   ? -2.612  0.785   -10.449 1.00 34.71 ? 1016 HOH A O   1 
HETATM 1184 O  O   . HOH D 4 .   ? -10.735 7.389   -0.107  1.00 26.89 ? 1017 HOH A O   1 
HETATM 1185 O  O   . HOH D 4 .   ? 8.112   6.606   4.222   1.00 31.28 ? 1018 HOH A O   1 
HETATM 1186 O  O   . HOH D 4 .   ? 22.198  3.680   -2.583  1.00 35.38 ? 1019 HOH A O   1 
HETATM 1187 O  O   . HOH D 4 .   ? 0.685   5.109   5.766   1.00 33.17 ? 1020 HOH A O   1 
HETATM 1188 O  O   . HOH D 4 .   ? 8.202   -6.831  0.493   1.00 36.77 ? 1021 HOH A O   1 
HETATM 1189 O  O   . HOH D 4 .   ? 6.185   2.272   8.397   1.00 29.64 ? 1022 HOH A O   1 
HETATM 1190 O  O   . HOH D 4 .   ? -7.771  14.430  -4.911  1.00 31.09 ? 1023 HOH A O   1 
HETATM 1191 O  O   . HOH D 4 .   ? 9.659   -13.710 1.100   1.00 35.41 ? 1024 HOH A O   1 
HETATM 1192 O  O   . HOH D 4 .   ? -9.627  7.972   -3.673  1.00 35.00 ? 1025 HOH A O   1 
HETATM 1193 O  O   . HOH D 4 .   ? -14.579 3.200   10.882  1.00 38.82 ? 1026 HOH A O   1 
HETATM 1194 O  O   . HOH D 4 .   ? -8.333  -10.337 7.617   1.00 27.09 ? 1027 HOH A O   1 
HETATM 1195 O  O   . HOH D 4 .   ? -4.222  -14.645 6.965   1.00 32.09 ? 1028 HOH A O   1 
HETATM 1196 O  O   . HOH D 4 .   ? 1.804   0.545   -15.011 1.00 30.53 ? 1029 HOH A O   1 
HETATM 1197 O  O   . HOH D 4 .   ? 1.082   2.832   7.578   1.00 33.94 ? 1030 HOH A O   1 
HETATM 1198 O  O   . HOH D 4 .   ? 5.366   -19.885 -5.263  1.00 37.17 ? 1031 HOH A O   1 
HETATM 1199 O  O   . HOH D 4 .   ? -2.779  18.419  2.163   1.00 35.80 ? 1032 HOH A O   1 
HETATM 1200 O  O   . HOH D 4 .   ? -15.623 -14.062 10.453  1.00 38.07 ? 1033 HOH A O   1 
HETATM 1201 O  O   . HOH D 4 .   ? 5.310   9.941   3.580   1.00 31.58 ? 1034 HOH A O   1 
HETATM 1202 O  O   . HOH D 4 .   ? -12.885 13.275  4.324   1.00 32.63 ? 1035 HOH A O   1 
HETATM 1203 O  O   . HOH D 4 .   ? -20.668 -9.043  18.619  1.00 36.79 ? 1036 HOH A O   1 
HETATM 1204 O  O   . HOH D 4 .   ? 8.700   -6.044  3.694   1.00 45.12 ? 1037 HOH A O   1 
HETATM 1205 O  O   . HOH D 4 .   ? -6.080  -16.415 3.814   1.00 40.29 ? 1038 HOH A O   1 
HETATM 1206 O  O   . HOH D 4 .   ? -18.351 2.258   14.625  1.00 46.32 ? 1039 HOH A O   1 
HETATM 1207 O  O   . HOH D 4 .   ? -5.032  0.122   -7.469  1.00 37.37 ? 1040 HOH A O   1 
HETATM 1208 O  O   . HOH D 4 .   ? 6.811   -11.413 -5.859  1.00 43.63 ? 1041 HOH A O   1 
HETATM 1209 O  O   . HOH D 4 .   ? -2.811  -11.101 12.652  1.00 22.98 ? 1042 HOH A O   1 
HETATM 1210 O  O   . HOH D 4 .   ? -10.018 13.361  4.530   1.00 36.85 ? 1043 HOH A O   1 
HETATM 1211 O  O   . HOH D 4 .   ? 21.446  6.606   -2.651  1.00 57.69 ? 1044 HOH A O   1 
HETATM 1212 O  O   . HOH D 4 .   ? 14.746  -1.464  2.602   1.00 43.43 ? 1045 HOH A O   1 
HETATM 1213 O  O   . HOH D 4 .   ? -19.645 8.393   8.410   1.00 33.04 ? 1046 HOH A O   1 
HETATM 1214 O  O   . HOH D 4 .   ? 8.922   -0.650  6.502   1.00 34.78 ? 1047 HOH A O   1 
HETATM 1215 O  O   . HOH D 4 .   ? -9.989  10.192  -5.345  1.00 21.66 ? 1048 HOH A O   1 
HETATM 1216 O  O   . HOH D 4 .   ? -8.713  14.465  6.700   1.00 26.28 ? 1049 HOH A O   1 
HETATM 1217 O  O   . HOH D 4 .   ? 7.587   -4.520  7.867   1.00 33.46 ? 1050 HOH A O   1 
HETATM 1218 O  O   . HOH D 4 .   ? -6.425  -8.142  -3.704  1.00 32.75 ? 1051 HOH A O   1 
HETATM 1219 O  O   . HOH D 4 .   ? -7.816  6.338   -5.071  1.00 25.35 ? 1052 HOH A O   1 
HETATM 1220 O  O   . HOH D 4 .   ? 7.049   8.283   2.152   1.00 27.97 ? 1053 HOH A O   1 
HETATM 1221 O  O   . HOH D 4 .   ? -14.065 12.396  6.714   1.00 37.21 ? 1054 HOH A O   1 
HETATM 1222 O  O   . HOH D 4 .   ? -6.744  6.956   9.602   1.00 33.16 ? 1055 HOH A O   1 
HETATM 1223 O  O   . HOH D 4 .   ? -20.344 -10.025 14.821  1.00 36.24 ? 1056 HOH A O   1 
HETATM 1224 O  O   . HOH D 4 .   ? 3.661   3.055   7.562   1.00 35.58 ? 1057 HOH A O   1 
HETATM 1225 O  O   . HOH D 4 .   ? -9.478  -9.388  10.211  1.00 37.05 ? 1058 HOH A O   1 
HETATM 1226 O  O   . HOH D 4 .   ? 20.476  -1.765  -9.172  1.00 36.30 ? 1059 HOH A O   1 
HETATM 1227 O  O   . HOH D 4 .   ? 7.963   -1.339  9.003   1.00 28.30 ? 1060 HOH A O   1 
HETATM 1228 O  O   . HOH D 4 .   ? -3.057  -1.873  -10.512 1.00 37.96 ? 1061 HOH A O   1 
HETATM 1229 O  O   . HOH D 4 .   ? 2.103   9.175   -14.790 1.00 27.93 ? 1062 HOH A O   1 
HETATM 1230 O  O   . HOH D 4 .   ? 11.400  0.232   6.614   1.00 44.86 ? 1063 HOH A O   1 
HETATM 1231 O  O   . HOH D 4 .   ? -2.712  -6.032  -4.299  1.00 29.17 ? 1064 HOH A O   1 
HETATM 1232 O  O   . HOH D 4 .   ? 7.014   -13.268 3.847   1.00 45.25 ? 1065 HOH A O   1 
HETATM 1233 O  O   . HOH D 4 .   ? -13.024 7.903   -1.669  1.00 44.83 ? 1066 HOH A O   1 
HETATM 1234 O  O   . HOH D 4 .   ? -3.951  2.221   -8.914  1.00 32.56 ? 1067 HOH A O   1 
HETATM 1235 O  O   . HOH D 4 .   ? -0.211  -1.370  -13.623 1.00 43.82 ? 1068 HOH A O   1 
HETATM 1236 O  O   . HOH D 4 .   ? -12.485 12.742  8.987   1.00 36.45 ? 1069 HOH A O   1 
HETATM 1237 O  O   . HOH D 4 .   ? 3.348   0.622   8.605   1.00 42.16 ? 1070 HOH A O   1 
HETATM 1238 O  O   . HOH D 4 .   ? 16.562  13.333  -10.693 1.00 37.68 ? 1071 HOH A O   1 
HETATM 1239 O  O   . HOH D 4 .   ? 8.154   -9.196  -5.687  1.00 38.22 ? 1072 HOH A O   1 
HETATM 1240 O  O   . HOH D 4 .   ? -3.440  -8.661  -5.478  1.00 43.22 ? 1073 HOH A O   1 
HETATM 1241 O  O   . HOH D 4 .   ? 21.568  -5.940  -8.346  1.00 41.16 ? 1074 HOH A O   1 
HETATM 1242 O  O   . HOH D 4 .   ? -8.245  -10.142 12.346  1.00 36.69 ? 1075 HOH A O   1 
HETATM 1243 O  O   . HOH D 4 .   ? -7.303  -12.464 8.730   1.00 36.71 ? 1076 HOH A O   1 
HETATM 1244 O  O   . HOH D 4 .   ? -10.867 -1.607  13.690  1.00 42.17 ? 1077 HOH A O   1 
HETATM 1245 O  O   . HOH D 4 .   ? 11.542  -8.516  -7.077  1.00 41.15 ? 1078 HOH A O   1 
HETATM 1246 O  O   . HOH D 4 .   ? -7.530  14.481  -0.276  1.00 34.08 ? 1079 HOH A O   1 
HETATM 1247 O  O   . HOH D 4 .   ? 4.051   -0.072  11.039  1.00 32.71 ? 1080 HOH A O   1 
HETATM 1248 O  O   . HOH D 4 .   ? 3.154   -2.012  13.436  1.00 37.56 ? 1081 HOH A O   1 
HETATM 1249 O  O   . HOH D 4 .   ? -13.946 -18.093 17.837  1.00 44.00 ? 1082 HOH A O   1 
HETATM 1250 O  O   . HOH D 4 .   ? -12.529 9.990   8.843   1.00 46.32 ? 1083 HOH A O   1 
HETATM 1251 O  O   . HOH D 4 .   ? -9.140  -13.567 10.544  1.00 42.95 ? 1084 HOH A O   1 
HETATM 1252 O  O   . HOH D 4 .   ? -15.857 13.831  7.963   1.00 37.34 ? 1085 HOH A O   1 
HETATM 1253 O  O   . HOH D 4 .   ? 16.533  7.324   -0.598  1.00 44.44 ? 1086 HOH A O   1 
# 
